data_6DCY
# 
_entry.id   6DCY 
# 
_audit_conform.dict_name       mmcif_pdbx.dic 
_audit_conform.dict_version    5.379 
_audit_conform.dict_location   http://mmcif.pdb.org/dictionaries/ascii/mmcif_pdbx.dic 
# 
loop_
_database_2.database_id 
_database_2.database_code 
_database_2.pdbx_database_accession 
_database_2.pdbx_DOI 
PDB   6DCY         pdb_00006dcy 10.2210/pdb6dcy/pdb 
WWPDB D_1000234403 ?            ?                   
# 
_pdbx_database_status.status_code                     REL 
_pdbx_database_status.status_code_sf                  REL 
_pdbx_database_status.status_code_mr                  ? 
_pdbx_database_status.entry_id                        6DCY 
_pdbx_database_status.recvd_initial_deposition_date   2018-05-08 
_pdbx_database_status.SG_entry                        N 
_pdbx_database_status.deposit_site                    RCSB 
_pdbx_database_status.process_site                    RCSB 
_pdbx_database_status.status_code_cs                  ? 
_pdbx_database_status.methods_development_category    ? 
_pdbx_database_status.pdb_format_compatible           Y 
_pdbx_database_status.status_code_nmr_data            ? 
# 
loop_
_audit_author.name 
_audit_author.pdbx_ordinal 
_audit_author.identifier_ORCID 
'Dick, B.L.'     1 0000-0003-2024-7206 
'Morrison, C.N.' 2 0000-0002-4180-8407 
'Cohen, S.M.'    3 0000-0002-5233-2280 
# 
_citation.abstract                  ? 
_citation.abstract_id_CAS           ? 
_citation.book_id_ISBN              ? 
_citation.book_publisher            ? 
_citation.book_publisher_city       ? 
_citation.book_title                ? 
_citation.coordinate_linkage        ? 
_citation.country                   US 
_citation.database_id_Medline       ? 
_citation.details                   ? 
_citation.id                        primary 
_citation.journal_abbrev            'J. Med. Chem.' 
_citation.journal_id_ASTM           JMCMAR 
_citation.journal_id_CSD            0151 
_citation.journal_id_ISSN           1520-4804 
_citation.journal_full              ? 
_citation.journal_issue             ? 
_citation.journal_volume            61 
_citation.language                  ? 
_citation.page_first                10206 
_citation.page_last                 10217 
_citation.title                     'Structure-Activity Relationships in Metal-Binding Pharmacophores for Influenza Endonuclease.' 
_citation.year                      2018 
_citation.database_id_CSD           ? 
_citation.pdbx_database_id_DOI      10.1021/acs.jmedchem.8b01363 
_citation.pdbx_database_id_PubMed   30351002 
_citation.unpublished_flag          ? 
# 
loop_
_citation_author.citation_id 
_citation_author.name 
_citation_author.ordinal 
_citation_author.identifier_ORCID 
primary 'Credille, C.V.' 1 ? 
primary 'Dick, B.L.'     2 ? 
primary 'Morrison, C.N.' 3 ? 
primary 'Stokes, R.W.'   4 ? 
primary 'Adamek, R.N.'   5 ? 
primary 'Wu, N.C.'       6 ? 
primary 'Wilson, I.A.'   7 ? 
primary 'Cohen, S.M.'    8 ? 
# 
_cell.angle_alpha                  90.00 
_cell.angle_alpha_esd              ? 
_cell.angle_beta                   90.00 
_cell.angle_beta_esd               ? 
_cell.angle_gamma                  120.00 
_cell.angle_gamma_esd              ? 
_cell.entry_id                     6DCY 
_cell.details                      ? 
_cell.formula_units_Z              ? 
_cell.length_a                     75.540 
_cell.length_a_esd                 ? 
_cell.length_b                     75.540 
_cell.length_b_esd                 ? 
_cell.length_c                     120.360 
_cell.length_c_esd                 ? 
_cell.volume                       ? 
_cell.volume_esd                   ? 
_cell.Z_PDB                        12 
_cell.reciprocal_angle_alpha       ? 
_cell.reciprocal_angle_beta        ? 
_cell.reciprocal_angle_gamma       ? 
_cell.reciprocal_angle_alpha_esd   ? 
_cell.reciprocal_angle_beta_esd    ? 
_cell.reciprocal_angle_gamma_esd   ? 
_cell.reciprocal_length_a          ? 
_cell.reciprocal_length_b          ? 
_cell.reciprocal_length_c          ? 
_cell.reciprocal_length_a_esd      ? 
_cell.reciprocal_length_b_esd      ? 
_cell.reciprocal_length_c_esd      ? 
_cell.pdbx_unique_axis             ? 
# 
_symmetry.entry_id                         6DCY 
_symmetry.cell_setting                     ? 
_symmetry.Int_Tables_number                180 
_symmetry.space_group_name_Hall            ? 
_symmetry.space_group_name_H-M             'P 62 2 2' 
_symmetry.pdbx_full_space_group_name_H-M   ? 
# 
loop_
_entity.id 
_entity.type 
_entity.src_method 
_entity.pdbx_description 
_entity.formula_weight 
_entity.pdbx_number_of_molecules 
_entity.pdbx_ec 
_entity.pdbx_mutation 
_entity.pdbx_fragment 
_entity.details 
1 polymer     man 'Polymerase acidic protein'                           22468.666 1  3.1.-.- ? 
'N-terminal domain (UNP residues 1-198)' ? 
2 non-polymer syn 'MANGANESE (II) ION'                                  54.938    2  ?       ? ? ? 
3 non-polymer syn '5-hydroxy-2-methyl-4-oxo-4H-pyran-3-carboxylic acid' 170.120   1  ?       ? ? ? 
4 water       nat water                                                 18.015    11 ?       ? ? ? 
# 
_entity_name_com.entity_id   1 
_entity_name_com.name        'RNA-directed RNA polymerase subunit P2' 
# 
_entity_poly.entity_id                      1 
_entity_poly.type                           'polypeptide(L)' 
_entity_poly.nstd_linkage                   no 
_entity_poly.nstd_monomer                   no 
_entity_poly.pdbx_seq_one_letter_code       
;MGSGMAMEDFVRQCFNPMIVELAEKAMKEYGEDPKIETNKFAAICTHLEVCFMYSDFGSGDPNALLKHRFEIIEGRDRIM
AWTVVNSICNTTGVEKPKFLPDLYDYKENRFIEIGVTRREVHIYYLEKANKIKSEKTHIHIFSFTGEEMATKADYTLDEE
SRARIKTRLFTIRQEMASRSLWDSFRQSERGE
;
_entity_poly.pdbx_seq_one_letter_code_can   
;MGSGMAMEDFVRQCFNPMIVELAEKAMKEYGEDPKIETNKFAAICTHLEVCFMYSDFGSGDPNALLKHRFEIIEGRDRIM
AWTVVNSICNTTGVEKPKFLPDLYDYKENRFIEIGVTRREVHIYYLEKANKIKSEKTHIHIFSFTGEEMATKADYTLDEE
SRARIKTRLFTIRQEMASRSLWDSFRQSERGE
;
_entity_poly.pdbx_strand_id                 A 
_entity_poly.pdbx_target_identifier         ? 
# 
loop_
_entity_poly_seq.entity_id 
_entity_poly_seq.num 
_entity_poly_seq.mon_id 
_entity_poly_seq.hetero 
1 1   MET n 
1 2   GLY n 
1 3   SER n 
1 4   GLY n 
1 5   MET n 
1 6   ALA n 
1 7   MET n 
1 8   GLU n 
1 9   ASP n 
1 10  PHE n 
1 11  VAL n 
1 12  ARG n 
1 13  GLN n 
1 14  CYS n 
1 15  PHE n 
1 16  ASN n 
1 17  PRO n 
1 18  MET n 
1 19  ILE n 
1 20  VAL n 
1 21  GLU n 
1 22  LEU n 
1 23  ALA n 
1 24  GLU n 
1 25  LYS n 
1 26  ALA n 
1 27  MET n 
1 28  LYS n 
1 29  GLU n 
1 30  TYR n 
1 31  GLY n 
1 32  GLU n 
1 33  ASP n 
1 34  PRO n 
1 35  LYS n 
1 36  ILE n 
1 37  GLU n 
1 38  THR n 
1 39  ASN n 
1 40  LYS n 
1 41  PHE n 
1 42  ALA n 
1 43  ALA n 
1 44  ILE n 
1 45  CYS n 
1 46  THR n 
1 47  HIS n 
1 48  LEU n 
1 49  GLU n 
1 50  VAL n 
1 51  CYS n 
1 52  PHE n 
1 53  MET n 
1 54  TYR n 
1 55  SER n 
1 56  ASP n 
1 57  PHE n 
1 58  GLY n 
1 59  SER n 
1 60  GLY n 
1 61  ASP n 
1 62  PRO n 
1 63  ASN n 
1 64  ALA n 
1 65  LEU n 
1 66  LEU n 
1 67  LYS n 
1 68  HIS n 
1 69  ARG n 
1 70  PHE n 
1 71  GLU n 
1 72  ILE n 
1 73  ILE n 
1 74  GLU n 
1 75  GLY n 
1 76  ARG n 
1 77  ASP n 
1 78  ARG n 
1 79  ILE n 
1 80  MET n 
1 81  ALA n 
1 82  TRP n 
1 83  THR n 
1 84  VAL n 
1 85  VAL n 
1 86  ASN n 
1 87  SER n 
1 88  ILE n 
1 89  CYS n 
1 90  ASN n 
1 91  THR n 
1 92  THR n 
1 93  GLY n 
1 94  VAL n 
1 95  GLU n 
1 96  LYS n 
1 97  PRO n 
1 98  LYS n 
1 99  PHE n 
1 100 LEU n 
1 101 PRO n 
1 102 ASP n 
1 103 LEU n 
1 104 TYR n 
1 105 ASP n 
1 106 TYR n 
1 107 LYS n 
1 108 GLU n 
1 109 ASN n 
1 110 ARG n 
1 111 PHE n 
1 112 ILE n 
1 113 GLU n 
1 114 ILE n 
1 115 GLY n 
1 116 VAL n 
1 117 THR n 
1 118 ARG n 
1 119 ARG n 
1 120 GLU n 
1 121 VAL n 
1 122 HIS n 
1 123 ILE n 
1 124 TYR n 
1 125 TYR n 
1 126 LEU n 
1 127 GLU n 
1 128 LYS n 
1 129 ALA n 
1 130 ASN n 
1 131 LYS n 
1 132 ILE n 
1 133 LYS n 
1 134 SER n 
1 135 GLU n 
1 136 LYS n 
1 137 THR n 
1 138 HIS n 
1 139 ILE n 
1 140 HIS n 
1 141 ILE n 
1 142 PHE n 
1 143 SER n 
1 144 PHE n 
1 145 THR n 
1 146 GLY n 
1 147 GLU n 
1 148 GLU n 
1 149 MET n 
1 150 ALA n 
1 151 THR n 
1 152 LYS n 
1 153 ALA n 
1 154 ASP n 
1 155 TYR n 
1 156 THR n 
1 157 LEU n 
1 158 ASP n 
1 159 GLU n 
1 160 GLU n 
1 161 SER n 
1 162 ARG n 
1 163 ALA n 
1 164 ARG n 
1 165 ILE n 
1 166 LYS n 
1 167 THR n 
1 168 ARG n 
1 169 LEU n 
1 170 PHE n 
1 171 THR n 
1 172 ILE n 
1 173 ARG n 
1 174 GLN n 
1 175 GLU n 
1 176 MET n 
1 177 ALA n 
1 178 SER n 
1 179 ARG n 
1 180 SER n 
1 181 LEU n 
1 182 TRP n 
1 183 ASP n 
1 184 SER n 
1 185 PHE n 
1 186 ARG n 
1 187 GLN n 
1 188 SER n 
1 189 GLU n 
1 190 ARG n 
1 191 GLY n 
1 192 GLU n 
# 
_entity_src_gen.entity_id                          1 
_entity_src_gen.pdbx_src_id                        1 
_entity_src_gen.pdbx_alt_source_flag               sample 
_entity_src_gen.pdbx_seq_type                      'Biological sequence' 
_entity_src_gen.pdbx_beg_seq_num                   1 
_entity_src_gen.pdbx_end_seq_num                   192 
_entity_src_gen.gene_src_common_name               ? 
_entity_src_gen.gene_src_genus                     ? 
_entity_src_gen.pdbx_gene_src_gene                 PA 
_entity_src_gen.gene_src_species                   ? 
_entity_src_gen.gene_src_strain                    'swl A/California/04/2009 H1N1' 
_entity_src_gen.gene_src_tissue                    ? 
_entity_src_gen.gene_src_tissue_fraction           ? 
_entity_src_gen.gene_src_details                   ? 
_entity_src_gen.pdbx_gene_src_fragment             ? 
_entity_src_gen.pdbx_gene_src_scientific_name      'Influenza A virus' 
_entity_src_gen.pdbx_gene_src_ncbi_taxonomy_id     641501 
_entity_src_gen.pdbx_gene_src_variant              ? 
_entity_src_gen.pdbx_gene_src_cell_line            ? 
_entity_src_gen.pdbx_gene_src_atcc                 ? 
_entity_src_gen.pdbx_gene_src_organ                ? 
_entity_src_gen.pdbx_gene_src_organelle            ? 
_entity_src_gen.pdbx_gene_src_cell                 ? 
_entity_src_gen.pdbx_gene_src_cellular_location    ? 
_entity_src_gen.host_org_common_name               ? 
_entity_src_gen.pdbx_host_org_scientific_name      'Escherichia coli' 
_entity_src_gen.pdbx_host_org_ncbi_taxonomy_id     562 
_entity_src_gen.host_org_genus                     ? 
_entity_src_gen.pdbx_host_org_gene                 ? 
_entity_src_gen.pdbx_host_org_organ                ? 
_entity_src_gen.host_org_species                   ? 
_entity_src_gen.pdbx_host_org_tissue               ? 
_entity_src_gen.pdbx_host_org_tissue_fraction      ? 
_entity_src_gen.pdbx_host_org_strain               ? 
_entity_src_gen.pdbx_host_org_variant              ? 
_entity_src_gen.pdbx_host_org_cell_line            ? 
_entity_src_gen.pdbx_host_org_atcc                 ? 
_entity_src_gen.pdbx_host_org_culture_collection   ? 
_entity_src_gen.pdbx_host_org_cell                 ? 
_entity_src_gen.pdbx_host_org_organelle            ? 
_entity_src_gen.pdbx_host_org_cellular_location    ? 
_entity_src_gen.pdbx_host_org_vector_type          ? 
_entity_src_gen.pdbx_host_org_vector               ? 
_entity_src_gen.host_org_details                   ? 
_entity_src_gen.expression_system_id               ? 
_entity_src_gen.plasmid_name                       ? 
_entity_src_gen.plasmid_details                    ? 
_entity_src_gen.pdbx_description                   ? 
# 
_struct_ref.id                         1 
_struct_ref.db_name                    UNP 
_struct_ref.db_code                    C3W5S0_I09A0 
_struct_ref.pdbx_db_accession          C3W5S0 
_struct_ref.pdbx_db_isoform            ? 
_struct_ref.entity_id                  1 
_struct_ref.pdbx_seq_one_letter_code   
;MEDFVRQCFNPMIVELAEKAMKEYGEDPKIETNKFAAICTHLEVCFMYSDFHFIDERGESIIVESGDPNALLKHRFEIIE
GRDRIMAWTVVNSICNTTGVEKPKFLPDLYDYKENRFIEIGVTRREVHIYYLEKANKIKSEKTHIHIFSFTGEEMATKAD
YTLDEESRARIKTRLFTIRQEMASRSLWDSFRQSERGE
;
_struct_ref.pdbx_align_begin           1 
# 
_struct_ref_seq.align_id                      1 
_struct_ref_seq.ref_id                        1 
_struct_ref_seq.pdbx_PDB_id_code              6DCY 
_struct_ref_seq.pdbx_strand_id                A 
_struct_ref_seq.seq_align_beg                 7 
_struct_ref_seq.pdbx_seq_align_beg_ins_code   ? 
_struct_ref_seq.seq_align_end                 192 
_struct_ref_seq.pdbx_seq_align_end_ins_code   ? 
_struct_ref_seq.pdbx_db_accession             C3W5S0 
_struct_ref_seq.db_align_beg                  1 
_struct_ref_seq.pdbx_db_align_beg_ins_code    ? 
_struct_ref_seq.db_align_end                  198 
_struct_ref_seq.pdbx_db_align_end_ins_code    ? 
_struct_ref_seq.pdbx_auth_seq_align_beg       1 
_struct_ref_seq.pdbx_auth_seq_align_end       198 
# 
loop_
_struct_ref_seq_dif.align_id 
_struct_ref_seq_dif.pdbx_pdb_id_code 
_struct_ref_seq_dif.mon_id 
_struct_ref_seq_dif.pdbx_pdb_strand_id 
_struct_ref_seq_dif.seq_num 
_struct_ref_seq_dif.pdbx_pdb_ins_code 
_struct_ref_seq_dif.pdbx_seq_db_name 
_struct_ref_seq_dif.pdbx_seq_db_accession_code 
_struct_ref_seq_dif.db_mon_id 
_struct_ref_seq_dif.pdbx_seq_db_seq_num 
_struct_ref_seq_dif.details 
_struct_ref_seq_dif.pdbx_auth_seq_num 
_struct_ref_seq_dif.pdbx_ordinal 
1 6DCY MET A 1  ? UNP C3W5S0 ?   ?  'expression tag' -5 1  
1 6DCY GLY A 2  ? UNP C3W5S0 ?   ?  'expression tag' -4 2  
1 6DCY SER A 3  ? UNP C3W5S0 ?   ?  'expression tag' -3 3  
1 6DCY GLY A 4  ? UNP C3W5S0 ?   ?  'expression tag' -2 4  
1 6DCY MET A 5  ? UNP C3W5S0 ?   ?  'expression tag' -1 5  
1 6DCY ALA A 6  ? UNP C3W5S0 ?   ?  'expression tag' 0  6  
1 6DCY GLY A 58 ? UNP C3W5S0 HIS 52 conflict         52 7  
1 6DCY ?   A ?  ? UNP C3W5S0 PHE 53 deletion         ?  8  
1 6DCY ?   A ?  ? UNP C3W5S0 ILE 54 deletion         ?  9  
1 6DCY ?   A ?  ? UNP C3W5S0 ASP 55 deletion         ?  10 
1 6DCY ?   A ?  ? UNP C3W5S0 GLU 56 deletion         ?  11 
1 6DCY ?   A ?  ? UNP C3W5S0 ARG 57 deletion         ?  12 
1 6DCY ?   A ?  ? UNP C3W5S0 GLY 58 deletion         ?  13 
1 6DCY ?   A ?  ? UNP C3W5S0 GLU 59 deletion         ?  14 
1 6DCY ?   A ?  ? UNP C3W5S0 SER 60 deletion         ?  15 
1 6DCY ?   A ?  ? UNP C3W5S0 ILE 61 deletion         ?  16 
1 6DCY ?   A ?  ? UNP C3W5S0 ILE 62 deletion         ?  17 
1 6DCY ?   A ?  ? UNP C3W5S0 VAL 63 deletion         ?  18 
1 6DCY ?   A ?  ? UNP C3W5S0 GLU 64 deletion         ?  19 
# 
loop_
_chem_comp.id 
_chem_comp.type 
_chem_comp.mon_nstd_flag 
_chem_comp.name 
_chem_comp.pdbx_synonyms 
_chem_comp.formula 
_chem_comp.formula_weight 
ALA 'L-peptide linking' y ALANINE                                               ? 'C3 H7 N O2'     89.093  
ARG 'L-peptide linking' y ARGININE                                              ? 'C6 H15 N4 O2 1' 175.209 
ASN 'L-peptide linking' y ASPARAGINE                                            ? 'C4 H8 N2 O3'    132.118 
ASP 'L-peptide linking' y 'ASPARTIC ACID'                                       ? 'C4 H7 N O4'     133.103 
CYS 'L-peptide linking' y CYSTEINE                                              ? 'C3 H7 N O2 S'   121.158 
G5V non-polymer         . '5-hydroxy-2-methyl-4-oxo-4H-pyran-3-carboxylic acid' ? 'C7 H6 O5'       170.120 
GLN 'L-peptide linking' y GLUTAMINE                                             ? 'C5 H10 N2 O3'   146.144 
GLU 'L-peptide linking' y 'GLUTAMIC ACID'                                       ? 'C5 H9 N O4'     147.129 
GLY 'peptide linking'   y GLYCINE                                               ? 'C2 H5 N O2'     75.067  
HIS 'L-peptide linking' y HISTIDINE                                             ? 'C6 H10 N3 O2 1' 156.162 
HOH non-polymer         . WATER                                                 ? 'H2 O'           18.015  
ILE 'L-peptide linking' y ISOLEUCINE                                            ? 'C6 H13 N O2'    131.173 
LEU 'L-peptide linking' y LEUCINE                                               ? 'C6 H13 N O2'    131.173 
LYS 'L-peptide linking' y LYSINE                                                ? 'C6 H15 N2 O2 1' 147.195 
MET 'L-peptide linking' y METHIONINE                                            ? 'C5 H11 N O2 S'  149.211 
MN  non-polymer         . 'MANGANESE (II) ION'                                  ? 'Mn 2'           54.938  
PHE 'L-peptide linking' y PHENYLALANINE                                         ? 'C9 H11 N O2'    165.189 
PRO 'L-peptide linking' y PROLINE                                               ? 'C5 H9 N O2'     115.130 
SER 'L-peptide linking' y SERINE                                                ? 'C3 H7 N O3'     105.093 
THR 'L-peptide linking' y THREONINE                                             ? 'C4 H9 N O3'     119.119 
TRP 'L-peptide linking' y TRYPTOPHAN                                            ? 'C11 H12 N2 O2'  204.225 
TYR 'L-peptide linking' y TYROSINE                                              ? 'C9 H11 N O3'    181.189 
VAL 'L-peptide linking' y VALINE                                                ? 'C5 H11 N O2'    117.146 
# 
_exptl.absorpt_coefficient_mu     ? 
_exptl.absorpt_correction_T_max   ? 
_exptl.absorpt_correction_T_min   ? 
_exptl.absorpt_correction_type    ? 
_exptl.absorpt_process_details    ? 
_exptl.entry_id                   6DCY 
_exptl.crystals_number            1 
_exptl.details                    ? 
_exptl.method                     'X-RAY DIFFRACTION' 
_exptl.method_details             ? 
# 
_exptl_crystal.colour                      ? 
_exptl_crystal.density_diffrn              ? 
_exptl_crystal.density_Matthews            2.21 
_exptl_crystal.density_method              ? 
_exptl_crystal.density_percent_sol         44.24 
_exptl_crystal.description                 Octahedron 
_exptl_crystal.F_000                       ? 
_exptl_crystal.id                          1 
_exptl_crystal.preparation                 ? 
_exptl_crystal.size_max                    ? 
_exptl_crystal.size_mid                    ? 
_exptl_crystal.size_min                    ? 
_exptl_crystal.size_rad                    ? 
_exptl_crystal.colour_lustre               ? 
_exptl_crystal.colour_modifier             ? 
_exptl_crystal.colour_primary              ? 
_exptl_crystal.density_meas                ? 
_exptl_crystal.density_meas_esd            ? 
_exptl_crystal.density_meas_gt             ? 
_exptl_crystal.density_meas_lt             ? 
_exptl_crystal.density_meas_temp           ? 
_exptl_crystal.density_meas_temp_esd       ? 
_exptl_crystal.density_meas_temp_gt        ? 
_exptl_crystal.density_meas_temp_lt        ? 
_exptl_crystal.pdbx_crystal_image_url      ? 
_exptl_crystal.pdbx_crystal_image_format   ? 
_exptl_crystal.pdbx_mosaicity              ? 
_exptl_crystal.pdbx_mosaicity_esd          ? 
# 
_exptl_crystal_grow.apparatus       ? 
_exptl_crystal_grow.atmosphere      ? 
_exptl_crystal_grow.crystal_id      1 
_exptl_crystal_grow.details         ? 
_exptl_crystal_grow.method          'VAPOR DIFFUSION, HANGING DROP' 
_exptl_crystal_grow.method_ref      ? 
_exptl_crystal_grow.pH              7.5 
_exptl_crystal_grow.pressure        ? 
_exptl_crystal_grow.pressure_esd    ? 
_exptl_crystal_grow.seeding         ? 
_exptl_crystal_grow.seeding_ref     ? 
_exptl_crystal_grow.temp            306 
_exptl_crystal_grow.temp_details    ? 
_exptl_crystal_grow.temp_esd        ? 
_exptl_crystal_grow.time            ? 
_exptl_crystal_grow.pdbx_details    '0.5 mM inhibitor, 25-40% PEG4000, 100 mM Tris, pH 8.35, 200-220 mM sodium acetate' 
_exptl_crystal_grow.pdbx_pH_range   ? 
# 
_diffrn.ambient_environment    ? 
_diffrn.ambient_temp           100 
_diffrn.ambient_temp_details   ? 
_diffrn.ambient_temp_esd       ? 
_diffrn.crystal_id             1 
_diffrn.crystal_support        ? 
_diffrn.crystal_treatment      ? 
_diffrn.details                ? 
_diffrn.id                     1 
_diffrn.ambient_pressure       ? 
_diffrn.ambient_pressure_esd   ? 
_diffrn.ambient_pressure_gt    ? 
_diffrn.ambient_pressure_lt    ? 
_diffrn.ambient_temp_gt        ? 
_diffrn.ambient_temp_lt        ? 
# 
_diffrn_detector.details                      ? 
_diffrn_detector.detector                     PIXEL 
_diffrn_detector.diffrn_id                    1 
_diffrn_detector.type                         'DECTRIS PILATUS3 6M' 
_diffrn_detector.area_resol_mean              ? 
_diffrn_detector.dtime                        ? 
_diffrn_detector.pdbx_frames_total            ? 
_diffrn_detector.pdbx_collection_time_total   ? 
_diffrn_detector.pdbx_collection_date         2017-12-15 
# 
_diffrn_radiation.collimation                      ? 
_diffrn_radiation.diffrn_id                        1 
_diffrn_radiation.filter_edge                      ? 
_diffrn_radiation.inhomogeneity                    ? 
_diffrn_radiation.monochromator                    'double crystal Si(111)' 
_diffrn_radiation.polarisn_norm                    ? 
_diffrn_radiation.polarisn_ratio                   ? 
_diffrn_radiation.probe                            ? 
_diffrn_radiation.type                             ? 
_diffrn_radiation.xray_symbol                      ? 
_diffrn_radiation.wavelength_id                    1 
_diffrn_radiation.pdbx_monochromatic_or_laue_m_l   M 
_diffrn_radiation.pdbx_wavelength_list             ? 
_diffrn_radiation.pdbx_wavelength                  ? 
_diffrn_radiation.pdbx_diffrn_protocol             'SINGLE WAVELENGTH' 
_diffrn_radiation.pdbx_analyzer                    ? 
_diffrn_radiation.pdbx_scattering_type             x-ray 
# 
_diffrn_radiation_wavelength.id           1 
_diffrn_radiation_wavelength.wavelength   1.00 
_diffrn_radiation_wavelength.wt           1.0 
# 
_diffrn_source.current                     ? 
_diffrn_source.details                     ? 
_diffrn_source.diffrn_id                   1 
_diffrn_source.power                       ? 
_diffrn_source.size                        ? 
_diffrn_source.source                      SYNCHROTRON 
_diffrn_source.target                      ? 
_diffrn_source.type                        'ALS BEAMLINE 5.0.2' 
_diffrn_source.voltage                     ? 
_diffrn_source.take-off_angle              ? 
_diffrn_source.pdbx_wavelength_list        1.00 
_diffrn_source.pdbx_wavelength             ? 
_diffrn_source.pdbx_synchrotron_beamline   5.0.2 
_diffrn_source.pdbx_synchrotron_site       ALS 
# 
_reflns.B_iso_Wilson_estimate            ? 
_reflns.entry_id                         6DCY 
_reflns.data_reduction_details           ? 
_reflns.data_reduction_method            ? 
_reflns.d_resolution_high                2.08 
_reflns.d_resolution_low                 37.77 
_reflns.details                          ? 
_reflns.limit_h_max                      ? 
_reflns.limit_h_min                      ? 
_reflns.limit_k_max                      ? 
_reflns.limit_k_min                      ? 
_reflns.limit_l_max                      ? 
_reflns.limit_l_min                      ? 
_reflns.number_all                       ? 
_reflns.number_obs                       12849 
_reflns.observed_criterion               ? 
_reflns.observed_criterion_F_max         ? 
_reflns.observed_criterion_F_min         ? 
_reflns.observed_criterion_I_max         ? 
_reflns.observed_criterion_I_min         ? 
_reflns.observed_criterion_sigma_F       ? 
_reflns.observed_criterion_sigma_I       ? 
_reflns.percent_possible_obs             100 
_reflns.R_free_details                   ? 
_reflns.Rmerge_F_all                     ? 
_reflns.Rmerge_F_obs                     ? 
_reflns.Friedel_coverage                 ? 
_reflns.number_gt                        ? 
_reflns.threshold_expression             ? 
_reflns.pdbx_redundancy                  16.9 
_reflns.pdbx_Rmerge_I_obs                0.083 
_reflns.pdbx_Rmerge_I_all                ? 
_reflns.pdbx_Rsym_value                  ? 
_reflns.pdbx_netI_over_av_sigmaI         ? 
_reflns.pdbx_netI_over_sigmaI            19.1 
_reflns.pdbx_res_netI_over_av_sigmaI_2   ? 
_reflns.pdbx_res_netI_over_sigmaI_2      ? 
_reflns.pdbx_chi_squared                 ? 
_reflns.pdbx_scaling_rejects             ? 
_reflns.pdbx_d_res_high_opt              ? 
_reflns.pdbx_d_res_low_opt               ? 
_reflns.pdbx_d_res_opt_method            ? 
_reflns.phase_calculation_details        ? 
_reflns.pdbx_Rrim_I_all                  ? 
_reflns.pdbx_Rpim_I_all                  ? 
_reflns.pdbx_d_opt                       ? 
_reflns.pdbx_number_measured_all         ? 
_reflns.pdbx_diffrn_id                   1 
_reflns.pdbx_ordinal                     1 
_reflns.pdbx_CC_half                     ? 
_reflns.pdbx_R_split                     ? 
# 
_reflns_shell.d_res_high                  2.08 
_reflns_shell.d_res_low                   2.14 
_reflns_shell.meanI_over_sigI_all         ? 
_reflns_shell.meanI_over_sigI_obs         3.4 
_reflns_shell.number_measured_all         ? 
_reflns_shell.number_measured_obs         ? 
_reflns_shell.number_possible             ? 
_reflns_shell.number_unique_all           ? 
_reflns_shell.number_unique_obs           974 
_reflns_shell.percent_possible_all        100 
_reflns_shell.percent_possible_obs        ? 
_reflns_shell.Rmerge_F_all                ? 
_reflns_shell.Rmerge_F_obs                ? 
_reflns_shell.Rmerge_I_all                ? 
_reflns_shell.Rmerge_I_obs                0.786 
_reflns_shell.meanI_over_sigI_gt          ? 
_reflns_shell.meanI_over_uI_all           ? 
_reflns_shell.meanI_over_uI_gt            ? 
_reflns_shell.number_measured_gt          ? 
_reflns_shell.number_unique_gt            ? 
_reflns_shell.percent_possible_gt         ? 
_reflns_shell.Rmerge_F_gt                 ? 
_reflns_shell.Rmerge_I_gt                 ? 
_reflns_shell.pdbx_redundancy             18.1 
_reflns_shell.pdbx_Rsym_value             ? 
_reflns_shell.pdbx_chi_squared            ? 
_reflns_shell.pdbx_netI_over_sigmaI_all   ? 
_reflns_shell.pdbx_netI_over_sigmaI_obs   ? 
_reflns_shell.pdbx_Rrim_I_all             ? 
_reflns_shell.pdbx_Rpim_I_all             ? 
_reflns_shell.pdbx_rejects                ? 
_reflns_shell.pdbx_ordinal                1 
_reflns_shell.pdbx_diffrn_id              1 
_reflns_shell.pdbx_CC_half                ? 
_reflns_shell.pdbx_R_split                ? 
# 
_refine.aniso_B[1][1]                            -0.43 
_refine.aniso_B[1][2]                            -0.22 
_refine.aniso_B[1][3]                            -0.00 
_refine.aniso_B[2][2]                            -0.43 
_refine.aniso_B[2][3]                            -0.00 
_refine.aniso_B[3][3]                            1.41 
_refine.B_iso_max                                ? 
_refine.B_iso_mean                               44.595 
_refine.B_iso_min                                ? 
_refine.correlation_coeff_Fo_to_Fc               0.949 
_refine.correlation_coeff_Fo_to_Fc_free          0.928 
_refine.details                                  'HYDROGENS HAVE BEEN ADDED IN THE RIDING POSITIONS' 
_refine.diff_density_max                         ? 
_refine.diff_density_max_esd                     ? 
_refine.diff_density_min                         ? 
_refine.diff_density_min_esd                     ? 
_refine.diff_density_rms                         ? 
_refine.diff_density_rms_esd                     ? 
_refine.entry_id                                 6DCY 
_refine.pdbx_refine_id                           'X-RAY DIFFRACTION' 
_refine.ls_abs_structure_details                 ? 
_refine.ls_abs_structure_Flack                   ? 
_refine.ls_abs_structure_Flack_esd               ? 
_refine.ls_abs_structure_Rogers                  ? 
_refine.ls_abs_structure_Rogers_esd              ? 
_refine.ls_d_res_high                            2.08 
_refine.ls_d_res_low                             37.77 
_refine.ls_extinction_coef                       ? 
_refine.ls_extinction_coef_esd                   ? 
_refine.ls_extinction_expression                 ? 
_refine.ls_extinction_method                     ? 
_refine.ls_goodness_of_fit_all                   ? 
_refine.ls_goodness_of_fit_all_esd               ? 
_refine.ls_goodness_of_fit_obs                   ? 
_refine.ls_goodness_of_fit_obs_esd               ? 
_refine.ls_hydrogen_treatment                    ? 
_refine.ls_matrix_type                           ? 
_refine.ls_number_constraints                    ? 
_refine.ls_number_parameters                     ? 
_refine.ls_number_reflns_all                     ? 
_refine.ls_number_reflns_obs                     12045 
_refine.ls_number_reflns_R_free                  611 
_refine.ls_number_reflns_R_work                  ? 
_refine.ls_number_restraints                     ? 
_refine.ls_percent_reflns_obs                    98.74 
_refine.ls_percent_reflns_R_free                 4.8 
_refine.ls_R_factor_all                          ? 
_refine.ls_R_factor_obs                          0.22714 
_refine.ls_R_factor_R_free                       0.27140 
_refine.ls_R_factor_R_free_error                 ? 
_refine.ls_R_factor_R_free_error_details         ? 
_refine.ls_R_factor_R_work                       0.22468 
_refine.ls_R_Fsqd_factor_obs                     ? 
_refine.ls_R_I_factor_obs                        ? 
_refine.ls_redundancy_reflns_all                 ? 
_refine.ls_redundancy_reflns_obs                 ? 
_refine.ls_restrained_S_all                      ? 
_refine.ls_restrained_S_obs                      ? 
_refine.ls_shift_over_esd_max                    ? 
_refine.ls_shift_over_esd_mean                   ? 
_refine.ls_structure_factor_coef                 ? 
_refine.ls_weighting_details                     ? 
_refine.ls_weighting_scheme                      ? 
_refine.ls_wR_factor_all                         ? 
_refine.ls_wR_factor_obs                         ? 
_refine.ls_wR_factor_R_free                      ? 
_refine.ls_wR_factor_R_work                      ? 
_refine.occupancy_max                            ? 
_refine.occupancy_min                            ? 
_refine.solvent_model_details                    ? 
_refine.solvent_model_param_bsol                 ? 
_refine.solvent_model_param_ksol                 ? 
_refine.ls_R_factor_gt                           ? 
_refine.ls_goodness_of_fit_gt                    ? 
_refine.ls_goodness_of_fit_ref                   ? 
_refine.ls_shift_over_su_max                     ? 
_refine.ls_shift_over_su_max_lt                  ? 
_refine.ls_shift_over_su_mean                    ? 
_refine.ls_shift_over_su_mean_lt                 ? 
_refine.pdbx_ls_sigma_I                          ? 
_refine.pdbx_ls_sigma_F                          ? 
_refine.pdbx_ls_sigma_Fsqd                       ? 
_refine.pdbx_data_cutoff_high_absF               ? 
_refine.pdbx_data_cutoff_high_rms_absF           ? 
_refine.pdbx_data_cutoff_low_absF                ? 
_refine.pdbx_isotropic_thermal_model             ? 
_refine.pdbx_ls_cross_valid_method               THROUGHOUT 
_refine.pdbx_method_to_determine_struct          'MOLECULAR REPLACEMENT' 
_refine.pdbx_starting_model                      'PDB entry 4AWM' 
_refine.pdbx_stereochemistry_target_values       ? 
_refine.pdbx_R_Free_selection_details            RANDOM 
_refine.pdbx_stereochem_target_val_spec_case     ? 
_refine.pdbx_overall_ESU_R                       0.237 
_refine.pdbx_overall_ESU_R_Free                  0.203 
_refine.pdbx_solvent_vdw_probe_radii             1.20 
_refine.pdbx_solvent_ion_probe_radii             0.80 
_refine.pdbx_solvent_shrinkage_radii             0.80 
_refine.pdbx_real_space_R                        ? 
_refine.pdbx_density_correlation                 ? 
_refine.pdbx_pd_number_of_powder_patterns        ? 
_refine.pdbx_pd_number_of_points                 ? 
_refine.pdbx_pd_meas_number_of_points            ? 
_refine.pdbx_pd_proc_ls_prof_R_factor            ? 
_refine.pdbx_pd_proc_ls_prof_wR_factor           ? 
_refine.pdbx_pd_Marquardt_correlation_coeff      ? 
_refine.pdbx_pd_Fsqrd_R_factor                   ? 
_refine.pdbx_pd_ls_matrix_band_width             ? 
_refine.pdbx_overall_phase_error                 ? 
_refine.pdbx_overall_SU_R_free_Cruickshank_DPI   ? 
_refine.pdbx_overall_SU_R_free_Blow_DPI          ? 
_refine.pdbx_overall_SU_R_Blow_DPI               ? 
_refine.pdbx_TLS_residual_ADP_flag               ? 
_refine.pdbx_diffrn_id                           1 
_refine.overall_SU_B                             6.260 
_refine.overall_SU_ML                            0.161 
_refine.overall_SU_R_Cruickshank_DPI             ? 
_refine.overall_SU_R_free                        ? 
_refine.overall_FOM_free_R_set                   ? 
_refine.overall_FOM_work_R_set                   ? 
_refine.pdbx_average_fsc_overall                 ? 
_refine.pdbx_average_fsc_work                    ? 
_refine.pdbx_average_fsc_free                    ? 
# 
_refine_hist.pdbx_refine_id                   'X-RAY DIFFRACTION' 
_refine_hist.cycle_id                         1 
_refine_hist.pdbx_number_atoms_protein        1468 
_refine_hist.pdbx_number_atoms_nucleic_acid   0 
_refine_hist.pdbx_number_atoms_ligand         14 
_refine_hist.number_atoms_solvent             11 
_refine_hist.number_atoms_total               1493 
_refine_hist.d_res_high                       2.08 
_refine_hist.d_res_low                        37.77 
# 
loop_
_refine_ls_restr.pdbx_refine_id 
_refine_ls_restr.criterion 
_refine_ls_restr.dev_ideal 
_refine_ls_restr.dev_ideal_target 
_refine_ls_restr.number 
_refine_ls_restr.rejects 
_refine_ls_restr.type 
_refine_ls_restr.weight 
_refine_ls_restr.pdbx_restraint_function 
'X-RAY DIFFRACTION' ? 0.010  0.014  1509 ? r_bond_refined_d             ? ? 
'X-RAY DIFFRACTION' ? 0.001  0.017  1337 ? r_bond_other_d               ? ? 
'X-RAY DIFFRACTION' ? 1.425  1.675  2023 ? r_angle_refined_deg          ? ? 
'X-RAY DIFFRACTION' ? 0.961  1.639  3137 ? r_angle_other_deg            ? ? 
'X-RAY DIFFRACTION' ? 6.144  5.000  173  ? r_dihedral_angle_1_deg       ? ? 
'X-RAY DIFFRACTION' ? 35.458 21.183 93   ? r_dihedral_angle_2_deg       ? ? 
'X-RAY DIFFRACTION' ? 18.928 15.000 285  ? r_dihedral_angle_3_deg       ? ? 
'X-RAY DIFFRACTION' ? 23.931 15.000 14   ? r_dihedral_angle_4_deg       ? ? 
'X-RAY DIFFRACTION' ? 0.070  0.200  197  ? r_chiral_restr               ? ? 
'X-RAY DIFFRACTION' ? 0.007  0.020  1669 ? r_gen_planes_refined         ? ? 
'X-RAY DIFFRACTION' ? 0.001  0.020  294  ? r_gen_planes_other           ? ? 
'X-RAY DIFFRACTION' ? ?      ?      ?    ? r_nbd_refined                ? ? 
'X-RAY DIFFRACTION' ? ?      ?      ?    ? r_nbd_other                  ? ? 
'X-RAY DIFFRACTION' ? ?      ?      ?    ? r_nbtor_refined              ? ? 
'X-RAY DIFFRACTION' ? ?      ?      ?    ? r_nbtor_other                ? ? 
'X-RAY DIFFRACTION' ? ?      ?      ?    ? r_xyhbond_nbd_refined        ? ? 
'X-RAY DIFFRACTION' ? ?      ?      ?    ? r_xyhbond_nbd_other          ? ? 
'X-RAY DIFFRACTION' ? ?      ?      ?    ? r_metal_ion_refined          ? ? 
'X-RAY DIFFRACTION' ? ?      ?      ?    ? r_metal_ion_other            ? ? 
'X-RAY DIFFRACTION' ? ?      ?      ?    ? r_symmetry_vdw_refined       ? ? 
'X-RAY DIFFRACTION' ? ?      ?      ?    ? r_symmetry_vdw_other         ? ? 
'X-RAY DIFFRACTION' ? ?      ?      ?    ? r_symmetry_hbond_refined     ? ? 
'X-RAY DIFFRACTION' ? ?      ?      ?    ? r_symmetry_hbond_other       ? ? 
'X-RAY DIFFRACTION' ? ?      ?      ?    ? r_symmetry_metal_ion_refined ? ? 
'X-RAY DIFFRACTION' ? ?      ?      ?    ? r_symmetry_metal_ion_other   ? ? 
'X-RAY DIFFRACTION' ? 3.491  4.249  701  ? r_mcbond_it                  ? ? 
'X-RAY DIFFRACTION' ? 3.485  4.244  700  ? r_mcbond_other               ? ? 
'X-RAY DIFFRACTION' ? 4.936  6.335  871  ? r_mcangle_it                 ? ? 
'X-RAY DIFFRACTION' ? 4.934  6.341  872  ? r_mcangle_other              ? ? 
'X-RAY DIFFRACTION' ? 4.726  4.806  808  ? r_scbond_it                  ? ? 
'X-RAY DIFFRACTION' ? 4.724  4.807  809  ? r_scbond_other               ? ? 
'X-RAY DIFFRACTION' ? ?      ?      ?    ? r_scangle_it                 ? ? 
'X-RAY DIFFRACTION' ? 6.799  6.982  1153 ? r_scangle_other              ? ? 
'X-RAY DIFFRACTION' ? 8.560  48.692 1735 ? r_long_range_B_refined       ? ? 
'X-RAY DIFFRACTION' ? 8.557  48.703 1736 ? r_long_range_B_other         ? ? 
'X-RAY DIFFRACTION' ? ?      ?      ?    ? r_rigid_bond_restr           ? ? 
'X-RAY DIFFRACTION' ? ?      ?      ?    ? r_sphericity_free            ? ? 
'X-RAY DIFFRACTION' ? ?      ?      ?    ? r_sphericity_bonded          ? ? 
# 
_refine_ls_shell.pdbx_refine_id                   'X-RAY DIFFRACTION' 
_refine_ls_shell.d_res_high                       2.080 
_refine_ls_shell.d_res_low                        2.134 
_refine_ls_shell.number_reflns_all                ? 
_refine_ls_shell.number_reflns_obs                ? 
_refine_ls_shell.number_reflns_R_free             50 
_refine_ls_shell.number_reflns_R_work             859 
_refine_ls_shell.percent_reflns_obs               99.89 
_refine_ls_shell.percent_reflns_R_free            ? 
_refine_ls_shell.R_factor_all                     ? 
_refine_ls_shell.R_factor_obs                     ? 
_refine_ls_shell.R_factor_R_free                  0.356 
_refine_ls_shell.R_factor_R_free_error            ? 
_refine_ls_shell.R_factor_R_work                  0.257 
_refine_ls_shell.redundancy_reflns_all            ? 
_refine_ls_shell.redundancy_reflns_obs            ? 
_refine_ls_shell.wR_factor_all                    ? 
_refine_ls_shell.wR_factor_obs                    ? 
_refine_ls_shell.wR_factor_R_free                 ? 
_refine_ls_shell.wR_factor_R_work                 ? 
_refine_ls_shell.pdbx_total_number_of_bins_used   20 
_refine_ls_shell.pdbx_phase_error                 ? 
_refine_ls_shell.pdbx_fsc_work                    ? 
_refine_ls_shell.pdbx_fsc_free                    ? 
# 
_struct.entry_id                     6DCY 
_struct.title                        
;The N-terminal domain of PA endonuclease from the influenza H1N1 virus in complex with 5-hydroxy-2-methyl-4-oxo-4H-pyran-3-carboxylic acid
;
_struct.pdbx_model_details           ? 
_struct.pdbx_formula_weight          ? 
_struct.pdbx_formula_weight_method   ? 
_struct.pdbx_model_type_details      ? 
_struct.pdbx_CASP_flag               N 
# 
_struct_keywords.entry_id        6DCY 
_struct_keywords.text            'Inhibitor, Endonuclease, Influenza, PA domain, HYDROLASE-HYDROLASE INHIBITOR complex' 
_struct_keywords.pdbx_keywords   'HYDROLASE/HYDROLASE INHIBITOR' 
# 
loop_
_struct_asym.id 
_struct_asym.pdbx_blank_PDB_chainid_flag 
_struct_asym.pdbx_modified 
_struct_asym.entity_id 
_struct_asym.details 
A N N 1 ? 
B N N 2 ? 
C N N 2 ? 
D N N 3 ? 
E N N 4 ? 
# 
loop_
_struct_conf.conf_type_id 
_struct_conf.id 
_struct_conf.pdbx_PDB_helix_id 
_struct_conf.beg_label_comp_id 
_struct_conf.beg_label_asym_id 
_struct_conf.beg_label_seq_id 
_struct_conf.pdbx_beg_PDB_ins_code 
_struct_conf.end_label_comp_id 
_struct_conf.end_label_asym_id 
_struct_conf.end_label_seq_id 
_struct_conf.pdbx_end_PDB_ins_code 
_struct_conf.beg_auth_comp_id 
_struct_conf.beg_auth_asym_id 
_struct_conf.beg_auth_seq_id 
_struct_conf.end_auth_comp_id 
_struct_conf.end_auth_asym_id 
_struct_conf.end_auth_seq_id 
_struct_conf.pdbx_PDB_helix_class 
_struct_conf.details 
_struct_conf.pdbx_PDB_helix_length 
HELX_P HELX_P1 AA1 MET A 5   ? PHE A 15  ? MET A -1  PHE A 9   1 ? 11 
HELX_P HELX_P2 AA2 ASN A 16  ? TYR A 30  ? ASN A 10  TYR A 24  1 ? 15 
HELX_P HELX_P3 AA3 GLU A 37  ? PHE A 57  ? GLU A 31  PHE A 51  1 ? 21 
HELX_P HELX_P4 AA4 ASP A 77  ? GLY A 93  ? ASP A 83  GLY A 99  1 ? 17 
HELX_P HELX_P5 AA5 GLU A 120 ? ILE A 132 ? GLU A 126 ILE A 138 1 ? 13 
HELX_P HELX_P6 AA6 LYS A 152 ? ASP A 154 ? LYS A 158 ASP A 160 5 ? 3  
HELX_P HELX_P7 AA7 ASP A 158 ? ARG A 179 ? ASP A 164 ARG A 185 1 ? 22 
HELX_P HELX_P8 AA8 LEU A 181 ? SER A 188 ? LEU A 187 SER A 194 1 ? 8  
# 
_struct_conf_type.id          HELX_P 
_struct_conf_type.criteria    ? 
_struct_conf_type.reference   ? 
# 
loop_
_struct_conn.id 
_struct_conn.conn_type_id 
_struct_conn.pdbx_leaving_atom_flag 
_struct_conn.pdbx_PDB_id 
_struct_conn.ptnr1_label_asym_id 
_struct_conn.ptnr1_label_comp_id 
_struct_conn.ptnr1_label_seq_id 
_struct_conn.ptnr1_label_atom_id 
_struct_conn.pdbx_ptnr1_label_alt_id 
_struct_conn.pdbx_ptnr1_PDB_ins_code 
_struct_conn.pdbx_ptnr1_standard_comp_id 
_struct_conn.ptnr1_symmetry 
_struct_conn.ptnr2_label_asym_id 
_struct_conn.ptnr2_label_comp_id 
_struct_conn.ptnr2_label_seq_id 
_struct_conn.ptnr2_label_atom_id 
_struct_conn.pdbx_ptnr2_label_alt_id 
_struct_conn.pdbx_ptnr2_PDB_ins_code 
_struct_conn.ptnr1_auth_asym_id 
_struct_conn.ptnr1_auth_comp_id 
_struct_conn.ptnr1_auth_seq_id 
_struct_conn.ptnr2_auth_asym_id 
_struct_conn.ptnr2_auth_comp_id 
_struct_conn.ptnr2_auth_seq_id 
_struct_conn.ptnr2_symmetry 
_struct_conn.pdbx_ptnr3_label_atom_id 
_struct_conn.pdbx_ptnr3_label_seq_id 
_struct_conn.pdbx_ptnr3_label_comp_id 
_struct_conn.pdbx_ptnr3_label_asym_id 
_struct_conn.pdbx_ptnr3_label_alt_id 
_struct_conn.pdbx_ptnr3_PDB_ins_code 
_struct_conn.details 
_struct_conn.pdbx_dist_value 
_struct_conn.pdbx_value_order 
_struct_conn.pdbx_role 
metalc1  metalc ? ? A HIS 47  NE2 ? ? ? 1_555 B MN  . MN  ? ? A HIS 41  A MN  301 1_555 ? ? ? ? ? ? ? 2.216 ? ? 
metalc2  metalc ? ? A GLU 74  OE2 ? ? ? 1_555 C MN  . MN  ? ? A GLU 80  A MN  302 1_555 ? ? ? ? ? ? ? 2.165 ? ? 
metalc3  metalc ? ? A ASP 102 OD2 ? ? ? 1_555 B MN  . MN  ? ? A ASP 108 A MN  301 1_555 ? ? ? ? ? ? ? 2.072 ? ? 
metalc4  metalc ? ? A ASP 102 OD1 ? ? ? 1_555 C MN  . MN  ? ? A ASP 108 A MN  302 1_555 ? ? ? ? ? ? ? 2.123 ? ? 
metalc5  metalc ? ? A GLU 113 OE2 ? ? ? 1_555 B MN  . MN  ? ? A GLU 119 A MN  301 1_555 ? ? ? ? ? ? ? 2.148 ? ? 
metalc6  metalc ? ? A ILE 114 O   ? ? ? 1_555 B MN  . MN  ? ? A ILE 120 A MN  301 1_555 ? ? ? ? ? ? ? 2.142 ? ? 
metalc7  metalc ? ? B MN  .   MN  ? ? ? 1_555 D G5V . OAH ? ? A MN  301 A G5V 303 1_555 ? ? ? ? ? ? ? 2.027 ? ? 
metalc8  metalc ? ? B MN  .   MN  ? ? ? 1_555 D G5V . OAD ? ? A MN  301 A G5V 303 1_555 ? ? ? ? ? ? ? 2.265 ? ? 
metalc9  metalc ? ? C MN  .   MN  ? ? ? 1_555 D G5V . OAK ? ? A MN  302 A G5V 303 1_555 ? ? ? ? ? ? ? 2.668 ? ? 
metalc10 metalc ? ? C MN  .   MN  ? ? ? 1_555 D G5V . OAL ? ? A MN  302 A G5V 303 1_555 ? ? ? ? ? ? ? 2.361 ? ? 
metalc11 metalc ? ? C MN  .   MN  ? ? ? 1_555 D G5V . OAH ? ? A MN  302 A G5V 303 1_555 ? ? ? ? ? ? ? 2.265 ? ? 
metalc12 metalc ? ? C MN  .   MN  ? ? ? 1_555 E HOH . O   ? ? A MN  302 A HOH 403 1_555 ? ? ? ? ? ? ? 2.261 ? ? 
metalc13 metalc ? ? C MN  .   MN  ? ? ? 1_555 E HOH . O   ? ? A MN  302 A HOH 404 1_555 ? ? ? ? ? ? ? 2.336 ? ? 
# 
_struct_conn_type.id          metalc 
_struct_conn_type.criteria    ? 
_struct_conn_type.reference   ? 
# 
_struct_sheet.id               AA1 
_struct_sheet.type             ? 
_struct_sheet.number_strands   5 
_struct_sheet.details          ? 
# 
loop_
_struct_sheet_order.sheet_id 
_struct_sheet_order.range_id_1 
_struct_sheet_order.range_id_2 
_struct_sheet_order.offset 
_struct_sheet_order.sense 
AA1 1 2 ? anti-parallel 
AA1 2 3 ? anti-parallel 
AA1 3 4 ? parallel      
AA1 4 5 ? anti-parallel 
# 
loop_
_struct_sheet_range.sheet_id 
_struct_sheet_range.id 
_struct_sheet_range.beg_label_comp_id 
_struct_sheet_range.beg_label_asym_id 
_struct_sheet_range.beg_label_seq_id 
_struct_sheet_range.pdbx_beg_PDB_ins_code 
_struct_sheet_range.end_label_comp_id 
_struct_sheet_range.end_label_asym_id 
_struct_sheet_range.end_label_seq_id 
_struct_sheet_range.pdbx_end_PDB_ins_code 
_struct_sheet_range.beg_auth_comp_id 
_struct_sheet_range.beg_auth_asym_id 
_struct_sheet_range.beg_auth_seq_id 
_struct_sheet_range.end_auth_comp_id 
_struct_sheet_range.end_auth_asym_id 
_struct_sheet_range.end_auth_seq_id 
AA1 1 PHE A 70  ? ILE A 72  ? PHE A 76  ILE A 78  
AA1 2 LEU A 103 ? ASP A 105 ? LEU A 109 ASP A 111 
AA1 3 ARG A 110 ? THR A 117 ? ARG A 116 THR A 123 
AA1 4 HIS A 138 ? SER A 143 ? HIS A 144 SER A 149 
AA1 5 GLU A 148 ? ALA A 150 ? GLU A 154 ALA A 156 
# 
loop_
_pdbx_struct_sheet_hbond.sheet_id 
_pdbx_struct_sheet_hbond.range_id_1 
_pdbx_struct_sheet_hbond.range_id_2 
_pdbx_struct_sheet_hbond.range_1_label_atom_id 
_pdbx_struct_sheet_hbond.range_1_label_comp_id 
_pdbx_struct_sheet_hbond.range_1_label_asym_id 
_pdbx_struct_sheet_hbond.range_1_label_seq_id 
_pdbx_struct_sheet_hbond.range_1_PDB_ins_code 
_pdbx_struct_sheet_hbond.range_1_auth_atom_id 
_pdbx_struct_sheet_hbond.range_1_auth_comp_id 
_pdbx_struct_sheet_hbond.range_1_auth_asym_id 
_pdbx_struct_sheet_hbond.range_1_auth_seq_id 
_pdbx_struct_sheet_hbond.range_2_label_atom_id 
_pdbx_struct_sheet_hbond.range_2_label_comp_id 
_pdbx_struct_sheet_hbond.range_2_label_asym_id 
_pdbx_struct_sheet_hbond.range_2_label_seq_id 
_pdbx_struct_sheet_hbond.range_2_PDB_ins_code 
_pdbx_struct_sheet_hbond.range_2_auth_atom_id 
_pdbx_struct_sheet_hbond.range_2_auth_comp_id 
_pdbx_struct_sheet_hbond.range_2_auth_asym_id 
_pdbx_struct_sheet_hbond.range_2_auth_seq_id 
AA1 1 2 N GLU A 71  ? N GLU A 77  O TYR A 104 ? O TYR A 110 
AA1 2 3 N LEU A 103 ? N LEU A 109 O ILE A 112 ? O ILE A 118 
AA1 3 4 N GLU A 113 ? N GLU A 119 O HIS A 138 ? O HIS A 144 
AA1 4 5 N ILE A 141 ? N ILE A 147 O MET A 149 ? O MET A 155 
# 
loop_
_struct_site.id 
_struct_site.pdbx_evidence_code 
_struct_site.pdbx_auth_asym_id 
_struct_site.pdbx_auth_comp_id 
_struct_site.pdbx_auth_seq_id 
_struct_site.pdbx_auth_ins_code 
_struct_site.pdbx_num_residues 
_struct_site.details 
AC1 Software A MN  301 ? 5  'binding site for residue MN A 301'  
AC2 Software A MN  302 ? 5  'binding site for residue MN A 302'  
AC3 Software A G5V 303 ? 12 'binding site for residue G5V A 303' 
# 
loop_
_struct_site_gen.id 
_struct_site_gen.site_id 
_struct_site_gen.pdbx_num_res 
_struct_site_gen.label_comp_id 
_struct_site_gen.label_asym_id 
_struct_site_gen.label_seq_id 
_struct_site_gen.pdbx_auth_ins_code 
_struct_site_gen.auth_comp_id 
_struct_site_gen.auth_asym_id 
_struct_site_gen.auth_seq_id 
_struct_site_gen.label_atom_id 
_struct_site_gen.label_alt_id 
_struct_site_gen.symmetry 
_struct_site_gen.details 
1  AC1 5  HIS A 47  ? HIS A 41  . ? 1_555 ? 
2  AC1 5  ASP A 102 ? ASP A 108 . ? 1_555 ? 
3  AC1 5  GLU A 113 ? GLU A 119 . ? 1_555 ? 
4  AC1 5  ILE A 114 ? ILE A 120 . ? 1_555 ? 
5  AC1 5  G5V D .   ? G5V A 303 . ? 1_555 ? 
6  AC2 5  GLU A 74  ? GLU A 80  . ? 1_555 ? 
7  AC2 5  ASP A 102 ? ASP A 108 . ? 1_555 ? 
8  AC2 5  G5V D .   ? G5V A 303 . ? 1_555 ? 
9  AC2 5  HOH E .   ? HOH A 403 . ? 1_555 ? 
10 AC2 5  HOH E .   ? HOH A 404 . ? 1_555 ? 
11 AC3 12 HIS A 47  ? HIS A 41  . ? 1_555 ? 
12 AC3 12 GLU A 74  ? GLU A 80  . ? 1_555 ? 
13 AC3 12 LEU A 100 ? LEU A 106 . ? 1_555 ? 
14 AC3 12 ASP A 102 ? ASP A 108 . ? 1_555 ? 
15 AC3 12 GLU A 113 ? GLU A 119 . ? 1_555 ? 
16 AC3 12 ILE A 114 ? ILE A 120 . ? 1_555 ? 
17 AC3 12 LYS A 128 ? LYS A 134 . ? 1_555 ? 
18 AC3 12 MN  B .   ? MN  A 301 . ? 1_555 ? 
19 AC3 12 MN  C .   ? MN  A 302 . ? 1_555 ? 
20 AC3 12 HOH E .   ? HOH A 401 . ? 1_555 ? 
21 AC3 12 HOH E .   ? HOH A 403 . ? 1_555 ? 
22 AC3 12 HOH E .   ? HOH A 406 . ? 1_555 ? 
# 
_atom_sites.entry_id                    6DCY 
_atom_sites.fract_transf_matrix[1][1]   -0.00707885 
_atom_sites.fract_transf_matrix[1][2]   0.00681398 
_atom_sites.fract_transf_matrix[1][3]   0.01170981 
_atom_sites.fract_transf_matrix[2][1]   0.00229493 
_atom_sites.fract_transf_matrix[2][2]   -0.00498672 
_atom_sites.fract_transf_matrix[2][3]   0.01426631 
_atom_sites.fract_transf_matrix[3][1]   0.00638853 
_atom_sites.fract_transf_matrix[3][2]   0.00524956 
_atom_sites.fract_transf_matrix[3][3]   0.00080727 
_atom_sites.fract_transf_vector[1]      -0.192365 
_atom_sites.fract_transf_vector[2]      0.218243 
_atom_sites.fract_transf_vector[3]      1.078908 
# 
loop_
_atom_type.symbol 
C  
MN 
N  
O  
S  
# 
loop_
_atom_site.group_PDB 
_atom_site.id 
_atom_site.type_symbol 
_atom_site.label_atom_id 
_atom_site.label_alt_id 
_atom_site.label_comp_id 
_atom_site.label_asym_id 
_atom_site.label_entity_id 
_atom_site.label_seq_id 
_atom_site.pdbx_PDB_ins_code 
_atom_site.Cartn_x 
_atom_site.Cartn_y 
_atom_site.Cartn_z 
_atom_site.occupancy 
_atom_site.B_iso_or_equiv 
_atom_site.pdbx_formal_charge 
_atom_site.auth_seq_id 
_atom_site.auth_comp_id 
_atom_site.auth_asym_id 
_atom_site.auth_atom_id 
_atom_site.pdbx_PDB_model_num 
ATOM   1    N  N   . MET A 1 5   ? 21.394  -1.475  -8.068  1.00 63.29  ? -1  MET A N   1 
ATOM   2    C  CA  . MET A 1 5   ? 21.369  -1.196  -9.541  1.00 67.27  ? -1  MET A CA  1 
ATOM   3    C  C   . MET A 1 5   ? 20.418  -2.193  -10.205 1.00 56.31  ? -1  MET A C   1 
ATOM   4    O  O   . MET A 1 5   ? 19.558  -1.792  -10.968 1.00 60.53  ? -1  MET A O   1 
ATOM   5    C  CB  . MET A 1 5   ? 22.755  -1.321  -10.196 1.00 69.53  ? -1  MET A CB  1 
ATOM   6    C  CG  . MET A 1 5   ? 23.076  -0.225  -11.227 1.00 78.00  ? -1  MET A CG  1 
ATOM   7    S  SD  . MET A 1 5   ? 21.759  0.186   -12.444 1.00 95.69  ? -1  MET A SD  1 
ATOM   8    C  CE  . MET A 1 5   ? 22.423  1.672   -13.205 1.00 85.89  ? -1  MET A CE  1 
ATOM   9    N  N   . ALA A 1 6   ? 20.622  -3.489  -9.938  1.00 52.57  ? 0   ALA A N   1 
ATOM   10   C  CA  . ALA A 1 6   ? 19.724  -4.530  -10.427 1.00 47.31  ? 0   ALA A CA  1 
ATOM   11   C  C   . ALA A 1 6   ? 18.338  -4.246  -9.854  1.00 43.17  ? 0   ALA A C   1 
ATOM   12   O  O   . ALA A 1 6   ? 17.362  -4.236  -10.579 1.00 49.90  ? 0   ALA A O   1 
ATOM   13   C  CB  . ALA A 1 6   ? 20.225  -5.903  -10.058 1.00 46.39  ? 0   ALA A CB  1 
ATOM   14   N  N   . MET A 1 7   ? 18.291  -3.877  -8.573  1.00 41.52  ? 1   MET A N   1 
ATOM   15   C  CA  . MET A 1 7   ? 17.021  -3.580  -7.941  1.00 42.79  ? 1   MET A CA  1 
ATOM   16   C  C   . MET A 1 7   ? 16.378  -2.355  -8.600  1.00 40.81  ? 1   MET A C   1 
ATOM   17   O  O   . MET A 1 7   ? 15.154  -2.305  -8.802  1.00 39.96  ? 1   MET A O   1 
ATOM   18   C  CB  . MET A 1 7   ? 17.137  -3.368  -6.434  1.00 37.32  ? 1   MET A CB  1 
ATOM   19   C  CG  . MET A 1 7   ? 15.787  -3.060  -5.768  1.00 40.24  ? 1   MET A CG  1 
ATOM   20   S  SD  . MET A 1 7   ? 14.523  -4.358  -6.037  1.00 40.22  ? 1   MET A SD  1 
ATOM   21   C  CE  . MET A 1 7   ? 14.667  -5.233  -4.482  1.00 41.07  ? 1   MET A CE  1 
ATOM   22   N  N   . GLU A 1 8   ? 17.183  -1.368  -8.963  1.00 40.13  ? 2   GLU A N   1 
ATOM   23   C  CA  . GLU A 1 8   ? 16.621  -0.183  -9.614  1.00 41.60  ? 2   GLU A CA  1 
ATOM   24   C  C   . GLU A 1 8   ? 16.049  -0.533  -11.004 1.00 42.17  ? 2   GLU A C   1 
ATOM   25   O  O   . GLU A 1 8   ? 14.991  -0.027  -11.383 1.00 45.55  ? 2   GLU A O   1 
ATOM   26   C  CB  . GLU A 1 8   ? 17.674  0.920   -9.690  1.00 46.95  ? 2   GLU A CB  1 
ATOM   27   C  CG  . GLU A 1 8   ? 17.060  2.264   -10.021 1.00 50.88  ? 2   GLU A CG  1 
ATOM   28   C  CD  . GLU A 1 8   ? 18.050  3.284   -10.545 1.00 53.59  ? 2   GLU A CD  1 
ATOM   29   O  OE1 . GLU A 1 8   ? 19.230  3.213   -10.130 1.00 50.55  ? 2   GLU A OE1 1 
ATOM   30   O  OE2 . GLU A 1 8   ? 17.631  4.152   -11.349 1.00 53.45  ? 2   GLU A OE2 1 
ATOM   31   N  N   . ASP A 1 9   ? 16.737  -1.403  -11.759 1.00 39.92  ? 3   ASP A N   1 
ATOM   32   C  CA  . ASP A 1 9   ? 16.262  -1.853  -13.079 1.00 43.78  ? 3   ASP A CA  1 
ATOM   33   C  C   . ASP A 1 9   ? 14.957  -2.639  -12.897 1.00 41.89  ? 3   ASP A C   1 
ATOM   34   O  O   . ASP A 1 9   ? 13.995  -2.413  -13.604 1.00 43.32  ? 3   ASP A O   1 
ATOM   35   C  CB  . ASP A 1 9   ? 17.273  -2.770  -13.763 1.00 49.27  ? 3   ASP A CB  1 
ATOM   36   C  CG  . ASP A 1 9   ? 18.560  -2.076  -14.140 1.00 52.24  ? 3   ASP A CG  1 
ATOM   37   O  OD1 . ASP A 1 9   ? 18.584  -0.838  -14.095 1.00 47.45  ? 3   ASP A OD1 1 
ATOM   38   O  OD2 . ASP A 1 9   ? 19.519  -2.790  -14.481 1.00 61.46  ? 3   ASP A OD2 1 
ATOM   39   N  N   . PHE A 1 10  ? 14.936  -3.546  -11.914 1.00 37.93  ? 4   PHE A N   1 
ATOM   40   C  CA  . PHE A 1 10  ? 13.741  -4.333  -11.638 1.00 38.47  ? 4   PHE A CA  1 
ATOM   41   C  C   . PHE A 1 10  ? 12.533  -3.399  -11.457 1.00 35.51  ? 4   PHE A C   1 
ATOM   42   O  O   . PHE A 1 10  ? 11.473  -3.604  -12.065 1.00 37.96  ? 4   PHE A O   1 
ATOM   43   C  CB  . PHE A 1 10  ? 13.968  -5.295  -10.465 1.00 40.22  ? 4   PHE A CB  1 
ATOM   44   C  CG  . PHE A 1 10  ? 12.664  -5.744  -9.869  1.00 37.78  ? 4   PHE A CG  1 
ATOM   45   C  CD1 . PHE A 1 10  ? 11.901  -6.726  -10.486 1.00 39.46  ? 4   PHE A CD1 1 
ATOM   46   C  CD2 . PHE A 1 10  ? 12.142  -5.088  -8.779  1.00 37.37  ? 4   PHE A CD2 1 
ATOM   47   C  CE1 . PHE A 1 10  ? 10.662  -7.083  -9.982  1.00 36.26  ? 4   PHE A CE1 1 
ATOM   48   C  CE2 . PHE A 1 10  ? 10.896  -5.440  -8.281  1.00 44.98  ? 4   PHE A CE2 1 
ATOM   49   C  CZ  . PHE A 1 10  ? 10.153  -6.424  -8.890  1.00 42.34  ? 4   PHE A CZ  1 
ATOM   50   N  N   . VAL A 1 11  ? 12.683  -2.366  -10.627 1.00 35.47  ? 5   VAL A N   1 
ATOM   51   C  CA  . VAL A 1 11  ? 11.578  -1.468  -10.322 1.00 34.78  ? 5   VAL A CA  1 
ATOM   52   C  C   . VAL A 1 11  ? 11.077  -0.795  -11.608 1.00 42.28  ? 5   VAL A C   1 
ATOM   53   O  O   . VAL A 1 11  ? 9.877   -0.765  -11.891 1.00 39.17  ? 5   VAL A O   1 
ATOM   54   C  CB  . VAL A 1 11  ? 11.989  -0.435  -9.278  1.00 36.23  ? 5   VAL A CB  1 
ATOM   55   C  CG1 . VAL A 1 11  ? 10.982  0.698   -9.177  1.00 39.30  ? 5   VAL A CG1 1 
ATOM   56   C  CG2 . VAL A 1 11  ? 12.203  -1.081  -7.924  1.00 39.68  ? 5   VAL A CG2 1 
ATOM   57   N  N   . ARG A 1 12  ? 12.004  -0.262  -12.399 1.00 44.39  ? 6   ARG A N   1 
ATOM   58   C  CA  . ARG A 1 12  ? 11.631  0.416   -13.627 1.00 48.05  ? 6   ARG A CA  1 
ATOM   59   C  C   . ARG A 1 12  ? 11.022  -0.572  -14.620 1.00 41.55  ? 6   ARG A C   1 
ATOM   60   O  O   . ARG A 1 12  ? 10.298  -0.189  -15.476 1.00 42.65  ? 6   ARG A O   1 
ATOM   61   C  CB  . ARG A 1 12  ? 12.846  1.108   -14.257 1.00 47.27  ? 6   ARG A CB  1 
ATOM   62   C  CG  . ARG A 1 12  ? 13.405  2.235   -13.404 1.00 54.14  ? 6   ARG A CG  1 
ATOM   63   C  CD  . ARG A 1 12  ? 13.706  3.505   -14.187 1.00 62.53  ? 6   ARG A CD  1 
ATOM   64   N  NE  . ARG A 1 12  ? 13.542  4.664   -13.318 1.00 64.43  ? 6   ARG A NE  1 
ATOM   65   C  CZ  . ARG A 1 12  ? 14.347  4.940   -12.302 1.00 62.88  ? 6   ARG A CZ  1 
ATOM   66   N  NH1 . ARG A 1 12  ? 15.411  4.187   -12.093 1.00 61.10  ? 6   ARG A NH1 1 
ATOM   67   N  NH2 . ARG A 1 12  ? 14.086  5.956   -11.502 1.00 54.30  ? 6   ARG A NH2 1 
ATOM   68   N  N   . GLN A 1 13  ? 11.414  -1.839  -14.572 1.00 46.51  ? 7   GLN A N   1 
ATOM   69   C  CA  . GLN A 1 13  ? 10.950  -2.743  -15.592 1.00 46.17  ? 7   GLN A CA  1 
ATOM   70   C  C   . GLN A 1 13  ? 9.597   -3.333  -15.197 1.00 47.27  ? 7   GLN A C   1 
ATOM   71   O  O   . GLN A 1 13  ? 8.856   -3.691  -16.069 1.00 52.39  ? 7   GLN A O   1 
ATOM   72   C  CB  . GLN A 1 13  ? 12.011  -3.794  -15.881 1.00 53.00  ? 7   GLN A CB  1 
ATOM   73   C  CG  . GLN A 1 13  ? 13.146  -3.228  -16.721 1.00 59.19  ? 7   GLN A CG  1 
ATOM   74   C  CD  . GLN A 1 13  ? 14.384  -4.084  -16.659 1.00 63.43  ? 7   GLN A CD  1 
ATOM   75   O  OE1 . GLN A 1 13  ? 14.328  -5.281  -16.376 1.00 64.98  ? 7   GLN A OE1 1 
ATOM   76   N  NE2 . GLN A 1 13  ? 15.519  -3.457  -16.908 1.00 62.72  ? 7   GLN A NE2 1 
ATOM   77   N  N   . CYS A 1 14  ? 9.257   -3.385  -13.896 1.00 52.35  ? 8   CYS A N   1 
ATOM   78   C  CA  . CYS A 1 14  ? 8.117   -4.228  -13.459 1.00 46.66  ? 8   CYS A CA  1 
ATOM   79   C  C   . CYS A 1 14  ? 6.945   -3.412  -12.898 1.00 47.10  ? 8   CYS A C   1 
ATOM   80   O  O   . CYS A 1 14  ? 5.878   -3.962  -12.696 1.00 47.14  ? 8   CYS A O   1 
ATOM   81   C  CB  . CYS A 1 14  ? 8.588   -5.311  -12.503 1.00 50.26  ? 8   CYS A CB  1 
ATOM   82   S  SG  . CYS A 1 14  ? 9.720   -6.468  -13.317 1.00 62.59  ? 8   CYS A SG  1 
ATOM   83   N  N   . PHE A 1 15  ? 7.118   -2.109  -12.678 1.00 39.45  ? 9   PHE A N   1 
ATOM   84   C  CA  . PHE A 1 15  ? 5.996   -1.278  -12.279 1.00 38.79  ? 9   PHE A CA  1 
ATOM   85   C  C   . PHE A 1 15  ? 5.646   -0.303  -13.399 1.00 40.08  ? 9   PHE A C   1 
ATOM   86   O  O   . PHE A 1 15  ? 6.557   0.189   -14.075 1.00 45.93  ? 9   PHE A O   1 
ATOM   87   C  CB  . PHE A 1 15  ? 6.344   -0.521  -11.003 1.00 36.21  ? 9   PHE A CB  1 
ATOM   88   C  CG  . PHE A 1 15  ? 6.494   -1.450  -9.837  1.00 33.20  ? 9   PHE A CG  1 
ATOM   89   C  CD1 . PHE A 1 15  ? 5.373   -1.902  -9.162  1.00 33.51  ? 9   PHE A CD1 1 
ATOM   90   C  CD2 . PHE A 1 15  ? 7.742   -1.922  -9.464  1.00 34.96  ? 9   PHE A CD2 1 
ATOM   91   C  CE1 . PHE A 1 15  ? 5.508   -2.779  -8.098  1.00 33.76  ? 9   PHE A CE1 1 
ATOM   92   C  CE2 . PHE A 1 15  ? 7.868   -2.842  -8.433  1.00 36.69  ? 9   PHE A CE2 1 
ATOM   93   C  CZ  . PHE A 1 15  ? 6.746   -3.268  -7.758  1.00 34.37  ? 9   PHE A CZ  1 
ATOM   94   N  N   . ASN A 1 16  ? 4.362   0.016   -13.562 1.00 42.25  ? 10  ASN A N   1 
ATOM   95   C  CA  . ASN A 1 16  ? 3.983   0.916   -14.639 1.00 50.33  ? 10  ASN A CA  1 
ATOM   96   C  C   . ASN A 1 16  ? 4.592   2.276   -14.317 1.00 49.70  ? 10  ASN A C   1 
ATOM   97   O  O   . ASN A 1 16  ? 4.835   2.595   -13.160 1.00 47.83  ? 10  ASN A O   1 
ATOM   98   C  CB  . ASN A 1 16  ? 2.479   0.951   -14.920 1.00 55.99  ? 10  ASN A CB  1 
ATOM   99   C  CG  . ASN A 1 16  ? 1.718   1.972   -14.107 1.00 64.57  ? 10  ASN A CG  1 
ATOM   100  O  OD1 . ASN A 1 16  ? 2.137   3.118   -13.968 1.00 68.60  ? 10  ASN A OD1 1 
ATOM   101  N  ND2 . ASN A 1 16  ? 0.565   1.572   -13.597 1.00 70.26  ? 10  ASN A ND2 1 
ATOM   102  N  N   . PRO A 1 17  ? 4.932   3.093   -15.337 1.00 50.31  ? 11  PRO A N   1 
ATOM   103  C  CA  . PRO A 1 17  ? 5.720   4.306   -15.107 1.00 45.92  ? 11  PRO A CA  1 
ATOM   104  C  C   . PRO A 1 17  ? 5.072   5.353   -14.195 1.00 37.39  ? 11  PRO A C   1 
ATOM   105  O  O   . PRO A 1 17  ? 5.763   6.120   -13.584 1.00 39.29  ? 11  PRO A O   1 
ATOM   106  C  CB  . PRO A 1 17  ? 5.925   4.902   -16.513 1.00 49.31  ? 11  PRO A CB  1 
ATOM   107  C  CG  . PRO A 1 17  ? 5.656   3.749   -17.475 1.00 49.95  ? 11  PRO A CG  1 
ATOM   108  C  CD  . PRO A 1 17  ? 4.681   2.833   -16.764 1.00 48.91  ? 11  PRO A CD  1 
ATOM   109  N  N   . MET A 1 18  ? 3.746   5.400   -14.120 1.00 42.00  ? 12  MET A N   1 
ATOM   110  C  CA  . MET A 1 18  ? 3.064   6.319   -13.198 1.00 45.24  ? 12  MET A CA  1 
ATOM   111  C  C   . MET A 1 18  ? 3.405   5.955   -11.738 1.00 39.65  ? 12  MET A C   1 
ATOM   112  O  O   . MET A 1 18  ? 3.572   6.822   -10.907 1.00 35.12  ? 12  MET A O   1 
ATOM   113  C  CB  . MET A 1 18  ? 1.545   6.272   -13.374 1.00 51.53  ? 12  MET A CB  1 
ATOM   114  C  CG  . MET A 1 18  ? 0.813   7.201   -12.432 1.00 63.68  ? 12  MET A CG  1 
ATOM   115  S  SD  . MET A 1 18  ? -0.966  7.282   -12.766 1.00 90.48  ? 12  MET A SD  1 
ATOM   116  C  CE  . MET A 1 18  ? -1.653  6.430   -11.346 1.00 78.29  ? 12  MET A CE  1 
ATOM   117  N  N   . ILE A 1 19  ? 3.500   4.664   -11.421 1.00 41.85  ? 13  ILE A N   1 
ATOM   118  C  CA  . ILE A 1 19  ? 3.769   4.265   -10.015 1.00 44.96  ? 13  ILE A CA  1 
ATOM   119  C  C   . ILE A 1 19  ? 5.210   4.684   -9.679  1.00 40.49  ? 13  ILE A C   1 
ATOM   120  O  O   . ILE A 1 19  ? 5.464   5.314   -8.659  1.00 37.23  ? 13  ILE A O   1 
ATOM   121  C  CB  . ILE A 1 19  ? 3.449   2.772   -9.783  1.00 46.54  ? 13  ILE A CB  1 
ATOM   122  C  CG1 . ILE A 1 19  ? 1.934   2.559   -9.667  1.00 48.92  ? 13  ILE A CG1 1 
ATOM   123  C  CG2 . ILE A 1 19  ? 4.188   2.222   -8.558  1.00 48.53  ? 13  ILE A CG2 1 
ATOM   124  C  CD1 . ILE A 1 19  ? 1.482   1.154   -9.935  1.00 51.25  ? 13  ILE A CD1 1 
ATOM   125  N  N   . VAL A 1 20  ? 6.121   4.430   -10.620 1.00 37.22  ? 14  VAL A N   1 
ATOM   126  C  CA  . VAL A 1 20  ? 7.524   4.704   -10.443 1.00 40.58  ? 14  VAL A CA  1 
ATOM   127  C  C   . VAL A 1 20  ? 7.717   6.209   -10.204 1.00 44.15  ? 14  VAL A C   1 
ATOM   128  O  O   . VAL A 1 20  ? 8.423   6.619   -9.274  1.00 40.24  ? 14  VAL A O   1 
ATOM   129  C  CB  . VAL A 1 20  ? 8.317   4.204   -11.663 1.00 37.88  ? 14  VAL A CB  1 
ATOM   130  C  CG1 . VAL A 1 20  ? 9.772   4.618   -11.596 1.00 40.15  ? 14  VAL A CG1 1 
ATOM   131  C  CG2 . VAL A 1 20  ? 8.188   2.697   -11.846 1.00 38.05  ? 14  VAL A CG2 1 
ATOM   132  N  N   . GLU A 1 21  ? 7.063   7.033   -11.032 1.00 39.14  ? 15  GLU A N   1 
ATOM   133  C  CA  . GLU A 1 21  ? 7.195   8.489   -10.942 1.00 42.50  ? 15  GLU A CA  1 
ATOM   134  C  C   . GLU A 1 21  ? 6.691   8.972   -9.571  1.00 38.01  ? 15  GLU A C   1 
ATOM   135  O  O   . GLU A 1 21  ? 7.348   9.768   -8.893  1.00 33.09  ? 15  GLU A O   1 
ATOM   136  C  CB  . GLU A 1 21  ? 6.453   9.142   -12.116 1.00 47.75  ? 15  GLU A CB  1 
ATOM   137  C  CG  . GLU A 1 21  ? 6.610   10.654  -12.180 1.00 51.83  ? 15  GLU A CG  1 
ATOM   138  C  CD  . GLU A 1 21  ? 6.350   11.275  -13.552 1.00 62.54  ? 15  GLU A CD  1 
ATOM   139  O  OE1 . GLU A 1 21  ? 7.106   10.973  -14.506 1.00 60.13  ? 15  GLU A OE1 1 
ATOM   140  O  OE2 . GLU A 1 21  ? 5.391   12.066  -13.678 1.00 68.17  ? 15  GLU A OE2 1 
ATOM   141  N  N   . LEU A 1 22  ? 5.520   8.475   -9.154  1.00 40.23  ? 16  LEU A N   1 
ATOM   142  C  CA  . LEU A 1 22  ? 4.982   8.810   -7.850  1.00 43.45  ? 16  LEU A CA  1 
ATOM   143  C  C   . LEU A 1 22  ? 5.967   8.392   -6.742  1.00 45.47  ? 16  LEU A C   1 
ATOM   144  O  O   . LEU A 1 22  ? 6.298   9.222   -5.889  1.00 42.37  ? 16  LEU A O   1 
ATOM   145  C  CB  . LEU A 1 22  ? 3.594   8.177   -7.684  1.00 48.68  ? 16  LEU A CB  1 
ATOM   146  C  CG  . LEU A 1 22  ? 2.499   8.779   -8.571  1.00 49.74  ? 16  LEU A CG  1 
ATOM   147  C  CD1 . LEU A 1 22  ? 1.152   8.140   -8.307  1.00 48.22  ? 16  LEU A CD1 1 
ATOM   148  C  CD2 . LEU A 1 22  ? 2.396   10.284  -8.371  1.00 49.68  ? 16  LEU A CD2 1 
ATOM   149  N  N   . ALA A 1 23  ? 6.467   7.147   -6.770  1.00 41.18  ? 17  ALA A N   1 
ATOM   150  C  CA  . ALA A 1 23  ? 7.378   6.669   -5.716  1.00 41.19  ? 17  ALA A CA  1 
ATOM   151  C  C   . ALA A 1 23  ? 8.651   7.531   -5.696  1.00 41.43  ? 17  ALA A C   1 
ATOM   152  O  O   . ALA A 1 23  ? 9.103   7.962   -4.640  1.00 38.64  ? 17  ALA A O   1 
ATOM   153  C  CB  . ALA A 1 23  ? 7.702   5.207   -5.901  1.00 38.74  ? 17  ALA A CB  1 
ATOM   154  N  N   . GLU A 1 24  ? 9.204   7.782   -6.883  1.00 44.72  ? 18  GLU A N   1 
ATOM   155  C  CA  . GLU A 1 24  ? 10.417  8.576   -7.037  1.00 47.78  ? 18  GLU A CA  1 
ATOM   156  C  C   . GLU A 1 24  ? 10.221  9.960   -6.416  1.00 53.04  ? 18  GLU A C   1 
ATOM   157  O  O   . GLU A 1 24  ? 10.996  10.341  -5.549  1.00 49.67  ? 18  GLU A O   1 
ATOM   158  C  CB  . GLU A 1 24  ? 10.807  8.732   -8.499  1.00 50.49  ? 18  GLU A CB  1 
ATOM   159  C  CG  . GLU A 1 24  ? 11.783  7.678   -8.932  1.00 56.66  ? 18  GLU A CG  1 
ATOM   160  C  CD  . GLU A 1 24  ? 12.645  8.077   -10.106 1.00 59.46  ? 18  GLU A CD  1 
ATOM   161  O  OE1 . GLU A 1 24  ? 12.186  7.890   -11.244 1.00 60.08  ? 18  GLU A OE1 1 
ATOM   162  O  OE2 . GLU A 1 24  ? 13.784  8.541   -9.866  1.00 65.13  ? 18  GLU A OE2 1 
ATOM   163  N  N   . LYS A 1 25  ? 9.177   10.672  -6.859  1.00 58.27  ? 19  LYS A N   1 
ATOM   164  C  CA  . LYS A 1 25  ? 8.871   12.031  -6.393  1.00 58.62  ? 19  LYS A CA  1 
ATOM   165  C  C   . LYS A 1 25  ? 8.880   12.038  -4.857  1.00 59.27  ? 19  LYS A C   1 
ATOM   166  O  O   . LYS A 1 25  ? 9.654   12.783  -4.235  1.00 56.94  ? 19  LYS A O   1 
ATOM   167  C  CB  . LYS A 1 25  ? 7.543   12.522  -6.979  1.00 69.41  ? 19  LYS A CB  1 
ATOM   168  C  CG  . LYS A 1 25  ? 7.138   13.931  -6.553  1.00 76.48  ? 19  LYS A CG  1 
ATOM   169  C  CD  . LYS A 1 25  ? 6.152   14.633  -7.478  1.00 79.51  ? 19  LYS A CD  1 
ATOM   170  C  CE  . LYS A 1 25  ? 4.705   14.258  -7.242  1.00 85.65  ? 19  LYS A CE  1 
ATOM   171  N  NZ  . LYS A 1 25  ? 4.231   14.697  -5.907  1.00 93.26  ? 19  LYS A NZ  1 
ATOM   172  N  N   . ALA A 1 26  ? 8.084   11.143  -4.257  1.00 52.67  ? 20  ALA A N   1 
ATOM   173  C  CA  . ALA A 1 26  ? 7.950   11.055  -2.815  1.00 51.32  ? 20  ALA A CA  1 
ATOM   174  C  C   . ALA A 1 26  ? 9.335   10.968  -2.156  1.00 55.31  ? 20  ALA A C   1 
ATOM   175  O  O   . ALA A 1 26  ? 9.663   11.742  -1.254  1.00 56.30  ? 20  ALA A O   1 
ATOM   176  C  CB  . ALA A 1 26  ? 7.079   9.874   -2.460  1.00 48.49  ? 20  ALA A CB  1 
ATOM   177  N  N   . MET A 1 27  ? 10.162  10.033  -2.630  1.00 52.45  ? 21  MET A N   1 
ATOM   178  C  CA  . MET A 1 27  ? 11.454  9.808   -2.025  1.00 52.56  ? 21  MET A CA  1 
ATOM   179  C  C   . MET A 1 27  ? 12.316  11.080  -2.102  1.00 53.96  ? 21  MET A C   1 
ATOM   180  O  O   . MET A 1 27  ? 12.822  11.504  -1.064  1.00 59.23  ? 21  MET A O   1 
ATOM   181  C  CB  . MET A 1 27  ? 12.176  8.621   -2.664  1.00 45.28  ? 21  MET A CB  1 
ATOM   182  C  CG  . MET A 1 27  ? 11.554  7.301   -2.294  1.00 44.47  ? 21  MET A CG  1 
ATOM   183  S  SD  . MET A 1 27  ? 12.481  5.921   -2.972  1.00 43.87  ? 21  MET A SD  1 
ATOM   184  C  CE  . MET A 1 27  ? 13.831  5.861   -1.797  1.00 43.21  ? 21  MET A CE  1 
ATOM   185  N  N   . LYS A 1 28  ? 12.444  11.705  -3.284  1.00 57.16  ? 22  LYS A N   1 
ATOM   186  C  CA  . LYS A 1 28  ? 13.383  12.863  -3.437  1.00 66.11  ? 22  LYS A CA  1 
ATOM   187  C  C   . LYS A 1 28  ? 12.807  14.148  -2.821  1.00 66.23  ? 22  LYS A C   1 
ATOM   188  O  O   . LYS A 1 28  ? 13.569  15.065  -2.573  1.00 72.28  ? 22  LYS A O   1 
ATOM   189  C  CB  . LYS A 1 28  ? 13.837  13.187  -4.867  1.00 69.14  ? 22  LYS A CB  1 
ATOM   190  C  CG  . LYS A 1 28  ? 13.094  12.534  -6.020  1.00 76.06  ? 22  LYS A CG  1 
ATOM   191  C  CD  . LYS A 1 28  ? 13.572  11.121  -6.319  1.00 80.15  ? 22  LYS A CD  1 
ATOM   192  C  CE  . LYS A 1 28  ? 14.971  11.059  -6.895  1.00 84.10  ? 22  LYS A CE  1 
ATOM   193  N  NZ  . LYS A 1 28  ? 15.094  11.862  -8.131  1.00 82.50  ? 22  LYS A NZ  1 
ATOM   194  N  N   . GLU A 1 29  ? 11.497  14.222  -2.567  1.00 62.54  ? 23  GLU A N   1 
ATOM   195  C  CA  . GLU A 1 29  ? 10.966  15.312  -1.737  1.00 65.01  ? 23  GLU A CA  1 
ATOM   196  C  C   . GLU A 1 29  ? 11.521  15.181  -0.308  1.00 64.28  ? 23  GLU A C   1 
ATOM   197  O  O   . GLU A 1 29  ? 11.852  16.176  0.308   1.00 62.73  ? 23  GLU A O   1 
ATOM   198  C  CB  . GLU A 1 29  ? 9.438   15.358  -1.789  1.00 68.63  ? 23  GLU A CB  1 
ATOM   199  C  CG  . GLU A 1 29  ? 8.914   15.997  -3.065  1.00 71.43  ? 23  GLU A CG  1 
ATOM   200  C  CD  . GLU A 1 29  ? 7.414   16.232  -3.138  1.00 77.39  ? 23  GLU A CD  1 
ATOM   201  O  OE1 . GLU A 1 29  ? 6.709   15.912  -2.166  1.00 73.11  ? 23  GLU A OE1 1 
ATOM   202  O  OE2 . GLU A 1 29  ? 6.950   16.734  -4.186  1.00 84.54  ? 23  GLU A OE2 1 
ATOM   203  N  N   . TYR A 1 30  ? 11.712  13.950  0.178   1.00 64.90  ? 24  TYR A N   1 
ATOM   204  C  CA  . TYR A 1 30  ? 12.176  13.725  1.558   1.00 68.08  ? 24  TYR A CA  1 
ATOM   205  C  C   . TYR A 1 30  ? 13.672  13.367  1.605   1.00 66.78  ? 24  TYR A C   1 
ATOM   206  O  O   . TYR A 1 30  ? 14.135  12.757  2.551   1.00 67.55  ? 24  TYR A O   1 
ATOM   207  C  CB  . TYR A 1 30  ? 11.274  12.672  2.205   1.00 71.51  ? 24  TYR A CB  1 
ATOM   208  C  CG  . TYR A 1 30  ? 9.807   13.009  2.091   1.00 77.97  ? 24  TYR A CG  1 
ATOM   209  C  CD1 . TYR A 1 30  ? 9.325   14.240  2.511   1.00 80.38  ? 24  TYR A CD1 1 
ATOM   210  C  CD2 . TYR A 1 30  ? 8.894   12.115  1.547   1.00 87.37  ? 24  TYR A CD2 1 
ATOM   211  C  CE1 . TYR A 1 30  ? 7.984   14.574  2.398   1.00 80.46  ? 24  TYR A CE1 1 
ATOM   212  C  CE2 . TYR A 1 30  ? 7.548   12.431  1.427   1.00 80.91  ? 24  TYR A CE2 1 
ATOM   213  C  CZ  . TYR A 1 30  ? 7.092   13.669  1.852   1.00 82.65  ? 24  TYR A CZ  1 
ATOM   214  O  OH  . TYR A 1 30  ? 5.775   14.007  1.749   1.00 79.61  ? 24  TYR A OH  1 
ATOM   215  N  N   . GLY A 1 31  ? 14.428  13.758  0.573   1.00 66.92  ? 25  GLY A N   1 
ATOM   216  C  CA  . GLY A 1 31  ? 15.883  13.654  0.557   1.00 61.22  ? 25  GLY A CA  1 
ATOM   217  C  C   . GLY A 1 31  ? 16.398  12.232  0.394   1.00 62.62  ? 25  GLY A C   1 
ATOM   218  O  O   . GLY A 1 31  ? 17.552  11.952  0.704   1.00 57.42  ? 25  GLY A O   1 
ATOM   219  N  N   . GLU A 1 32  ? 15.559  11.325  -0.113  1.00 64.96  ? 26  GLU A N   1 
ATOM   220  C  CA  . GLU A 1 32  ? 15.959  9.937   -0.284  1.00 62.32  ? 26  GLU A CA  1 
ATOM   221  C  C   . GLU A 1 32  ? 16.240  9.664   -1.766  1.00 59.55  ? 26  GLU A C   1 
ATOM   222  O  O   . GLU A 1 32  ? 15.422  9.974   -2.632  1.00 57.36  ? 26  GLU A O   1 
ATOM   223  C  CB  . GLU A 1 32  ? 14.872  9.014   0.254   1.00 65.99  ? 26  GLU A CB  1 
ATOM   224  C  CG  . GLU A 1 32  ? 14.381  9.443   1.615   1.00 69.39  ? 26  GLU A CG  1 
ATOM   225  C  CD  . GLU A 1 32  ? 13.912  8.311   2.506   1.00 72.66  ? 26  GLU A CD  1 
ATOM   226  O  OE1 . GLU A 1 32  ? 14.630  7.283   2.599   1.00 90.02  ? 26  GLU A OE1 1 
ATOM   227  O  OE2 . GLU A 1 32  ? 12.841  8.467   3.113   1.00 69.23  ? 26  GLU A OE2 1 
ATOM   228  N  N   . ASP A 1 33  ? 17.404  9.059   -2.023  1.00 53.75  ? 27  ASP A N   1 
ATOM   229  C  CA  . ASP A 1 33  ? 17.818  8.669   -3.348  1.00 48.83  ? 27  ASP A CA  1 
ATOM   230  C  C   . ASP A 1 33  ? 17.340  7.248   -3.646  1.00 48.55  ? 27  ASP A C   1 
ATOM   231  O  O   . ASP A 1 33  ? 17.835  6.288   -3.061  1.00 39.61  ? 27  ASP A O   1 
ATOM   232  C  CB  . ASP A 1 33  ? 19.340  8.733   -3.493  1.00 48.57  ? 27  ASP A CB  1 
ATOM   233  C  CG  . ASP A 1 33  ? 19.808  8.691   -4.936  1.00 50.90  ? 27  ASP A CG  1 
ATOM   234  O  OD1 . ASP A 1 33  ? 19.017  8.278   -5.818  1.00 51.79  ? 27  ASP A OD1 1 
ATOM   235  O  OD2 . ASP A 1 33  ? 20.955  9.093   -5.177  1.00 59.34  ? 27  ASP A OD2 1 
ATOM   236  N  N   . PRO A 1 34  ? 16.421  7.071   -4.620  1.00 45.18  ? 28  PRO A N   1 
ATOM   237  C  CA  . PRO A 1 34  ? 15.945  5.744   -5.000  1.00 46.15  ? 28  PRO A CA  1 
ATOM   238  C  C   . PRO A 1 34  ? 17.048  4.855   -5.593  1.00 46.45  ? 28  PRO A C   1 
ATOM   239  O  O   . PRO A 1 34  ? 16.906  3.632   -5.604  1.00 43.53  ? 28  PRO A O   1 
ATOM   240  C  CB  . PRO A 1 34  ? 14.810  6.008   -6.014  1.00 44.30  ? 28  PRO A CB  1 
ATOM   241  C  CG  . PRO A 1 34  ? 15.040  7.431   -6.503  1.00 45.24  ? 28  PRO A CG  1 
ATOM   242  C  CD  . PRO A 1 34  ? 15.778  8.145   -5.393  1.00 45.38  ? 28  PRO A CD  1 
ATOM   243  N  N   . LYS A 1 35  ? 18.163  5.455   -6.037  1.00 48.21  ? 29  LYS A N   1 
ATOM   244  C  CA  . LYS A 1 35  ? 19.272  4.641   -6.563  1.00 43.91  ? 29  LYS A CA  1 
ATOM   245  C  C   . LYS A 1 35  ? 20.103  4.083   -5.402  1.00 43.70  ? 29  LYS A C   1 
ATOM   246  O  O   . LYS A 1 35  ? 20.903  3.161   -5.596  1.00 46.11  ? 29  LYS A O   1 
ATOM   247  C  CB  . LYS A 1 35  ? 20.100  5.458   -7.558  1.00 51.05  ? 29  LYS A CB  1 
ATOM   248  C  CG  . LYS A 1 35  ? 19.262  6.288   -8.525  1.00 53.68  ? 29  LYS A CG  1 
ATOM   249  C  CD  . LYS A 1 35  ? 19.960  6.672   -9.803  1.00 59.37  ? 29  LYS A CD  1 
ATOM   250  C  CE  . LYS A 1 35  ? 19.250  7.795   -10.533 1.00 67.29  ? 29  LYS A CE  1 
ATOM   251  N  NZ  . LYS A 1 35  ? 19.214  7.573   -11.999 1.00 73.90  ? 29  LYS A NZ  1 
ATOM   252  N  N   . ILE A 1 36  ? 19.929  4.648   -4.203  1.00 42.97  ? 30  ILE A N   1 
ATOM   253  C  CA  . ILE A 1 36  ? 20.649  4.186   -2.992  1.00 47.75  ? 30  ILE A CA  1 
ATOM   254  C  C   . ILE A 1 36  ? 19.726  3.311   -2.145  1.00 42.66  ? 30  ILE A C   1 
ATOM   255  O  O   . ILE A 1 36  ? 20.130  2.256   -1.673  1.00 41.22  ? 30  ILE A O   1 
ATOM   256  C  CB  . ILE A 1 36  ? 21.190  5.361   -2.145  1.00 47.66  ? 30  ILE A CB  1 
ATOM   257  C  CG1 . ILE A 1 36  ? 22.124  6.272   -2.942  1.00 52.17  ? 30  ILE A CG1 1 
ATOM   258  C  CG2 . ILE A 1 36  ? 21.869  4.829   -0.886  1.00 48.90  ? 30  ILE A CG2 1 
ATOM   259  C  CD1 . ILE A 1 36  ? 23.224  5.525   -3.662  1.00 54.84  ? 30  ILE A CD1 1 
ATOM   260  N  N   . GLU A 1 37  ? 18.509  3.787   -1.897  1.00 40.93  ? 31  GLU A N   1 
ATOM   261  C  CA  . GLU A 1 37  ? 17.576  3.040   -1.067  1.00 43.63  ? 31  GLU A CA  1 
ATOM   262  C  C   . GLU A 1 37  ? 16.656  2.217   -1.976  1.00 40.57  ? 31  GLU A C   1 
ATOM   263  O  O   . GLU A 1 37  ? 15.471  2.520   -2.130  1.00 34.86  ? 31  GLU A O   1 
ATOM   264  C  CB  . GLU A 1 37  ? 16.830  4.004   -0.150  1.00 43.35  ? 31  GLU A CB  1 
ATOM   265  C  CG  . GLU A 1 37  ? 17.733  4.661   0.897   1.00 54.33  ? 31  GLU A CG  1 
ATOM   266  C  CD  . GLU A 1 37  ? 18.342  3.731   1.948   1.00 58.91  ? 31  GLU A CD  1 
ATOM   267  O  OE1 . GLU A 1 37  ? 19.565  3.832   2.191   1.00 64.25  ? 31  GLU A OE1 1 
ATOM   268  O  OE2 . GLU A 1 37  ? 17.599  2.893   2.522   1.00 60.42  ? 31  GLU A OE2 1 
ATOM   269  N  N   . THR A 1 38  ? 17.226  1.190   -2.606  1.00 36.89  ? 32  THR A N   1 
ATOM   270  C  CA  . THR A 1 38  ? 16.544  0.546   -3.699  1.00 39.12  ? 32  THR A CA  1 
ATOM   271  C  C   . THR A 1 38  ? 15.432  -0.349  -3.131  1.00 38.24  ? 32  THR A C   1 
ATOM   272  O  O   . THR A 1 38  ? 14.376  -0.440  -3.743  1.00 36.33  ? 32  THR A O   1 
ATOM   273  C  CB  . THR A 1 38  ? 17.527  -0.131  -4.658  1.00 42.23  ? 32  THR A CB  1 
ATOM   274  O  OG1 . THR A 1 38  ? 18.190  -1.130  -3.896  1.00 43.88  ? 32  THR A OG1 1 
ATOM   275  C  CG2 . THR A 1 38  ? 18.509  0.838   -5.297  1.00 39.96  ? 32  THR A CG2 1 
ATOM   276  N  N   . ASN A 1 39  ? 15.623  -0.917  -1.932  1.00 32.57  ? 33  ASN A N   1 
ATOM   277  C  CA  . ASN A 1 39  ? 14.609  -1.787  -1.323  1.00 34.53  ? 33  ASN A CA  1 
ATOM   278  C  C   . ASN A 1 39  ? 13.375  -0.961  -0.947  1.00 35.04  ? 33  ASN A C   1 
ATOM   279  O  O   . ASN A 1 39  ? 12.220  -1.401  -1.152  1.00 29.00  ? 33  ASN A O   1 
ATOM   280  C  CB  . ASN A 1 39  ? 15.161  -2.603  -0.149  1.00 36.25  ? 33  ASN A CB  1 
ATOM   281  C  CG  . ASN A 1 39  ? 16.107  -3.688  -0.619  1.00 37.36  ? 33  ASN A CG  1 
ATOM   282  O  OD1 . ASN A 1 39  ? 16.130  -4.028  -1.810  1.00 38.88  ? 33  ASN A OD1 1 
ATOM   283  N  ND2 . ASN A 1 39  ? 16.886  -4.243  0.294   1.00 36.02  ? 33  ASN A ND2 1 
ATOM   284  N  N   . LYS A 1 40  ? 13.629  0.231   -0.425  1.00 33.99  ? 34  LYS A N   1 
ATOM   285  C  CA  . LYS A 1 40  ? 12.605  1.186   -0.051  1.00 36.52  ? 34  LYS A CA  1 
ATOM   286  C  C   . LYS A 1 40  ? 11.799  1.600   -1.291  1.00 36.74  ? 34  LYS A C   1 
ATOM   287  O  O   . LYS A 1 40  ? 10.583  1.631   -1.277  1.00 35.32  ? 34  LYS A O   1 
ATOM   288  C  CB  . LYS A 1 40  ? 13.256  2.403   0.608   1.00 38.87  ? 34  LYS A CB  1 
ATOM   289  C  CG  . LYS A 1 40  ? 12.259  3.477   1.024   1.00 46.99  ? 34  LYS A CG  1 
ATOM   290  C  CD  . LYS A 1 40  ? 12.791  4.486   2.012   1.00 54.24  ? 34  LYS A CD  1 
ATOM   291  C  CE  . LYS A 1 40  ? 12.075  4.453   3.340   1.00 59.88  ? 34  LYS A CE  1 
ATOM   292  N  NZ  . LYS A 1 40  ? 12.013  5.810   3.928   1.00 67.04  ? 34  LYS A NZ  1 
ATOM   293  N  N   . PHE A 1 41  ? 12.513  1.929   -2.364  1.00 35.80  ? 35  PHE A N   1 
ATOM   294  C  CA  . PHE A 1 41  ? 11.925  2.271   -3.653  1.00 35.04  ? 35  PHE A CA  1 
ATOM   295  C  C   . PHE A 1 41  ? 10.909  1.198   -4.081  1.00 33.58  ? 35  PHE A C   1 
ATOM   296  O  O   . PHE A 1 41  ? 9.778   1.501   -4.485  1.00 33.68  ? 35  PHE A O   1 
ATOM   297  C  CB  . PHE A 1 41  ? 13.060  2.446   -4.662  1.00 35.51  ? 35  PHE A CB  1 
ATOM   298  C  CG  . PHE A 1 41  ? 12.698  3.051   -5.996  1.00 36.43  ? 35  PHE A CG  1 
ATOM   299  C  CD1 . PHE A 1 41  ? 11.559  3.825   -6.155  1.00 39.62  ? 35  PHE A CD1 1 
ATOM   300  C  CD2 . PHE A 1 41  ? 13.510  2.819   -7.102  1.00 36.61  ? 35  PHE A CD2 1 
ATOM   301  C  CE1 . PHE A 1 41  ? 11.238  4.349   -7.400  1.00 43.86  ? 35  PHE A CE1 1 
ATOM   302  C  CE2 . PHE A 1 41  ? 13.202  3.367   -8.337  1.00 37.72  ? 35  PHE A CE2 1 
ATOM   303  C  CZ  . PHE A 1 41  ? 12.065  4.125   -8.482  1.00 43.20  ? 35  PHE A CZ  1 
ATOM   304  N  N   . ALA A 1 42  ? 11.363  -0.055  -4.086  1.00 34.00  ? 36  ALA A N   1 
ATOM   305  C  CA  . ALA A 1 42  ? 10.580  -1.163  -4.524  1.00 31.38  ? 36  ALA A CA  1 
ATOM   306  C  C   . ALA A 1 42  ? 9.363   -1.349  -3.600  1.00 33.75  ? 36  ALA A C   1 
ATOM   307  O  O   . ALA A 1 42  ? 8.285   -1.702  -4.100  1.00 30.44  ? 36  ALA A O   1 
ATOM   308  C  CB  . ALA A 1 42  ? 11.442  -2.388  -4.574  1.00 30.43  ? 36  ALA A CB  1 
ATOM   309  N  N   . ALA A 1 43  ? 9.526   -1.108  -2.283  1.00 29.38  ? 37  ALA A N   1 
ATOM   310  C  CA  . ALA A 1 43  ? 8.441   -1.279  -1.317  1.00 29.25  ? 37  ALA A CA  1 
ATOM   311  C  C   . ALA A 1 43  ? 7.392   -0.196  -1.528  1.00 28.18  ? 37  ALA A C   1 
ATOM   312  O  O   . ALA A 1 43  ? 6.199   -0.441  -1.425  1.00 25.47  ? 37  ALA A O   1 
ATOM   313  C  CB  . ALA A 1 43  ? 8.943   -1.246  0.101   1.00 30.61  ? 37  ALA A CB  1 
ATOM   314  N  N   . ILE A 1 44  ? 7.857   1.020   -1.794  1.00 28.52  ? 38  ILE A N   1 
ATOM   315  C  CA  . ILE A 1 44  ? 6.962   2.129   -2.006  1.00 33.02  ? 38  ILE A CA  1 
ATOM   316  C  C   . ILE A 1 44  ? 6.138   1.825   -3.277  1.00 33.84  ? 38  ILE A C   1 
ATOM   317  O  O   . ILE A 1 44  ? 4.915   1.910   -3.253  1.00 32.33  ? 38  ILE A O   1 
ATOM   318  C  CB  . ILE A 1 44  ? 7.733   3.463   -2.050  1.00 34.83  ? 38  ILE A CB  1 
ATOM   319  C  CG1 . ILE A 1 44  ? 8.272   3.804   -0.660  1.00 38.20  ? 38  ILE A CG1 1 
ATOM   320  C  CG2 . ILE A 1 44  ? 6.854   4.591   -2.576  1.00 32.74  ? 38  ILE A CG2 1 
ATOM   321  C  CD1 . ILE A 1 44  ? 9.316   4.894   -0.637  1.00 38.51  ? 38  ILE A CD1 1 
ATOM   322  N  N   . CYS A 1 45  ? 6.807   1.348   -4.334  1.00 30.22  ? 39  CYS A N   1 
ATOM   323  C  CA  . CYS A 1 45  ? 6.126   1.028   -5.597  1.00 32.11  ? 39  CYS A CA  1 
ATOM   324  C  C   . CYS A 1 45  ? 5.082   -0.051  -5.331  1.00 30.59  ? 39  CYS A C   1 
ATOM   325  O  O   . CYS A 1 45  ? 3.921   0.059   -5.767  1.00 27.58  ? 39  CYS A O   1 
ATOM   326  C  CB  . CYS A 1 45  ? 7.086   0.542   -6.669  1.00 32.84  ? 39  CYS A CB  1 
ATOM   327  S  SG  . CYS A 1 45  ? 8.118   1.883   -7.309  1.00 34.55  ? 39  CYS A SG  1 
ATOM   328  N  N   . THR A 1 46  ? 5.497   -1.053  -4.544  1.00 26.10  ? 40  THR A N   1 
ATOM   329  C  CA  . THR A 1 46  ? 4.678   -2.207  -4.334  1.00 27.63  ? 40  THR A CA  1 
ATOM   330  C  C   . THR A 1 46  ? 3.404   -1.793  -3.596  1.00 28.25  ? 40  THR A C   1 
ATOM   331  O  O   . THR A 1 46  ? 2.327   -2.134  -4.020  1.00 27.89  ? 40  THR A O   1 
ATOM   332  C  CB  . THR A 1 46  ? 5.399   -3.318  -3.572  1.00 27.02  ? 40  THR A CB  1 
ATOM   333  O  OG1 . THR A 1 46  ? 6.513   -3.817  -4.321  1.00 30.34  ? 40  THR A OG1 1 
ATOM   334  C  CG2 . THR A 1 46  ? 4.457   -4.470  -3.302  1.00 32.45  ? 40  THR A CG2 1 
ATOM   335  N  N   . HIS A 1 47  ? 3.568   -1.084  -2.478  1.00 27.22  ? 41  HIS A N   1 
ATOM   336  C  CA  . HIS A 1 47  ? 2.463   -0.595  -1.660  1.00 27.73  ? 41  HIS A CA  1 
ATOM   337  C  C   . HIS A 1 47  ? 1.523   0.280   -2.503  1.00 31.46  ? 41  HIS A C   1 
ATOM   338  O  O   . HIS A 1 47  ? 0.268   0.174   -2.408  1.00 26.96  ? 41  HIS A O   1 
ATOM   339  C  CB  . HIS A 1 47  ? 3.016   0.163   -0.457  1.00 25.99  ? 41  HIS A CB  1 
ATOM   340  C  CG  . HIS A 1 47  ? 1.988   0.801   0.409   1.00 27.46  ? 41  HIS A CG  1 
ATOM   341  N  ND1 . HIS A 1 47  ? 1.602   2.121   0.257   1.00 29.30  ? 41  HIS A ND1 1 
ATOM   342  C  CD2 . HIS A 1 47  ? 1.254   0.310   1.436   1.00 27.64  ? 41  HIS A CD2 1 
ATOM   343  C  CE1 . HIS A 1 47  ? 0.701   2.422   1.175   1.00 25.68  ? 41  HIS A CE1 1 
ATOM   344  N  NE2 . HIS A 1 47  ? 0.484   1.334   1.915   1.00 29.37  ? 41  HIS A NE2 1 
ATOM   345  N  N   . LEU A 1 48  ? 2.117   1.152   -3.311  1.00 29.88  ? 42  LEU A N   1 
ATOM   346  C  CA  . LEU A 1 48  ? 1.314   2.084   -4.106  1.00 34.89  ? 42  LEU A CA  1 
ATOM   347  C  C   . LEU A 1 48  ? 0.412   1.289   -5.068  1.00 32.76  ? 42  LEU A C   1 
ATOM   348  O  O   . LEU A 1 48  ? -0.795  1.524   -5.126  1.00 33.60  ? 42  LEU A O   1 
ATOM   349  C  CB  . LEU A 1 48  ? 2.231   3.045   -4.863  1.00 40.59  ? 42  LEU A CB  1 
ATOM   350  C  CG  . LEU A 1 48  ? 1.831   4.522   -4.871  1.00 48.53  ? 42  LEU A CG  1 
ATOM   351  C  CD1 . LEU A 1 48  ? 2.393   5.207   -6.107  1.00 48.96  ? 42  LEU A CD1 1 
ATOM   352  C  CD2 . LEU A 1 48  ? 0.331   4.724   -4.816  1.00 48.18  ? 42  LEU A CD2 1 
ATOM   353  N  N   . GLU A 1 49  ? 0.999   0.296   -5.733  1.00 33.41  ? 43  GLU A N   1 
ATOM   354  C  CA  . GLU A 1 49  ? 0.316   -0.552  -6.686  1.00 34.10  ? 43  GLU A CA  1 
ATOM   355  C  C   . GLU A 1 49  ? -0.858  -1.292  -6.055  1.00 36.18  ? 43  GLU A C   1 
ATOM   356  O  O   . GLU A 1 49  ? -1.930  -1.352  -6.649  1.00 37.35  ? 43  GLU A O   1 
ATOM   357  C  CB  . GLU A 1 49  ? 1.233   -1.615  -7.281  1.00 36.88  ? 43  GLU A CB  1 
ATOM   358  C  CG  . GLU A 1 49  ? 0.518   -2.457  -8.324  1.00 42.41  ? 43  GLU A CG  1 
ATOM   359  C  CD  . GLU A 1 49  ? 1.382   -3.009  -9.438  1.00 46.55  ? 43  GLU A CD  1 
ATOM   360  O  OE1 . GLU A 1 49  ? 2.528   -3.351  -9.163  1.00 53.01  ? 43  GLU A OE1 1 
ATOM   361  O  OE2 . GLU A 1 49  ? 0.882   -3.120  -10.570 1.00 58.91  ? 43  GLU A OE2 1 
ATOM   362  N  N   . VAL A 1 50  ? -0.638  -1.884  -4.878  1.00 30.56  ? 44  VAL A N   1 
ATOM   363  C  CA  . VAL A 1 50  ? -1.716  -2.503  -4.115  1.00 29.11  ? 44  VAL A CA  1 
ATOM   364  C  C   . VAL A 1 50  ? -2.818  -1.488  -3.815  1.00 28.18  ? 44  VAL A C   1 
ATOM   365  O  O   . VAL A 1 50  ? -3.999  -1.806  -3.907  1.00 33.54  ? 44  VAL A O   1 
ATOM   366  C  CB  . VAL A 1 50  ? -1.212  -3.159  -2.811  1.00 25.93  ? 44  VAL A CB  1 
ATOM   367  C  CG1 . VAL A 1 50  ? -2.363  -3.638  -1.951  1.00 27.79  ? 44  VAL A CG1 1 
ATOM   368  C  CG2 . VAL A 1 50  ? -0.300  -4.318  -3.123  1.00 26.45  ? 44  VAL A CG2 1 
ATOM   369  N  N   . CYS A 1 51  ? -2.451  -0.285  -3.395  1.00 29.03  ? 45  CYS A N   1 
ATOM   370  C  CA  . CYS A 1 51  ? -3.490  0.732   -3.118  1.00 30.90  ? 45  CYS A CA  1 
ATOM   371  C  C   . CYS A 1 51  ? -4.359  1.031   -4.364  1.00 33.04  ? 45  CYS A C   1 
ATOM   372  O  O   . CYS A 1 51  ? -5.595  1.253   -4.256  1.00 32.07  ? 45  CYS A O   1 
ATOM   373  C  CB  . CYS A 1 51  ? -2.859  2.010   -2.587  1.00 26.84  ? 45  CYS A CB  1 
ATOM   374  S  SG  . CYS A 1 51  ? -2.308  1.837   -0.861  1.00 33.19  ? 45  CYS A SG  1 
ATOM   375  N  N   . PHE A 1 52  ? -3.713  1.097   -5.526  1.00 33.75  ? 46  PHE A N   1 
ATOM   376  C  CA  . PHE A 1 52  ? -4.387  1.416   -6.773  1.00 34.29  ? 46  PHE A CA  1 
ATOM   377  C  C   . PHE A 1 52  ? -5.231  0.217   -7.186  1.00 36.19  ? 46  PHE A C   1 
ATOM   378  O  O   . PHE A 1 52  ? -6.336  0.409   -7.624  1.00 36.82  ? 46  PHE A O   1 
ATOM   379  C  CB  . PHE A 1 52  ? -3.392  1.765   -7.879  1.00 33.72  ? 46  PHE A CB  1 
ATOM   380  C  CG  . PHE A 1 52  ? -2.734  3.107   -7.736  1.00 37.24  ? 46  PHE A CG  1 
ATOM   381  C  CD1 . PHE A 1 52  ? -3.093  3.990   -6.725  1.00 46.68  ? 46  PHE A CD1 1 
ATOM   382  C  CD2 . PHE A 1 52  ? -1.763  3.503   -8.635  1.00 48.66  ? 46  PHE A CD2 1 
ATOM   383  C  CE1 . PHE A 1 52  ? -2.468  5.223   -6.607  1.00 45.34  ? 46  PHE A CE1 1 
ATOM   384  C  CE2 . PHE A 1 52  ? -1.158  4.743   -8.530  1.00 45.34  ? 46  PHE A CE2 1 
ATOM   385  C  CZ  . PHE A 1 52  ? -1.508  5.599   -7.516  1.00 45.38  ? 46  PHE A CZ  1 
ATOM   386  N  N   . MET A 1 53  ? -4.705  -0.996  -6.986  1.00 31.69  ? 47  MET A N   1 
ATOM   387  C  CA  . MET A 1 53  ? -5.385  -2.169  -7.370  1.00 34.34  ? 47  MET A CA  1 
ATOM   388  C  C   . MET A 1 53  ? -6.647  -2.326  -6.521  1.00 39.17  ? 47  MET A C   1 
ATOM   389  O  O   . MET A 1 53  ? -7.690  -2.770  -7.030  1.00 37.23  ? 47  MET A O   1 
ATOM   390  C  CB  . MET A 1 53  ? -4.530  -3.420  -7.178  1.00 37.82  ? 47  MET A CB  1 
ATOM   391  C  CG  . MET A 1 53  ? -3.592  -3.701  -8.321  1.00 41.09  ? 47  MET A CG  1 
ATOM   392  S  SD  . MET A 1 53  ? -2.636  -5.212  -7.992  1.00 39.60  ? 47  MET A SD  1 
ATOM   393  C  CE  . MET A 1 53  ? -3.853  -6.468  -8.378  1.00 43.80  ? 47  MET A CE  1 
ATOM   394  N  N   . TYR A 1 54  ? -6.513  -2.039  -5.220  1.00 33.67  ? 48  TYR A N   1 
ATOM   395  C  CA  . TYR A 1 54  ? -7.547  -2.215  -4.258  1.00 29.29  ? 48  TYR A CA  1 
ATOM   396  C  C   . TYR A 1 54  ? -8.706  -1.266  -4.574  1.00 33.79  ? 48  TYR A C   1 
ATOM   397  O  O   . TYR A 1 54  ? -9.838  -1.661  -4.545  1.00 29.46  ? 48  TYR A O   1 
ATOM   398  C  CB  . TYR A 1 54  ? -6.992  -1.907  -2.870  1.00 32.60  ? 48  TYR A CB  1 
ATOM   399  C  CG  . TYR A 1 54  ? -7.756  -2.431  -1.683  1.00 31.79  ? 48  TYR A CG  1 
ATOM   400  C  CD1 . TYR A 1 54  ? -8.986  -1.920  -1.304  1.00 33.29  ? 48  TYR A CD1 1 
ATOM   401  C  CD2 . TYR A 1 54  ? -7.155  -3.343  -0.843  1.00 30.24  ? 48  TYR A CD2 1 
ATOM   402  C  CE1 . TYR A 1 54  ? -9.627  -2.336  -0.138  1.00 33.00  ? 48  TYR A CE1 1 
ATOM   403  C  CE2 . TYR A 1 54  ? -7.779  -3.784  0.315   1.00 30.86  ? 48  TYR A CE2 1 
ATOM   404  C  CZ  . TYR A 1 54  ? -9.016  -3.284  0.675   1.00 35.97  ? 48  TYR A CZ  1 
ATOM   405  O  OH  . TYR A 1 54  ? -9.593  -3.768  1.818   1.00 29.58  ? 48  TYR A OH  1 
ATOM   406  N  N   . SER A 1 55  ? -8.363  -0.001  -4.831  1.00 35.64  ? 49  SER A N   1 
ATOM   407  C  CA  . SER A 1 55  ? -9.269  1.034   -5.369  1.00 41.37  ? 49  SER A CA  1 
ATOM   408  C  C   . SER A 1 55  ? -9.963  0.599   -6.676  1.00 41.42  ? 49  SER A C   1 
ATOM   409  O  O   . SER A 1 55  ? -11.148 0.749   -6.830  1.00 47.16  ? 49  SER A O   1 
ATOM   410  C  CB  . SER A 1 55  ? -8.509  2.289   -5.605  1.00 40.24  ? 49  SER A CB  1 
ATOM   411  O  OG  . SER A 1 55  ? -9.393  3.258   -6.108  1.00 56.73  ? 49  SER A OG  1 
ATOM   412  N  N   . ASP A 1 56  ? -9.197  0.096   -7.635  1.00 42.14  ? 50  ASP A N   1 
ATOM   413  C  CA  . ASP A 1 56  ? -9.722  -0.205  -8.967  1.00 50.38  ? 50  ASP A CA  1 
ATOM   414  C  C   . ASP A 1 56  ? -10.796 -1.289  -8.886  1.00 51.36  ? 50  ASP A C   1 
ATOM   415  O  O   . ASP A 1 56  ? -11.810 -1.200  -9.560  1.00 49.34  ? 50  ASP A O   1 
ATOM   416  C  CB  . ASP A 1 56  ? -8.622  -0.654  -9.927  1.00 53.61  ? 50  ASP A CB  1 
ATOM   417  C  CG  . ASP A 1 56  ? -7.754  0.483   -10.427 1.00 57.45  ? 50  ASP A CG  1 
ATOM   418  O  OD1 . ASP A 1 56  ? -8.170  1.664   -10.279 1.00 55.27  ? 50  ASP A OD1 1 
ATOM   419  O  OD2 . ASP A 1 56  ? -6.665  0.173   -10.963 1.00 65.31  ? 50  ASP A OD2 1 
ATOM   420  N  N   . PHE A 1 57  ? -10.586 -2.282  -8.022  1.00 61.05  ? 51  PHE A N   1 
ATOM   421  C  CA  . PHE A 1 57  ? -11.568 -3.352  -7.811  1.00 62.11  ? 51  PHE A CA  1 
ATOM   422  C  C   . PHE A 1 57  ? -12.641 -2.851  -6.840  1.00 62.64  ? 51  PHE A C   1 
ATOM   423  O  O   . PHE A 1 57  ? -12.725 -3.341  -5.719  1.00 62.79  ? 51  PHE A O   1 
ATOM   424  C  CB  . PHE A 1 57  ? -10.887 -4.637  -7.316  1.00 64.52  ? 51  PHE A CB  1 
ATOM   425  C  CG  . PHE A 1 57  ? -9.659  -5.059  -8.086  1.00 66.22  ? 51  PHE A CG  1 
ATOM   426  C  CD1 . PHE A 1 57  ? -9.492  -4.719  -9.422  1.00 72.34  ? 51  PHE A CD1 1 
ATOM   427  C  CD2 . PHE A 1 57  ? -8.655  -5.785  -7.465  1.00 68.81  ? 51  PHE A CD2 1 
ATOM   428  C  CE1 . PHE A 1 57  ? -8.347  -5.090  -10.116 1.00 71.81  ? 51  PHE A CE1 1 
ATOM   429  C  CE2 . PHE A 1 57  ? -7.522  -6.170  -8.166  1.00 64.71  ? 51  PHE A CE2 1 
ATOM   430  C  CZ  . PHE A 1 57  ? -7.366  -5.816  -9.487  1.00 69.78  ? 51  PHE A CZ  1 
ATOM   431  N  N   . GLY A 1 58  ? -13.427 -1.859  -7.285  1.00 65.39  ? 52  GLY A N   1 
ATOM   432  C  CA  . GLY A 1 58  ? -14.579 -1.333  -6.565  1.00 63.00  ? 52  GLY A CA  1 
ATOM   433  C  C   . GLY A 1 58  ? -15.807 -1.296  -7.458  1.00 73.56  ? 52  GLY A C   1 
ATOM   434  O  O   . GLY A 1 58  ? -15.755 -0.755  -8.570  1.00 79.22  ? 52  GLY A O   1 
ATOM   435  N  N   . LYS A 1 67  ? -20.653 2.253   -7.400  1.00 85.47  ? 73  LYS A N   1 
ATOM   436  C  CA  . LYS A 1 67  ? -19.724 2.237   -8.535  1.00 92.64  ? 73  LYS A CA  1 
ATOM   437  C  C   . LYS A 1 67  ? -18.310 2.618   -8.069  1.00 89.20  ? 73  LYS A C   1 
ATOM   438  O  O   . LYS A 1 67  ? -17.447 1.747   -7.893  1.00 95.38  ? 73  LYS A O   1 
ATOM   439  C  CB  . LYS A 1 67  ? -20.225 3.176   -9.640  1.00 97.93  ? 73  LYS A CB  1 
ATOM   440  C  CG  . LYS A 1 67  ? -20.957 2.499   -10.795 1.00 103.63 ? 73  LYS A CG  1 
ATOM   441  C  CD  . LYS A 1 67  ? -20.232 1.306   -11.404 1.00 100.52 ? 73  LYS A CD  1 
ATOM   442  C  CE  . LYS A 1 67  ? -18.786 1.579   -11.754 1.00 98.67  ? 73  LYS A CE  1 
ATOM   443  N  NZ  . LYS A 1 67  ? -17.885 0.581   -11.129 1.00 102.13 ? 73  LYS A NZ  1 
ATOM   444  N  N   . HIS A 1 68  ? -18.081 3.924   -7.894  1.00 80.59  ? 74  HIS A N   1 
ATOM   445  C  CA  . HIS A 1 68  ? -16.847 4.478   -7.336  1.00 74.16  ? 74  HIS A CA  1 
ATOM   446  C  C   . HIS A 1 68  ? -16.856 4.215   -5.818  1.00 65.03  ? 74  HIS A C   1 
ATOM   447  O  O   . HIS A 1 68  ? -17.283 5.064   -5.044  1.00 56.48  ? 74  HIS A O   1 
ATOM   448  C  CB  . HIS A 1 68  ? -16.780 5.964   -7.732  1.00 77.43  ? 74  HIS A CB  1 
ATOM   449  C  CG  . HIS A 1 68  ? -15.499 6.678   -7.442  1.00 87.02  ? 74  HIS A CG  1 
ATOM   450  N  ND1 . HIS A 1 68  ? -15.474 7.918   -6.817  1.00 84.58  ? 74  HIS A ND1 1 
ATOM   451  C  CD2 . HIS A 1 68  ? -14.214 6.371   -7.728  1.00 92.02  ? 74  HIS A CD2 1 
ATOM   452  C  CE1 . HIS A 1 68  ? -14.227 8.327   -6.706  1.00 87.57  ? 74  HIS A CE1 1 
ATOM   453  N  NE2 . HIS A 1 68  ? -13.432 7.394   -7.256  1.00 90.98  ? 74  HIS A NE2 1 
ATOM   454  N  N   . ARG A 1 69  ? -16.452 3.006   -5.403  1.00 52.53  ? 75  ARG A N   1 
ATOM   455  C  CA  . ARG A 1 69  ? -16.604 2.571   -4.013  1.00 48.42  ? 75  ARG A CA  1 
ATOM   456  C  C   . ARG A 1 69  ? -15.493 3.150   -3.130  1.00 45.53  ? 75  ARG A C   1 
ATOM   457  O  O   . ARG A 1 69  ? -15.745 3.515   -1.998  1.00 46.99  ? 75  ARG A O   1 
ATOM   458  C  CB  . ARG A 1 69  ? -16.556 1.056   -3.847  1.00 46.76  ? 75  ARG A CB  1 
ATOM   459  C  CG  . ARG A 1 69  ? -16.512 0.648   -2.384  1.00 45.80  ? 75  ARG A CG  1 
ATOM   460  C  CD  . ARG A 1 69  ? -16.610 -0.842  -2.202  1.00 47.59  ? 75  ARG A CD  1 
ATOM   461  N  NE  . ARG A 1 69  ? -16.582 -1.168  -0.791  1.00 42.74  ? 75  ARG A NE  1 
ATOM   462  C  CZ  . ARG A 1 69  ? -16.892 -2.353  -0.285  1.00 43.69  ? 75  ARG A CZ  1 
ATOM   463  N  NH1 . ARG A 1 69  ? -17.363 -3.307  -1.066  1.00 49.13  ? 75  ARG A NH1 1 
ATOM   464  N  NH2 . ARG A 1 69  ? -16.764 -2.573  1.007   1.00 43.94  ? 75  ARG A NH2 1 
ATOM   465  N  N   . PHE A 1 70  ? -14.282 3.241   -3.679  1.00 46.15  ? 76  PHE A N   1 
ATOM   466  C  CA  . PHE A 1 70  ? -13.118 3.627   -2.945  1.00 41.58  ? 76  PHE A CA  1 
ATOM   467  C  C   . PHE A 1 70  ? -12.628 4.985   -3.405  1.00 43.13  ? 76  PHE A C   1 
ATOM   468  O  O   . PHE A 1 70  ? -12.576 5.239   -4.585  1.00 45.80  ? 76  PHE A O   1 
ATOM   469  C  CB  . PHE A 1 70  ? -12.028 2.585   -3.134  1.00 39.19  ? 76  PHE A CB  1 
ATOM   470  C  CG  . PHE A 1 70  ? -12.408 1.282   -2.506  1.00 36.98  ? 76  PHE A CG  1 
ATOM   471  C  CD1 . PHE A 1 70  ? -12.505 1.184   -1.131  1.00 38.32  ? 76  PHE A CD1 1 
ATOM   472  C  CD2 . PHE A 1 70  ? -12.727 0.185   -3.283  1.00 38.74  ? 76  PHE A CD2 1 
ATOM   473  C  CE1 . PHE A 1 70  ? -12.849 -0.014  -0.541  1.00 36.49  ? 76  PHE A CE1 1 
ATOM   474  C  CE2 . PHE A 1 70  ? -13.081 -1.015  -2.691  1.00 40.01  ? 76  PHE A CE2 1 
ATOM   475  C  CZ  . PHE A 1 70  ? -13.154 -1.109  -1.320  1.00 41.63  ? 76  PHE A CZ  1 
ATOM   476  N  N   . GLU A 1 71  ? -12.318 5.849   -2.435  1.00 45.01  ? 77  GLU A N   1 
ATOM   477  C  CA  . GLU A 1 71  ? -11.559 7.058   -2.688  1.00 42.37  ? 77  GLU A CA  1 
ATOM   478  C  C   . GLU A 1 71  ? -10.093 6.770   -2.360  1.00 41.87  ? 77  GLU A C   1 
ATOM   479  O  O   . GLU A 1 71  ? -9.791  6.131   -1.373  1.00 41.98  ? 77  GLU A O   1 
ATOM   480  C  CB  . GLU A 1 71  ? -12.065 8.246   -1.871  1.00 45.02  ? 77  GLU A CB  1 
ATOM   481  C  CG  . GLU A 1 71  ? -11.512 9.565   -2.362  1.00 48.15  ? 77  GLU A CG  1 
ATOM   482  C  CD  . GLU A 1 71  ? -12.139 9.984   -3.673  1.00 53.06  ? 77  GLU A CD  1 
ATOM   483  O  OE1 . GLU A 1 71  ? -13.396 9.948   -3.762  1.00 54.92  ? 77  GLU A OE1 1 
ATOM   484  O  OE2 . GLU A 1 71  ? -11.376 10.265  -4.616  1.00 61.18  ? 77  GLU A OE2 1 
ATOM   485  N  N   . ILE A 1 72  ? -9.196  7.257   -3.217  1.00 38.07  ? 78  ILE A N   1 
ATOM   486  C  CA  . ILE A 1 72  ? -7.799  6.955   -3.132  1.00 38.00  ? 78  ILE A CA  1 
ATOM   487  C  C   . ILE A 1 72  ? -7.141  8.156   -2.461  1.00 42.84  ? 78  ILE A C   1 
ATOM   488  O  O   . ILE A 1 72  ? -7.309  9.290   -2.928  1.00 33.89  ? 78  ILE A O   1 
ATOM   489  C  CB  . ILE A 1 72  ? -7.203  6.649   -4.518  1.00 41.90  ? 78  ILE A CB  1 
ATOM   490  C  CG1 . ILE A 1 72  ? -5.679  6.641   -4.474  1.00 43.78  ? 78  ILE A CG1 1 
ATOM   491  C  CG2 . ILE A 1 72  ? -7.717  7.606   -5.582  1.00 48.78  ? 78  ILE A CG2 1 
ATOM   492  C  CD1 . ILE A 1 72  ? -5.103  5.482   -3.690  1.00 44.74  ? 78  ILE A CD1 1 
ATOM   493  N  N   . ILE A 1 73  ? -6.432  7.907   -1.356  1.00 38.61  ? 79  ILE A N   1 
ATOM   494  C  CA  . ILE A 1 73  ? -5.769  9.002   -0.637  1.00 39.76  ? 79  ILE A CA  1 
ATOM   495  C  C   . ILE A 1 73  ? -4.256  8.868   -0.820  1.00 35.83  ? 79  ILE A C   1 
ATOM   496  O  O   . ILE A 1 73  ? -3.530  9.854   -1.036  1.00 35.15  ? 79  ILE A O   1 
ATOM   497  C  CB  . ILE A 1 73  ? -6.202  8.990   0.842   1.00 39.91  ? 79  ILE A CB  1 
ATOM   498  C  CG1 . ILE A 1 73  ? -7.713  9.193   0.975   1.00 43.32  ? 79  ILE A CG1 1 
ATOM   499  C  CG2 . ILE A 1 73  ? -5.426  10.021  1.648   1.00 38.80  ? 79  ILE A CG2 1 
ATOM   500  C  CD1 . ILE A 1 73  ? -8.297  8.517   2.180   1.00 46.09  ? 79  ILE A CD1 1 
ATOM   501  N  N   . GLU A 1 74  ? -3.772  7.626   -0.749  1.00 32.97  ? 80  GLU A N   1 
ATOM   502  C  CA  . GLU A 1 74  ? -2.365  7.386   -0.993  1.00 35.43  ? 80  GLU A CA  1 
ATOM   503  C  C   . GLU A 1 74  ? -2.031  7.774   -2.438  1.00 35.70  ? 80  GLU A C   1 
ATOM   504  O  O   . GLU A 1 74  ? -2.823  7.543   -3.338  1.00 35.97  ? 80  GLU A O   1 
ATOM   505  C  CB  . GLU A 1 74  ? -2.020  5.914   -0.782  1.00 36.62  ? 80  GLU A CB  1 
ATOM   506  C  CG  . GLU A 1 74  ? -0.542  5.625   -0.898  1.00 36.59  ? 80  GLU A CG  1 
ATOM   507  C  CD  . GLU A 1 74  ? 0.343   6.321   0.112   1.00 39.42  ? 80  GLU A CD  1 
ATOM   508  O  OE1 . GLU A 1 74  ? 0.964   7.342   -0.265  1.00 43.15  ? 80  GLU A OE1 1 
ATOM   509  O  OE2 . GLU A 1 74  ? 0.463   5.800   1.258   1.00 32.72  ? 80  GLU A OE2 1 
ATOM   510  N  N   . GLY A 1 75  ? -0.852  8.356   -2.631  1.00 35.55  ? 81  GLY A N   1 
ATOM   511  C  CA  . GLY A 1 75  ? -0.394  8.749   -3.943  1.00 39.71  ? 81  GLY A CA  1 
ATOM   512  C  C   . GLY A 1 75  ? -0.703  10.190  -4.311  1.00 39.57  ? 81  GLY A C   1 
ATOM   513  O  O   . GLY A 1 75  ? -0.296  10.625  -5.360  1.00 48.27  ? 81  GLY A O   1 
ATOM   514  N  N   . ARG A 1 76  ? -1.459  10.917  -3.495  1.00 40.56  ? 82  ARG A N   1 
ATOM   515  C  CA  . ARG A 1 76  ? -1.598  12.336  -3.691  1.00 39.39  ? 82  ARG A CA  1 
ATOM   516  C  C   . ARG A 1 76  ? -0.595  13.060  -2.800  1.00 40.54  ? 82  ARG A C   1 
ATOM   517  O  O   . ARG A 1 76  ? -0.263  12.542  -1.722  1.00 38.64  ? 82  ARG A O   1 
ATOM   518  C  CB  . ARG A 1 76  ? -2.990  12.814  -3.298  1.00 44.06  ? 82  ARG A CB  1 
ATOM   519  C  CG  . ARG A 1 76  ? -4.140  12.026  -3.895  1.00 48.60  ? 82  ARG A CG  1 
ATOM   520  C  CD  . ARG A 1 76  ? -5.393  12.469  -3.180  1.00 52.52  ? 82  ARG A CD  1 
ATOM   521  N  NE  . ARG A 1 76  ? -6.552  11.714  -3.616  1.00 56.34  ? 82  ARG A NE  1 
ATOM   522  C  CZ  . ARG A 1 76  ? -7.367  12.068  -4.602  1.00 60.13  ? 82  ARG A CZ  1 
ATOM   523  N  NH1 . ARG A 1 76  ? -7.115  13.160  -5.309  1.00 53.63  ? 82  ARG A NH1 1 
ATOM   524  N  NH2 . ARG A 1 76  ? -8.434  11.319  -4.853  1.00 56.73  ? 82  ARG A NH2 1 
ATOM   525  N  N   . ASP A 1 77  ? -0.223  14.295  -3.184  1.00 41.27  ? 83  ASP A N   1 
ATOM   526  C  CA  . ASP A 1 77  ? 0.499   15.206  -2.269  1.00 44.39  ? 83  ASP A CA  1 
ATOM   527  C  C   . ASP A 1 77  ? -0.388  15.492  -1.047  1.00 40.14  ? 83  ASP A C   1 
ATOM   528  O  O   . ASP A 1 77  ? -1.598  15.294  -1.092  1.00 42.13  ? 83  ASP A O   1 
ATOM   529  C  CB  . ASP A 1 77  ? 0.999   16.474  -2.960  1.00 46.54  ? 83  ASP A CB  1 
ATOM   530  C  CG  . ASP A 1 77  ? -0.062  17.486  -3.371  1.00 54.53  ? 83  ASP A CG  1 
ATOM   531  O  OD1 . ASP A 1 77  ? -1.080  17.641  -2.654  1.00 52.85  ? 83  ASP A OD1 1 
ATOM   532  O  OD2 . ASP A 1 77  ? 0.162   18.138  -4.403  1.00 57.32  ? 83  ASP A OD2 1 
ATOM   533  N  N   . ARG A 1 78  ? 0.245   15.954  0.031   1.00 40.99  ? 84  ARG A N   1 
ATOM   534  C  CA  . ARG A 1 78  ? -0.368  16.016  1.366   1.00 46.37  ? 84  ARG A CA  1 
ATOM   535  C  C   . ARG A 1 78  ? -1.533  17.014  1.408   1.00 46.69  ? 84  ARG A C   1 
ATOM   536  O  O   . ARG A 1 78  ? -2.540  16.753  2.101   1.00 46.45  ? 84  ARG A O   1 
ATOM   537  C  CB  . ARG A 1 78  ? 0.679   16.369  2.428   1.00 47.14  ? 84  ARG A CB  1 
ATOM   538  C  CG  . ARG A 1 78  ? 1.204   15.154  3.176   1.00 47.87  ? 84  ARG A CG  1 
ATOM   539  C  CD  . ARG A 1 78  ? 2.704   15.192  3.302   1.00 51.21  ? 84  ARG A CD  1 
ATOM   540  N  NE  . ARG A 1 78  ? 3.160   14.126  4.177   1.00 57.62  ? 84  ARG A NE  1 
ATOM   541  C  CZ  . ARG A 1 78  ? 4.428   13.924  4.489   1.00 64.34  ? 84  ARG A CZ  1 
ATOM   542  N  NH1 . ARG A 1 78  ? 5.358   14.727  3.993   1.00 71.75  ? 84  ARG A NH1 1 
ATOM   543  N  NH2 . ARG A 1 78  ? 4.762   12.937  5.300   1.00 61.90  ? 84  ARG A NH2 1 
ATOM   544  N  N   . ILE A 1 79  ? -1.382  18.131  0.685   1.00 45.53  ? 85  ILE A N   1 
ATOM   545  C  CA  . ILE A 1 79  ? -2.443  19.164  0.550   1.00 43.61  ? 85  ILE A CA  1 
ATOM   546  C  C   . ILE A 1 79  ? -3.736  18.508  0.085   1.00 40.72  ? 85  ILE A C   1 
ATOM   547  O  O   . ILE A 1 79  ? -4.772  18.638  0.733   1.00 41.16  ? 85  ILE A O   1 
ATOM   548  C  CB  . ILE A 1 79  ? -2.015  20.275  -0.430  1.00 44.68  ? 85  ILE A CB  1 
ATOM   549  C  CG1 . ILE A 1 79  ? -0.706  20.924  0.033   1.00 43.59  ? 85  ILE A CG1 1 
ATOM   550  C  CG2 . ILE A 1 79  ? -3.136  21.288  -0.606  1.00 41.99  ? 85  ILE A CG2 1 
ATOM   551  C  CD1 . ILE A 1 79  ? -0.439  22.268  -0.563  1.00 48.52  ? 85  ILE A CD1 1 
ATOM   552  N  N   . MET A 1 80  ? -3.630  17.798  -1.043  1.00 45.25  ? 86  MET A N   1 
ATOM   553  C  CA  . MET A 1 80  ? -4.751  17.136  -1.716  1.00 46.74  ? 86  MET A CA  1 
ATOM   554  C  C   . MET A 1 80  ? -5.303  15.978  -0.871  1.00 42.28  ? 86  MET A C   1 
ATOM   555  O  O   . MET A 1 80  ? -6.514  15.781  -0.806  1.00 38.84  ? 86  MET A O   1 
ATOM   556  C  CB  . MET A 1 80  ? -4.329  16.603  -3.097  1.00 52.17  ? 86  MET A CB  1 
ATOM   557  C  CG  . MET A 1 80  ? -4.335  17.658  -4.190  1.00 60.35  ? 86  MET A CG  1 
ATOM   558  S  SD  . MET A 1 80  ? -5.860  18.683  -4.268  1.00 73.68  ? 86  MET A SD  1 
ATOM   559  C  CE  . MET A 1 80  ? -7.162  17.447  -4.249  1.00 66.15  ? 86  MET A CE  1 
ATOM   560  N  N   . ALA A 1 81  ? -4.419  15.172  -0.275  1.00 40.22  ? 87  ALA A N   1 
ATOM   561  C  CA  . ALA A 1 81  ? -4.856  14.078  0.616   1.00 41.89  ? 87  ALA A CA  1 
ATOM   562  C  C   . ALA A 1 81  ? -5.700  14.634  1.772   1.00 36.85  ? 87  ALA A C   1 
ATOM   563  O  O   . ALA A 1 81  ? -6.807  14.134  2.076   1.00 38.96  ? 87  ALA A O   1 
ATOM   564  C  CB  . ALA A 1 81  ? -3.644  13.347  1.134   1.00 43.91  ? 87  ALA A CB  1 
ATOM   565  N  N   . TRP A 1 82  ? -5.179  15.688  2.401   1.00 33.71  ? 88  TRP A N   1 
ATOM   566  C  CA  . TRP A 1 82  ? -5.832  16.292  3.553   1.00 34.83  ? 88  TRP A CA  1 
ATOM   567  C  C   . TRP A 1 82  ? -7.096  17.011  3.083   1.00 38.60  ? 88  TRP A C   1 
ATOM   568  O  O   . TRP A 1 82  ? -8.095  16.954  3.772   1.00 42.15  ? 88  TRP A O   1 
ATOM   569  C  CB  . TRP A 1 82  ? -4.886  17.212  4.335   1.00 37.30  ? 88  TRP A CB  1 
ATOM   570  C  CG  . TRP A 1 82  ? -4.026  16.442  5.290   1.00 38.25  ? 88  TRP A CG  1 
ATOM   571  C  CD1 . TRP A 1 82  ? -2.668  16.297  5.270   1.00 40.68  ? 88  TRP A CD1 1 
ATOM   572  C  CD2 . TRP A 1 82  ? -4.492  15.626  6.373   1.00 38.07  ? 88  TRP A CD2 1 
ATOM   573  N  NE1 . TRP A 1 82  ? -2.256  15.496  6.298   1.00 35.13  ? 88  TRP A NE1 1 
ATOM   574  C  CE2 . TRP A 1 82  ? -3.357  15.038  6.965   1.00 37.69  ? 88  TRP A CE2 1 
ATOM   575  C  CE3 . TRP A 1 82  ? -5.757  15.351  6.900   1.00 39.33  ? 88  TRP A CE3 1 
ATOM   576  C  CZ2 . TRP A 1 82  ? -3.450  14.221  8.082   1.00 35.64  ? 88  TRP A CZ2 1 
ATOM   577  C  CZ3 . TRP A 1 82  ? -5.847  14.533  8.000   1.00 41.89  ? 88  TRP A CZ3 1 
ATOM   578  C  CH2 . TRP A 1 82  ? -4.709  13.952  8.560   1.00 40.08  ? 88  TRP A CH2 1 
ATOM   579  N  N   . THR A 1 83  ? -7.064  17.605  1.880   1.00 39.17  ? 89  THR A N   1 
ATOM   580  C  CA  . THR A 1 83  ? -8.276  18.176  1.280   1.00 38.37  ? 89  THR A CA  1 
ATOM   581  C  C   . THR A 1 83  ? -9.323  17.071  1.101   1.00 38.04  ? 89  THR A C   1 
ATOM   582  O  O   . THR A 1 83  ? -10.489 17.258  1.442   1.00 37.24  ? 89  THR A O   1 
ATOM   583  C  CB  . THR A 1 83  ? -7.982  18.897  -0.049  1.00 43.39  ? 89  THR A CB  1 
ATOM   584  O  OG1 . THR A 1 83  ? -7.089  19.998  0.158   1.00 37.66  ? 89  THR A OG1 1 
ATOM   585  C  CG2 . THR A 1 83  ? -9.244  19.406  -0.716  1.00 43.48  ? 89  THR A CG2 1 
ATOM   586  N  N   . VAL A 1 84  ? -8.898  15.906  0.584   1.00 40.31  ? 90  VAL A N   1 
ATOM   587  C  CA  . VAL A 1 84  ? -9.819  14.770  0.350   1.00 37.88  ? 90  VAL A CA  1 
ATOM   588  C  C   . VAL A 1 84  ? -10.384 14.237  1.683   1.00 39.44  ? 90  VAL A C   1 
ATOM   589  O  O   . VAL A 1 84  ? -11.588 13.971  1.818   1.00 37.48  ? 90  VAL A O   1 
ATOM   590  C  CB  . VAL A 1 84  ? -9.136  13.641  -0.448  1.00 35.44  ? 90  VAL A CB  1 
ATOM   591  C  CG1 . VAL A 1 84  ? -10.012 12.407  -0.499  1.00 40.47  ? 90  VAL A CG1 1 
ATOM   592  C  CG2 . VAL A 1 84  ? -8.760  14.051  -1.863  1.00 38.57  ? 90  VAL A CG2 1 
ATOM   593  N  N   . VAL A 1 85  ? -9.491  13.970  2.642   1.00 39.80  ? 91  VAL A N   1 
ATOM   594  C  CA  . VAL A 1 85  ? -9.915  13.488  3.951   1.00 43.01  ? 91  VAL A CA  1 
ATOM   595  C  C   . VAL A 1 85  ? -10.863 14.512  4.620   1.00 44.26  ? 91  VAL A C   1 
ATOM   596  O  O   . VAL A 1 85  ? -11.923 14.149  5.138   1.00 42.98  ? 91  VAL A O   1 
ATOM   597  C  CB  . VAL A 1 85  ? -8.698  13.163  4.839   1.00 40.84  ? 91  VAL A CB  1 
ATOM   598  C  CG1 . VAL A 1 85  ? -9.126  12.913  6.274   1.00 40.54  ? 91  VAL A CG1 1 
ATOM   599  C  CG2 . VAL A 1 85  ? -7.891  11.983  4.297   1.00 38.03  ? 91  VAL A CG2 1 
ATOM   600  N  N   . ASN A 1 86  ? -10.506 15.800  4.587   1.00 50.08  ? 92  ASN A N   1 
ATOM   601  C  CA  . ASN A 1 86  ? -11.329 16.833  5.234   1.00 53.78  ? 92  ASN A CA  1 
ATOM   602  C  C   . ASN A 1 86  ? -12.731 16.794  4.630   1.00 55.56  ? 92  ASN A C   1 
ATOM   603  O  O   . ASN A 1 86  ? -13.746 16.721  5.334   1.00 58.65  ? 92  ASN A O   1 
ATOM   604  C  CB  . ASN A 1 86  ? -10.730 18.230  5.103   1.00 61.95  ? 92  ASN A CB  1 
ATOM   605  C  CG  . ASN A 1 86  ? -9.710  18.533  6.183   1.00 72.20  ? 92  ASN A CG  1 
ATOM   606  O  OD1 . ASN A 1 86  ? -8.938  17.664  6.594   1.00 75.36  ? 92  ASN A OD1 1 
ATOM   607  N  ND2 . ASN A 1 86  ? -9.702  19.767  6.658   1.00 72.35  ? 92  ASN A ND2 1 
ATOM   608  N  N   . SER A 1 87  ? -12.765 16.791  3.301   1.00 49.31  ? 93  SER A N   1 
ATOM   609  C  CA  . SER A 1 87  ? -13.998 16.813  2.582   1.00 49.16  ? 93  SER A CA  1 
ATOM   610  C  C   . SER A 1 87  ? -14.852 15.578  2.929   1.00 48.62  ? 93  SER A C   1 
ATOM   611  O  O   . SER A 1 87  ? -16.080 15.655  3.102   1.00 45.82  ? 93  SER A O   1 
ATOM   612  C  CB  . SER A 1 87  ? -13.714 16.945  1.113   1.00 49.42  ? 93  SER A CB  1 
ATOM   613  O  OG  . SER A 1 87  ? -14.910 16.858  0.382   1.00 57.18  ? 93  SER A OG  1 
ATOM   614  N  N   . ILE A 1 88  ? -14.219 14.416  3.058   1.00 44.32  ? 94  ILE A N   1 
ATOM   615  C  CA  . ILE A 1 88  ? -14.990 13.217  3.346   1.00 45.42  ? 94  ILE A CA  1 
ATOM   616  C  C   . ILE A 1 88  ? -15.631 13.324  4.741   1.00 42.22  ? 94  ILE A C   1 
ATOM   617  O  O   . ILE A 1 88  ? -16.774 12.891  4.938   1.00 43.95  ? 94  ILE A O   1 
ATOM   618  C  CB  . ILE A 1 88  ? -14.124 11.955  3.192   1.00 43.98  ? 94  ILE A CB  1 
ATOM   619  C  CG1 . ILE A 1 88  ? -13.918 11.631  1.709   1.00 46.74  ? 94  ILE A CG1 1 
ATOM   620  C  CG2 . ILE A 1 88  ? -14.727 10.784  3.956   1.00 39.12  ? 94  ILE A CG2 1 
ATOM   621  C  CD1 . ILE A 1 88  ? -12.733 10.744  1.423   1.00 44.55  ? 94  ILE A CD1 1 
ATOM   622  N  N   . CYS A 1 89  ? -14.890 13.877  5.697   1.00 41.59  ? 95  CYS A N   1 
ATOM   623  C  CA  . CYS A 1 89  ? -15.329 13.923  7.084   1.00 52.07  ? 95  CYS A CA  1 
ATOM   624  C  C   . CYS A 1 89  ? -16.562 14.842  7.211   1.00 57.05  ? 95  CYS A C   1 
ATOM   625  O  O   . CYS A 1 89  ? -17.591 14.437  7.779   1.00 60.07  ? 95  CYS A O   1 
ATOM   626  C  CB  . CYS A 1 89  ? -14.168 14.326  7.986   1.00 55.19  ? 95  CYS A CB  1 
ATOM   627  S  SG  . CYS A 1 89  ? -12.869 13.058  8.098   1.00 64.28  ? 95  CYS A SG  1 
ATOM   628  N  N   . ASN A 1 90  ? -16.510 16.021  6.574   1.00 55.98  ? 96  ASN A N   1 
ATOM   629  C  CA  . ASN A 1 90  ? -17.563 17.042  6.691   1.00 57.59  ? 96  ASN A CA  1 
ATOM   630  C  C   . ASN A 1 90  ? -18.892 16.575  6.094   1.00 56.80  ? 96  ASN A C   1 
ATOM   631  O  O   . ASN A 1 90  ? -19.947 17.005  6.553   1.00 63.25  ? 96  ASN A O   1 
ATOM   632  C  CB  . ASN A 1 90  ? -17.162 18.351  6.024   1.00 59.06  ? 96  ASN A CB  1 
ATOM   633  C  CG  . ASN A 1 90  ? -15.903 18.906  6.639   1.00 59.70  ? 96  ASN A CG  1 
ATOM   634  O  OD1 . ASN A 1 90  ? -15.664 18.723  7.831   1.00 62.94  ? 96  ASN A OD1 1 
ATOM   635  N  ND2 . ASN A 1 90  ? -15.087 19.553  5.827   1.00 64.03  ? 96  ASN A ND2 1 
ATOM   636  N  N   . THR A 1 91  ? -18.838 15.698  5.093   1.00 54.36  ? 97  THR A N   1 
ATOM   637  C  CA  . THR A 1 91  ? -20.031 15.246  4.428   1.00 55.03  ? 97  THR A CA  1 
ATOM   638  C  C   . THR A 1 91  ? -20.474 13.868  4.934   1.00 55.63  ? 97  THR A C   1 
ATOM   639  O  O   . THR A 1 91  ? -21.479 13.361  4.454   1.00 56.67  ? 97  THR A O   1 
ATOM   640  C  CB  . THR A 1 91  ? -19.829 15.209  2.908   1.00 59.75  ? 97  THR A CB  1 
ATOM   641  O  OG1 . THR A 1 91  ? -19.023 14.070  2.608   1.00 53.65  ? 97  THR A OG1 1 
ATOM   642  C  CG2 . THR A 1 91  ? -19.190 16.475  2.373   1.00 63.55  ? 97  THR A CG2 1 
ATOM   643  N  N   . THR A 1 92  ? -19.729 13.250  5.861   1.00 55.65  ? 98  THR A N   1 
ATOM   644  C  CA  . THR A 1 92  ? -20.139 11.944  6.410   1.00 52.97  ? 98  THR A CA  1 
ATOM   645  C  C   . THR A 1 92  ? -20.307 11.981  7.938   1.00 50.45  ? 98  THR A C   1 
ATOM   646  O  O   . THR A 1 92  ? -21.181 11.282  8.466   1.00 63.13  ? 98  THR A O   1 
ATOM   647  C  CB  . THR A 1 92  ? -19.178 10.840  5.963   1.00 56.15  ? 98  THR A CB  1 
ATOM   648  O  OG1 . THR A 1 92  ? -17.882 11.146  6.486   1.00 47.69  ? 98  THR A OG1 1 
ATOM   649  C  CG2 . THR A 1 92  ? -19.167 10.706  4.455   1.00 56.01  ? 98  THR A CG2 1 
ATOM   650  N  N   . GLY A 1 93  ? -19.489 12.787  8.622   1.00 48.07  ? 99  GLY A N   1 
ATOM   651  C  CA  . GLY A 1 93  ? -19.470 12.904  10.073  1.00 56.83  ? 99  GLY A CA  1 
ATOM   652  C  C   . GLY A 1 93  ? -18.353 12.082  10.704  1.00 61.20  ? 99  GLY A C   1 
ATOM   653  O  O   . GLY A 1 93  ? -18.010 12.306  11.873  1.00 58.20  ? 99  GLY A O   1 
ATOM   654  N  N   . VAL A 1 94  ? -17.771 11.157  9.919   1.00 63.68  ? 100 VAL A N   1 
ATOM   655  C  CA  . VAL A 1 94  ? -16.726 10.238  10.388  1.00 58.73  ? 100 VAL A CA  1 
ATOM   656  C  C   . VAL A 1 94  ? -15.562 11.071  10.931  1.00 58.24  ? 100 VAL A C   1 
ATOM   657  O  O   . VAL A 1 94  ? -15.120 12.045  10.316  1.00 59.27  ? 100 VAL A O   1 
ATOM   658  C  CB  . VAL A 1 94  ? -16.247 9.262   9.292   1.00 60.01  ? 100 VAL A CB  1 
ATOM   659  C  CG1 . VAL A 1 94  ? -17.392 8.518   8.608   1.00 56.43  ? 100 VAL A CG1 1 
ATOM   660  C  CG2 . VAL A 1 94  ? -15.372 9.957   8.262   1.00 63.01  ? 100 VAL A CG2 1 
ATOM   661  N  N   . GLU A 1 95  ? -15.076 10.660  12.104  1.00 59.95  ? 101 GLU A N   1 
ATOM   662  C  CA  . GLU A 1 95  ? -13.947 11.266  12.780  1.00 56.33  ? 101 GLU A CA  1 
ATOM   663  C  C   . GLU A 1 95  ? -12.748 11.329  11.829  1.00 54.73  ? 101 GLU A C   1 
ATOM   664  O  O   . GLU A 1 95  ? -12.563 10.458  10.967  1.00 52.53  ? 101 GLU A O   1 
ATOM   665  C  CB  . GLU A 1 95  ? -13.614 10.449  14.031  1.00 65.95  ? 101 GLU A CB  1 
ATOM   666  C  CG  . GLU A 1 95  ? -12.605 11.102  14.964  1.00 68.60  ? 101 GLU A CG  1 
ATOM   667  C  CD  . GLU A 1 95  ? -12.376 10.288  16.229  1.00 73.82  ? 101 GLU A CD  1 
ATOM   668  O  OE1 . GLU A 1 95  ? -11.249 9.781   16.412  1.00 75.33  ? 101 GLU A OE1 1 
ATOM   669  O  OE2 . GLU A 1 95  ? -13.333 10.137  17.010  1.00 72.22  ? 101 GLU A OE2 1 
ATOM   670  N  N   . LYS A 1 96  ? -11.937 12.369  12.025  1.00 52.59  ? 102 LYS A N   1 
ATOM   671  C  CA  . LYS A 1 96  ? -10.814 12.691  11.187  1.00 60.40  ? 102 LYS A CA  1 
ATOM   672  C  C   . LYS A 1 96  ? -9.564  12.005  11.743  1.00 60.90  ? 102 LYS A C   1 
ATOM   673  O  O   . LYS A 1 96  ? -9.214  12.167  12.912  1.00 53.13  ? 102 LYS A O   1 
ATOM   674  C  CB  . LYS A 1 96  ? -10.730 14.217  11.089  1.00 65.61  ? 102 LYS A CB  1 
ATOM   675  C  CG  . LYS A 1 96  ? -9.344  14.817  10.903  1.00 73.64  ? 102 LYS A CG  1 
ATOM   676  C  CD  . LYS A 1 96  ? -9.361  16.095  10.081  1.00 79.16  ? 102 LYS A CD  1 
ATOM   677  C  CE  . LYS A 1 96  ? -10.239 17.184  10.664  1.00 82.51  ? 102 LYS A CE  1 
ATOM   678  N  NZ  . LYS A 1 96  ? -11.164 17.741  9.652   1.00 83.53  ? 102 LYS A NZ  1 
ATOM   679  N  N   . PRO A 1 97  ? -8.856  11.177  10.946  1.00 60.62  ? 103 PRO A N   1 
ATOM   680  C  CA  . PRO A 1 97  ? -7.676  10.471  11.448  1.00 57.06  ? 103 PRO A CA  1 
ATOM   681  C  C   . PRO A 1 97  ? -6.514  11.445  11.676  1.00 53.41  ? 103 PRO A C   1 
ATOM   682  O  O   . PRO A 1 97  ? -6.552  12.570  11.179  1.00 54.41  ? 103 PRO A O   1 
ATOM   683  C  CB  . PRO A 1 97  ? -7.367  9.474   10.324  1.00 60.16  ? 103 PRO A CB  1 
ATOM   684  C  CG  . PRO A 1 97  ? -7.860  10.190  9.082   1.00 60.45  ? 103 PRO A CG  1 
ATOM   685  C  CD  . PRO A 1 97  ? -9.133  10.878  9.530   1.00 61.71  ? 103 PRO A CD  1 
ATOM   686  N  N   . LYS A 1 98  ? -5.500  10.979  12.408  1.00 53.25  ? 104 LYS A N   1 
ATOM   687  C  CA  . LYS A 1 98  ? -4.316  11.763  12.790  1.00 54.21  ? 104 LYS A CA  1 
ATOM   688  C  C   . LYS A 1 98  ? -3.215  11.572  11.748  1.00 53.16  ? 104 LYS A C   1 
ATOM   689  O  O   . LYS A 1 98  ? -2.309  12.414  11.627  1.00 54.28  ? 104 LYS A O   1 
ATOM   690  C  CB  . LYS A 1 98  ? -3.787  11.357  14.174  1.00 59.41  ? 104 LYS A CB  1 
ATOM   691  C  CG  . LYS A 1 98  ? -4.076  9.919   14.594  1.00 70.49  ? 104 LYS A CG  1 
ATOM   692  C  CD  . LYS A 1 98  ? -3.332  9.462   15.847  1.00 79.15  ? 104 LYS A CD  1 
ATOM   693  C  CE  . LYS A 1 98  ? -4.120  8.465   16.678  1.00 84.25  ? 104 LYS A CE  1 
ATOM   694  N  NZ  . LYS A 1 98  ? -5.200  9.118   17.463  1.00 83.50  ? 104 LYS A NZ  1 
ATOM   695  N  N   . PHE A 1 99  ? -3.272  10.438  11.045  1.00 46.51  ? 105 PHE A N   1 
ATOM   696  C  CA  . PHE A 1 99  ? -2.366  10.103  9.952   1.00 47.17  ? 105 PHE A CA  1 
ATOM   697  C  C   . PHE A 1 99  ? -3.203  9.865   8.685   1.00 47.79  ? 105 PHE A C   1 
ATOM   698  O  O   . PHE A 1 99  ? -4.342  9.420   8.744   1.00 47.87  ? 105 PHE A O   1 
ATOM   699  C  CB  . PHE A 1 99  ? -1.517  8.874   10.297  1.00 59.92  ? 105 PHE A CB  1 
ATOM   700  C  CG  . PHE A 1 99  ? -0.419  9.107   11.309  1.00 65.95  ? 105 PHE A CG  1 
ATOM   701  C  CD1 . PHE A 1 99  ? 0.493   10.143  11.151  1.00 75.84  ? 105 PHE A CD1 1 
ATOM   702  C  CD2 . PHE A 1 99  ? -0.272  8.266   12.403  1.00 74.32  ? 105 PHE A CD2 1 
ATOM   703  C  CE1 . PHE A 1 99  ? 1.505   10.348  12.077  1.00 84.39  ? 105 PHE A CE1 1 
ATOM   704  C  CE2 . PHE A 1 99  ? 0.747   8.467   13.327  1.00 77.22  ? 105 PHE A CE2 1 
ATOM   705  C  CZ  . PHE A 1 99  ? 1.637   9.503   13.160  1.00 81.95  ? 105 PHE A CZ  1 
ATOM   706  N  N   . LEU A 1 100 ? -2.618  10.160  7.530   1.00 41.06  ? 106 LEU A N   1 
ATOM   707  C  CA  . LEU A 1 100 ? -3.283  9.926   6.288   1.00 39.20  ? 106 LEU A CA  1 
ATOM   708  C  C   . LEU A 1 100 ? -3.462  8.426   6.080   1.00 35.12  ? 106 LEU A C   1 
ATOM   709  O  O   . LEU A 1 100 ? -2.501  7.654   6.027   1.00 36.30  ? 106 LEU A O   1 
ATOM   710  C  CB  . LEU A 1 100 ? -2.457  10.573  5.176   1.00 38.64  ? 106 LEU A CB  1 
ATOM   711  C  CG  . LEU A 1 100 ? -2.662  12.082  5.053   1.00 38.80  ? 106 LEU A CG  1 
ATOM   712  C  CD1 . LEU A 1 100 ? -1.766  12.649  3.979   1.00 38.17  ? 106 LEU A CD1 1 
ATOM   713  C  CD2 . LEU A 1 100 ? -4.108  12.446  4.753   1.00 42.21  ? 106 LEU A CD2 1 
ATOM   714  N  N   . PRO A 1 101 ? -4.706  7.933   5.984   1.00 32.07  ? 107 PRO A N   1 
ATOM   715  C  CA  . PRO A 1 101 ? -4.903  6.556   5.563   1.00 32.23  ? 107 PRO A CA  1 
ATOM   716  C  C   . PRO A 1 101 ? -4.707  6.459   4.039   1.00 32.13  ? 107 PRO A C   1 
ATOM   717  O  O   . PRO A 1 101 ? -4.234  7.390   3.411   1.00 29.64  ? 107 PRO A O   1 
ATOM   718  C  CB  . PRO A 1 101 ? -6.308  6.216   6.050   1.00 33.16  ? 107 PRO A CB  1 
ATOM   719  C  CG  . PRO A 1 101 ? -7.006  7.533   6.261   1.00 34.01  ? 107 PRO A CG  1 
ATOM   720  C  CD  . PRO A 1 101 ? -5.960  8.627   6.331   1.00 33.51  ? 107 PRO A CD  1 
ATOM   721  N  N   . ASP A 1 102 ? -5.036  5.290   3.493   1.00 32.53  ? 108 ASP A N   1 
ATOM   722  C  CA  . ASP A 1 102 ? -4.692  4.894   2.139   1.00 33.72  ? 108 ASP A CA  1 
ATOM   723  C  C   . ASP A 1 102 ? -5.921  5.063   1.229   1.00 33.92  ? 108 ASP A C   1 
ATOM   724  O  O   . ASP A 1 102 ? -5.751  5.437   0.094   1.00 33.20  ? 108 ASP A O   1 
ATOM   725  C  CB  . ASP A 1 102 ? -4.160  3.458   2.137   1.00 30.70  ? 108 ASP A CB  1 
ATOM   726  C  CG  . ASP A 1 102 ? -2.725  3.331   2.623   1.00 32.42  ? 108 ASP A CG  1 
ATOM   727  O  OD1 . ASP A 1 102 ? -1.940  4.222   2.300   1.00 32.31  ? 108 ASP A OD1 1 
ATOM   728  O  OD2 . ASP A 1 102 ? -2.408  2.334   3.308   1.00 31.57  ? 108 ASP A OD2 1 
ATOM   729  N  N   . LEU A 1 103 ? -7.116  4.681   1.730   1.00 35.56  ? 109 LEU A N   1 
ATOM   730  C  CA  . LEU A 1 103 ? -8.396  4.732   0.980   1.00 36.67  ? 109 LEU A CA  1 
ATOM   731  C  C   . LEU A 1 103 ? -9.536  5.127   1.920   1.00 41.18  ? 109 LEU A C   1 
ATOM   732  O  O   . LEU A 1 103 ? -9.451  4.952   3.152   1.00 36.33  ? 109 LEU A O   1 
ATOM   733  C  CB  . LEU A 1 103 ? -8.736  3.358   0.396   1.00 38.90  ? 109 LEU A CB  1 
ATOM   734  C  CG  . LEU A 1 103 ? -7.661  2.641   -0.420  1.00 41.02  ? 109 LEU A CG  1 
ATOM   735  C  CD1 . LEU A 1 103 ? -7.958  1.168   -0.481  1.00 44.05  ? 109 LEU A CD1 1 
ATOM   736  C  CD2 . LEU A 1 103 ? -7.566  3.196   -1.822  1.00 44.43  ? 109 LEU A CD2 1 
ATOM   737  N  N   . TYR A 1 104 ? -10.651 5.553   1.313   1.00 43.13  ? 110 TYR A N   1 
ATOM   738  C  CA  . TYR A 1 104 ? -11.957 5.625   2.004   1.00 41.29  ? 110 TYR A CA  1 
ATOM   739  C  C   . TYR A 1 104 ? -12.923 4.682   1.290   1.00 40.20  ? 110 TYR A C   1 
ATOM   740  O  O   . TYR A 1 104 ? -12.922 4.610   0.080   1.00 42.07  ? 110 TYR A O   1 
ATOM   741  C  CB  . TYR A 1 104 ? -12.485 7.064   2.057   1.00 41.88  ? 110 TYR A CB  1 
ATOM   742  C  CG  . TYR A 1 104 ? -13.763 7.195   2.838   1.00 43.24  ? 110 TYR A CG  1 
ATOM   743  C  CD1 . TYR A 1 104 ? -13.742 7.193   4.221   1.00 45.77  ? 110 TYR A CD1 1 
ATOM   744  C  CD2 . TYR A 1 104 ? -15.003 7.262   2.218   1.00 42.36  ? 110 TYR A CD2 1 
ATOM   745  C  CE1 . TYR A 1 104 ? -14.907 7.284   4.969   1.00 44.87  ? 110 TYR A CE1 1 
ATOM   746  C  CE2 . TYR A 1 104 ? -16.177 7.346   2.956   1.00 42.36  ? 110 TYR A CE2 1 
ATOM   747  C  CZ  . TYR A 1 104 ? -16.133 7.360   4.340   1.00 42.07  ? 110 TYR A CZ  1 
ATOM   748  O  OH  . TYR A 1 104 ? -17.271 7.451   5.104   1.00 45.31  ? 110 TYR A OH  1 
ATOM   749  N  N   . ASP A 1 105 ? -13.673 3.903   2.070   1.00 38.62  ? 111 ASP A N   1 
ATOM   750  C  CA  . ASP A 1 105 ? -14.639 2.964   1.575   1.00 38.19  ? 111 ASP A CA  1 
ATOM   751  C  C   . ASP A 1 105 ? -16.020 3.619   1.730   1.00 44.48  ? 111 ASP A C   1 
ATOM   752  O  O   . ASP A 1 105 ? -16.498 3.783   2.852   1.00 38.49  ? 111 ASP A O   1 
ATOM   753  C  CB  . ASP A 1 105 ? -14.515 1.658   2.360   1.00 41.07  ? 111 ASP A CB  1 
ATOM   754  C  CG  . ASP A 1 105 ? -15.400 0.512   1.905   1.00 44.05  ? 111 ASP A CG  1 
ATOM   755  O  OD1 . ASP A 1 105 ? -16.377 0.776   1.200   1.00 42.63  ? 111 ASP A OD1 1 
ATOM   756  O  OD2 . ASP A 1 105 ? -15.128 -0.638  2.315   1.00 48.55  ? 111 ASP A OD2 1 
ATOM   757  N  N   . TYR A 1 106 ? -16.629 4.036   0.611   1.00 47.83  ? 112 TYR A N   1 
ATOM   758  C  CA  . TYR A 1 106 ? -17.930 4.766   0.632   1.00 49.85  ? 112 TYR A CA  1 
ATOM   759  C  C   . TYR A 1 106 ? -19.095 3.802   0.886   1.00 48.96  ? 112 TYR A C   1 
ATOM   760  O  O   . TYR A 1 106 ? -20.198 4.230   1.206   1.00 51.53  ? 112 TYR A O   1 
ATOM   761  C  CB  . TYR A 1 106 ? -18.196 5.496   -0.684  1.00 48.28  ? 112 TYR A CB  1 
ATOM   762  C  CG  . TYR A 1 106 ? -17.407 6.758   -0.915  1.00 44.18  ? 112 TYR A CG  1 
ATOM   763  C  CD1 . TYR A 1 106 ? -17.624 7.907   -0.170  1.00 43.39  ? 112 TYR A CD1 1 
ATOM   764  C  CD2 . TYR A 1 106 ? -16.500 6.824   -1.947  1.00 42.84  ? 112 TYR A CD2 1 
ATOM   765  C  CE1 . TYR A 1 106 ? -16.901 9.063   -0.405  1.00 40.07  ? 112 TYR A CE1 1 
ATOM   766  C  CE2 . TYR A 1 106 ? -15.773 7.969   -2.196  1.00 46.13  ? 112 TYR A CE2 1 
ATOM   767  C  CZ  . TYR A 1 106 ? -15.978 9.095   -1.432  1.00 42.50  ? 112 TYR A CZ  1 
ATOM   768  O  OH  . TYR A 1 106 ? -15.222 10.196  -1.725  1.00 47.45  ? 112 TYR A OH  1 
ATOM   769  N  N   . LYS A 1 107 ? -18.853 2.499   0.737   1.00 45.19  ? 113 LYS A N   1 
ATOM   770  C  CA  . LYS A 1 107 ? -19.882 1.538   1.036   1.00 49.58  ? 113 LYS A CA  1 
ATOM   771  C  C   . LYS A 1 107 ? -19.924 1.269   2.540   1.00 49.05  ? 113 LYS A C   1 
ATOM   772  O  O   . LYS A 1 107 ? -20.986 1.245   3.119   1.00 49.64  ? 113 LYS A O   1 
ATOM   773  C  CB  . LYS A 1 107 ? -19.656 0.225   0.287   1.00 50.98  ? 113 LYS A CB  1 
ATOM   774  C  CG  . LYS A 1 107 ? -20.500 -0.921  0.811   1.00 55.87  ? 113 LYS A CG  1 
ATOM   775  C  CD  . LYS A 1 107 ? -20.567 -2.108  -0.107  1.00 59.23  ? 113 LYS A CD  1 
ATOM   776  C  CE  . LYS A 1 107 ? -21.125 -3.318  0.610   1.00 67.28  ? 113 LYS A CE  1 
ATOM   777  N  NZ  . LYS A 1 107 ? -21.432 -4.415  -0.334  1.00 71.33  ? 113 LYS A NZ  1 
ATOM   778  N  N   . GLU A 1 108 ? -18.756 1.025   3.148   1.00 51.60  ? 114 GLU A N   1 
ATOM   779  C  CA  . GLU A 1 108 ? -18.680 0.675   4.568   1.00 48.86  ? 114 GLU A CA  1 
ATOM   780  C  C   . GLU A 1 108 ? -18.477 1.928   5.428   1.00 46.67  ? 114 GLU A C   1 
ATOM   781  O  O   . GLU A 1 108 ? -18.523 1.839   6.623   1.00 46.75  ? 114 GLU A O   1 
ATOM   782  C  CB  . GLU A 1 108 ? -17.583 -0.368  4.783   1.00 52.37  ? 114 GLU A CB  1 
ATOM   783  C  CG  . GLU A 1 108 ? -17.929 -1.725  4.178   1.00 54.86  ? 114 GLU A CG  1 
ATOM   784  C  CD  . GLU A 1 108 ? -19.036 -2.501  4.881   1.00 62.72  ? 114 GLU A CD  1 
ATOM   785  O  OE1 . GLU A 1 108 ? -19.488 -2.050  5.951   1.00 64.81  ? 114 GLU A OE1 1 
ATOM   786  O  OE2 . GLU A 1 108 ? -19.459 -3.554  4.353   1.00 75.24  ? 114 GLU A OE2 1 
ATOM   787  N  N   . ASN A 1 109 ? -18.232 3.078   4.792   1.00 49.07  ? 115 ASN A N   1 
ATOM   788  C  CA  . ASN A 1 109 ? -18.075 4.393   5.445   1.00 51.32  ? 115 ASN A CA  1 
ATOM   789  C  C   . ASN A 1 109 ? -16.986 4.354   6.531   1.00 51.80  ? 115 ASN A C   1 
ATOM   790  O  O   . ASN A 1 109 ? -17.213 4.750   7.688   1.00 45.82  ? 115 ASN A O   1 
ATOM   791  C  CB  . ASN A 1 109 ? -19.430 4.914   5.936   1.00 51.28  ? 115 ASN A CB  1 
ATOM   792  C  CG  . ASN A 1 109 ? -20.296 5.326   4.766   1.00 56.97  ? 115 ASN A CG  1 
ATOM   793  O  OD1 . ASN A 1 109 ? -20.027 6.343   4.127   1.00 51.47  ? 115 ASN A OD1 1 
ATOM   794  N  ND2 . ASN A 1 109 ? -21.290 4.511   4.445   1.00 56.75  ? 115 ASN A ND2 1 
ATOM   795  N  N   . ARG A 1 110 ? -15.785 3.919   6.132   1.00 46.89  ? 116 ARG A N   1 
ATOM   796  C  CA  . ARG A 1 110 ? -14.606 3.856   7.012   1.00 41.35  ? 116 ARG A CA  1 
ATOM   797  C  C   . ARG A 1 110 ? -13.363 4.068   6.160   1.00 41.12  ? 116 ARG A C   1 
ATOM   798  O  O   . ARG A 1 110 ? -13.336 3.642   5.001   1.00 40.24  ? 116 ARG A O   1 
ATOM   799  C  CB  . ARG A 1 110 ? -14.498 2.501   7.715   1.00 42.21  ? 116 ARG A CB  1 
ATOM   800  C  CG  . ARG A 1 110 ? -14.271 1.300   6.800   1.00 43.42  ? 116 ARG A CG  1 
ATOM   801  C  CD  . ARG A 1 110 ? -14.803 0.012   7.418   1.00 43.00  ? 116 ARG A CD  1 
ATOM   802  N  NE  . ARG A 1 110 ? -14.512 -1.165  6.612   1.00 47.15  ? 116 ARG A NE  1 
ATOM   803  C  CZ  . ARG A 1 110 ? -15.053 -2.374  6.778   1.00 43.18  ? 116 ARG A CZ  1 
ATOM   804  N  NH1 . ARG A 1 110 ? -15.927 -2.600  7.742   1.00 45.47  ? 116 ARG A NH1 1 
ATOM   805  N  NH2 . ARG A 1 110 ? -14.738 -3.361  5.964   1.00 47.55  ? 116 ARG A NH2 1 
ATOM   806  N  N   . PHE A 1 111 ? -12.358 4.728   6.726   1.00 41.67  ? 117 PHE A N   1 
ATOM   807  C  CA  . PHE A 1 111 ? -11.041 4.746   6.113   1.00 39.50  ? 117 PHE A CA  1 
ATOM   808  C  C   . PHE A 1 111 ? -10.396 3.364   6.216   1.00 41.12  ? 117 PHE A C   1 
ATOM   809  O  O   . PHE A 1 111 ? -10.714 2.585   7.117   1.00 43.42  ? 117 PHE A O   1 
ATOM   810  C  CB  . PHE A 1 111 ? -10.161 5.811   6.737   1.00 37.78  ? 117 PHE A CB  1 
ATOM   811  C  CG  . PHE A 1 111 ? -10.665 7.207   6.507   1.00 40.87  ? 117 PHE A CG  1 
ATOM   812  C  CD1 . PHE A 1 111 ? -10.379 7.879   5.322   1.00 37.96  ? 117 PHE A CD1 1 
ATOM   813  C  CD2 . PHE A 1 111 ? -11.425 7.846   7.474   1.00 39.07  ? 117 PHE A CD2 1 
ATOM   814  C  CE1 . PHE A 1 111 ? -10.845 9.167   5.113   1.00 43.03  ? 117 PHE A CE1 1 
ATOM   815  C  CE2 . PHE A 1 111 ? -11.898 9.129   7.255   1.00 42.35  ? 117 PHE A CE2 1 
ATOM   816  C  CZ  . PHE A 1 111 ? -11.612 9.787   6.074   1.00 39.93  ? 117 PHE A CZ  1 
ATOM   817  N  N   . ILE A 1 112 ? -9.510  3.075   5.251   1.00 38.07  ? 118 ILE A N   1 
ATOM   818  C  CA  . ILE A 1 112 ? -8.721  1.860   5.233   1.00 36.29  ? 118 ILE A CA  1 
ATOM   819  C  C   . ILE A 1 112 ? -7.237  2.239   5.243   1.00 35.93  ? 118 ILE A C   1 
ATOM   820  O  O   . ILE A 1 112 ? -6.812  3.102   4.508   1.00 33.70  ? 118 ILE A O   1 
ATOM   821  C  CB  . ILE A 1 112 ? -9.057  1.003   3.996   1.00 34.41  ? 118 ILE A CB  1 
ATOM   822  C  CG1 . ILE A 1 112 ? -10.531 0.597   3.935   1.00 34.50  ? 118 ILE A CG1 1 
ATOM   823  C  CG2 . ILE A 1 112 ? -8.145  -0.211  3.920   1.00 33.88  ? 118 ILE A CG2 1 
ATOM   824  C  CD1 . ILE A 1 112 ? -10.973 0.203   2.543   1.00 39.22  ? 118 ILE A CD1 1 
ATOM   825  N  N   . GLU A 1 113 ? -6.462  1.536   6.073   1.00 34.81  ? 119 GLU A N   1 
ATOM   826  C  CA  . GLU A 1 113 ? -5.039  1.537   6.008   1.00 33.64  ? 119 GLU A CA  1 
ATOM   827  C  C   . GLU A 1 113 ? -4.601  0.194   5.426   1.00 33.89  ? 119 GLU A C   1 
ATOM   828  O  O   . GLU A 1 113 ? -4.905  -0.845  5.983   1.00 34.06  ? 119 GLU A O   1 
ATOM   829  C  CB  . GLU A 1 113 ? -4.403  1.700   7.386   1.00 36.21  ? 119 GLU A CB  1 
ATOM   830  C  CG  . GLU A 1 113 ? -2.891  1.498   7.351   1.00 34.13  ? 119 GLU A CG  1 
ATOM   831  C  CD  . GLU A 1 113 ? -2.168  2.469   6.447   1.00 34.24  ? 119 GLU A CD  1 
ATOM   832  O  OE1 . GLU A 1 113 ? -2.660  3.594   6.342   1.00 31.48  ? 119 GLU A OE1 1 
ATOM   833  O  OE2 . GLU A 1 113 ? -1.102  2.105   5.881   1.00 32.49  ? 119 GLU A OE2 1 
ATOM   834  N  N   . ILE A 1 114 ? -3.846  0.259   4.328   1.00 34.48  ? 120 ILE A N   1 
ATOM   835  C  CA  . ILE A 1 114 ? -3.342  -0.890  3.645   1.00 34.52  ? 120 ILE A CA  1 
ATOM   836  C  C   . ILE A 1 114 ? -1.894  -1.107  4.074   1.00 32.23  ? 120 ILE A C   1 
ATOM   837  O  O   . ILE A 1 114 ? -1.085  -0.163  3.906   1.00 30.47  ? 120 ILE A O   1 
ATOM   838  C  CB  . ILE A 1 114 ? -3.386  -0.672  2.119   1.00 35.19  ? 120 ILE A CB  1 
ATOM   839  C  CG1 . ILE A 1 114 ? -4.807  -0.534  1.588   1.00 40.17  ? 120 ILE A CG1 1 
ATOM   840  C  CG2 . ILE A 1 114 ? -2.636  -1.788  1.416   1.00 37.65  ? 120 ILE A CG2 1 
ATOM   841  C  CD1 . ILE A 1 114 ? -5.597  -1.816  1.644   1.00 41.64  ? 120 ILE A CD1 1 
ATOM   842  N  N   . GLY A 1 115 ? -1.564  -2.345  4.482   1.00 29.14  ? 121 GLY A N   1 
ATOM   843  C  CA  . GLY A 1 115 ? -0.168  -2.718  4.737   1.00 31.18  ? 121 GLY A CA  1 
ATOM   844  C  C   . GLY A 1 115 ? 0.305   -3.855  3.850   1.00 30.17  ? 121 GLY A C   1 
ATOM   845  O  O   . GLY A 1 115 ? -0.463  -4.776  3.559   1.00 26.65  ? 121 GLY A O   1 
ATOM   846  N  N   . VAL A 1 116 ? 1.562   -3.763  3.385   1.00 27.97  ? 122 VAL A N   1 
ATOM   847  C  CA  . VAL A 1 116 ? 2.203   -4.815  2.617   1.00 28.31  ? 122 VAL A CA  1 
ATOM   848  C  C   . VAL A 1 116 ? 3.506   -5.174  3.338   1.00 30.81  ? 122 VAL A C   1 
ATOM   849  O  O   . VAL A 1 116 ? 4.375   -4.302  3.515   1.00 29.79  ? 122 VAL A O   1 
ATOM   850  C  CB  . VAL A 1 116 ? 2.500   -4.398  1.159   1.00 32.01  ? 122 VAL A CB  1 
ATOM   851  C  CG1 . VAL A 1 116 ? 3.260   -5.494  0.434   1.00 29.73  ? 122 VAL A CG1 1 
ATOM   852  C  CG2 . VAL A 1 116 ? 1.242   -4.038  0.382   1.00 31.34  ? 122 VAL A CG2 1 
ATOM   853  N  N   . THR A 1 117 ? 3.629   -6.426  3.787   1.00 29.64  ? 123 THR A N   1 
ATOM   854  C  CA  . THR A 1 117 ? 4.740   -6.804  4.672   1.00 30.98  ? 123 THR A CA  1 
ATOM   855  C  C   . THR A 1 117 ? 5.480   -8.004  4.103   1.00 29.70  ? 123 THR A C   1 
ATOM   856  O  O   . THR A 1 117 ? 4.860   -8.915  3.543   1.00 29.76  ? 123 THR A O   1 
ATOM   857  C  CB  . THR A 1 117 ? 4.264   -7.148  6.104   1.00 31.27  ? 123 THR A CB  1 
ATOM   858  O  OG1 . THR A 1 117 ? 5.412   -7.413  6.925   1.00 33.12  ? 123 THR A OG1 1 
ATOM   859  C  CG2 . THR A 1 117 ? 3.333   -8.346  6.140   1.00 30.59  ? 123 THR A CG2 1 
ATOM   860  N  N   . ARG A 1 118 ? 6.792   -8.047  4.332   1.00 31.94  ? 124 ARG A N   1 
ATOM   861  C  CA  . ARG A 1 118 ? 7.525   -9.311  4.112   1.00 38.06  ? 124 ARG A CA  1 
ATOM   862  C  C   . ARG A 1 118 ? 7.705   -10.115 5.413   1.00 39.50  ? 124 ARG A C   1 
ATOM   863  O  O   . ARG A 1 118 ? 8.247   -11.209 5.355   1.00 42.64  ? 124 ARG A O   1 
ATOM   864  C  CB  . ARG A 1 118 ? 8.867   -9.113  3.398   1.00 39.47  ? 124 ARG A CB  1 
ATOM   865  C  CG  . ARG A 1 118 ? 9.545   -7.787  3.618   1.00 45.50  ? 124 ARG A CG  1 
ATOM   866  C  CD  . ARG A 1 118 ? 9.122   -6.764  2.583   1.00 46.38  ? 124 ARG A CD  1 
ATOM   867  N  NE  . ARG A 1 118 ? 10.327  -6.012  2.374   1.00 40.07  ? 124 ARG A NE  1 
ATOM   868  C  CZ  . ARG A 1 118 ? 10.502  -4.726  2.603   1.00 40.19  ? 124 ARG A CZ  1 
ATOM   869  N  NH1 . ARG A 1 118 ? 9.482   -3.928  2.812   1.00 36.93  ? 124 ARG A NH1 1 
ATOM   870  N  NH2 . ARG A 1 118 ? 11.723  -4.233  2.550   1.00 41.68  ? 124 ARG A NH2 1 
ATOM   871  N  N   . ARG A 1 119 ? 7.213   -9.635  6.567   1.00 39.03  ? 125 ARG A N   1 
ATOM   872  C  CA  . ARG A 1 119 ? 7.199   -10.452 7.812   1.00 37.57  ? 125 ARG A CA  1 
ATOM   873  C  C   . ARG A 1 119 ? 5.826   -11.137 7.959   1.00 43.22  ? 125 ARG A C   1 
ATOM   874  O  O   . ARG A 1 119 ? 4.977   -11.080 7.055   1.00 42.48  ? 125 ARG A O   1 
ATOM   875  C  CB  . ARG A 1 119 ? 7.467   -9.534  9.001   1.00 39.98  ? 125 ARG A CB  1 
ATOM   876  C  CG  . ARG A 1 119 ? 8.836   -8.876  8.995   1.00 39.78  ? 125 ARG A CG  1 
ATOM   877  C  CD  . ARG A 1 119 ? 8.868   -7.853  10.100  1.00 41.35  ? 125 ARG A CD  1 
ATOM   878  N  NE  . ARG A 1 119 ? 8.082   -6.702  9.698   1.00 41.80  ? 125 ARG A NE  1 
ATOM   879  C  CZ  . ARG A 1 119 ? 7.714   -5.727  10.512  1.00 47.84  ? 125 ARG A CZ  1 
ATOM   880  N  NH1 . ARG A 1 119 ? 7.808   -5.887  11.823  1.00 44.43  ? 125 ARG A NH1 1 
ATOM   881  N  NH2 . ARG A 1 119 ? 7.290   -4.579  10.008  1.00 41.00  ? 125 ARG A NH2 1 
ATOM   882  N  N   . GLU A 1 120 ? 5.573   -11.745 9.115   1.00 41.06  ? 126 GLU A N   1 
ATOM   883  C  CA  . GLU A 1 120 ? 4.294   -12.380 9.380   1.00 45.18  ? 126 GLU A CA  1 
ATOM   884  C  C   . GLU A 1 120 ? 3.200   -11.310 9.483   1.00 41.59  ? 126 GLU A C   1 
ATOM   885  O  O   . GLU A 1 120 ? 3.373   -10.231 10.088  1.00 37.69  ? 126 GLU A O   1 
ATOM   886  C  CB  . GLU A 1 120 ? 4.347   -13.255 10.635  1.00 56.85  ? 126 GLU A CB  1 
ATOM   887  C  CG  . GLU A 1 120 ? 3.354   -14.411 10.613  1.00 67.86  ? 126 GLU A CG  1 
ATOM   888  C  CD  . GLU A 1 120 ? 3.658   -15.536 9.627   1.00 72.13  ? 126 GLU A CD  1 
ATOM   889  O  OE1 . GLU A 1 120 ? 2.755   -15.889 8.812   1.00 71.03  ? 126 GLU A OE1 1 
ATOM   890  O  OE2 . GLU A 1 120 ? 4.781   -16.082 9.694   1.00 71.43  ? 126 GLU A OE2 1 
ATOM   891  N  N   . VAL A 1 121 ? 2.056   -11.621 8.865   1.00 38.01  ? 127 VAL A N   1 
ATOM   892  C  CA  . VAL A 1 121 ? 0.985   -10.677 8.720   1.00 39.90  ? 127 VAL A CA  1 
ATOM   893  C  C   . VAL A 1 121 ? 0.506   -10.216 10.105  1.00 38.10  ? 127 VAL A C   1 
ATOM   894  O  O   . VAL A 1 121 ? 0.239   -9.046  10.255  1.00 38.86  ? 127 VAL A O   1 
ATOM   895  C  CB  . VAL A 1 121 ? -0.161  -11.200 7.826   1.00 41.82  ? 127 VAL A CB  1 
ATOM   896  C  CG1 . VAL A 1 121 ? 0.298   -11.352 6.373   1.00 42.47  ? 127 VAL A CG1 1 
ATOM   897  C  CG2 . VAL A 1 121 ? -0.768  -12.501 8.333   1.00 42.55  ? 127 VAL A CG2 1 
ATOM   898  N  N   . HIS A 1 122 ? 0.455   -11.104 11.107  1.00 35.84  ? 128 HIS A N   1 
ATOM   899  C  CA  . HIS A 1 122 ? -0.082  -10.737 12.444  1.00 41.96  ? 128 HIS A CA  1 
ATOM   900  C  C   . HIS A 1 122 ? 0.844   -9.700  13.088  1.00 40.75  ? 128 HIS A C   1 
ATOM   901  O  O   . HIS A 1 122 ? 0.383   -8.732  13.661  1.00 42.13  ? 128 HIS A O   1 
ATOM   902  C  CB  . HIS A 1 122 ? -0.353  -11.988 13.310  1.00 46.19  ? 128 HIS A CB  1 
ATOM   903  C  CG  . HIS A 1 122 ? 0.880   -12.623 13.857  1.00 53.79  ? 128 HIS A CG  1 
ATOM   904  N  ND1 . HIS A 1 122 ? 1.492   -13.711 13.251  1.00 57.99  ? 128 HIS A ND1 1 
ATOM   905  C  CD2 . HIS A 1 122 ? 1.639   -12.307 14.934  1.00 60.25  ? 128 HIS A CD2 1 
ATOM   906  C  CE1 . HIS A 1 122 ? 2.577   -14.037 13.932  1.00 58.84  ? 128 HIS A CE1 1 
ATOM   907  N  NE2 . HIS A 1 122 ? 2.692   -13.187 14.968  1.00 59.91  ? 128 HIS A NE2 1 
ATOM   908  N  N   . ILE A 1 123 ? 2.157   -9.883  12.904  1.00 43.36  ? 129 ILE A N   1 
ATOM   909  C  CA  . ILE A 1 123 ? 3.174   -8.985  13.448  1.00 45.26  ? 129 ILE A CA  1 
ATOM   910  C  C   . ILE A 1 123 ? 2.965   -7.569  12.921  1.00 44.35  ? 129 ILE A C   1 
ATOM   911  O  O   . ILE A 1 123 ? 2.924   -6.606  13.717  1.00 41.79  ? 129 ILE A O   1 
ATOM   912  C  CB  . ILE A 1 123 ? 4.596   -9.503  13.154  1.00 46.22  ? 129 ILE A CB  1 
ATOM   913  C  CG1 . ILE A 1 123 ? 4.979   -10.606 14.145  1.00 53.63  ? 129 ILE A CG1 1 
ATOM   914  C  CG2 . ILE A 1 123 ? 5.625   -8.382  13.152  1.00 44.74  ? 129 ILE A CG2 1 
ATOM   915  C  CD1 . ILE A 1 123 ? 6.032   -11.548 13.629  1.00 56.66  ? 129 ILE A CD1 1 
ATOM   916  N  N   . TYR A 1 124 ? 2.887   -7.443  11.589  1.00 40.02  ? 130 TYR A N   1 
ATOM   917  C  CA  . TYR A 1 124 ? 2.764   -6.154  10.967  1.00 38.59  ? 130 TYR A CA  1 
ATOM   918  C  C   . TYR A 1 124 ? 1.393   -5.548  11.319  1.00 34.15  ? 130 TYR A C   1 
ATOM   919  O  O   . TYR A 1 124 ? 1.296   -4.362  11.567  1.00 35.19  ? 130 TYR A O   1 
ATOM   920  C  CB  . TYR A 1 124 ? 3.015   -6.240  9.452   1.00 39.98  ? 130 TYR A CB  1 
ATOM   921  C  CG  . TYR A 1 124 ? 3.172   -4.898  8.781   1.00 40.64  ? 130 TYR A CG  1 
ATOM   922  C  CD1 . TYR A 1 124 ? 4.020   -3.921  9.294   1.00 44.09  ? 130 TYR A CD1 1 
ATOM   923  C  CD2 . TYR A 1 124 ? 2.486   -4.599  7.615   1.00 40.80  ? 130 TYR A CD2 1 
ATOM   924  C  CE1 . TYR A 1 124 ? 4.159   -2.681  8.686   1.00 44.87  ? 130 TYR A CE1 1 
ATOM   925  C  CE2 . TYR A 1 124 ? 2.640   -3.375  6.979   1.00 41.75  ? 130 TYR A CE2 1 
ATOM   926  C  CZ  . TYR A 1 124 ? 3.468   -2.405  7.518   1.00 44.89  ? 130 TYR A CZ  1 
ATOM   927  O  OH  . TYR A 1 124 ? 3.603   -1.201  6.886   1.00 45.95  ? 130 TYR A OH  1 
ATOM   928  N  N   . TYR A 1 125 ? 0.350   -6.383  11.376  1.00 35.76  ? 131 TYR A N   1 
ATOM   929  C  CA  . TYR A 1 125 ? -0.967  -5.933  11.746  1.00 37.40  ? 131 TYR A CA  1 
ATOM   930  C  C   . TYR A 1 125 ? -0.903  -5.228  13.110  1.00 39.98  ? 131 TYR A C   1 
ATOM   931  O  O   . TYR A 1 125 ? -1.371  -4.093  13.251  1.00 36.27  ? 131 TYR A O   1 
ATOM   932  C  CB  . TYR A 1 125 ? -1.981  -7.084  11.779  1.00 38.30  ? 131 TYR A CB  1 
ATOM   933  C  CG  . TYR A 1 125 ? -3.362  -6.599  12.148  1.00 42.08  ? 131 TYR A CG  1 
ATOM   934  C  CD1 . TYR A 1 125 ? -3.668  -6.247  13.456  1.00 47.39  ? 131 TYR A CD1 1 
ATOM   935  C  CD2 . TYR A 1 125 ? -4.338  -6.381  11.185  1.00 39.66  ? 131 TYR A CD2 1 
ATOM   936  C  CE1 . TYR A 1 125 ? -4.917  -5.754  13.807  1.00 44.95  ? 131 TYR A CE1 1 
ATOM   937  C  CE2 . TYR A 1 125 ? -5.583  -5.867  11.513  1.00 39.61  ? 131 TYR A CE2 1 
ATOM   938  C  CZ  . TYR A 1 125 ? -5.876  -5.560  12.832  1.00 45.96  ? 131 TYR A CZ  1 
ATOM   939  O  OH  . TYR A 1 125 ? -7.094  -5.061  13.179  1.00 53.17  ? 131 TYR A OH  1 
ATOM   940  N  N   . LEU A 1 126 ? -0.320  -5.913  14.105  1.00 39.67  ? 132 LEU A N   1 
ATOM   941  C  CA  . LEU A 1 126 ? -0.148  -5.351  15.456  1.00 42.88  ? 132 LEU A CA  1 
ATOM   942  C  C   . LEU A 1 126 ? 0.542   -3.994  15.380  1.00 40.74  ? 132 LEU A C   1 
ATOM   943  O  O   . LEU A 1 126 ? 0.111   -3.036  16.010  1.00 43.56  ? 132 LEU A O   1 
ATOM   944  C  CB  . LEU A 1 126 ? 0.671   -6.333  16.302  1.00 40.61  ? 132 LEU A CB  1 
ATOM   945  C  CG  . LEU A 1 126 ? -0.135  -7.525  16.803  1.00 40.89  ? 132 LEU A CG  1 
ATOM   946  C  CD1 . LEU A 1 126 ? 0.765   -8.563  17.441  1.00 42.13  ? 132 LEU A CD1 1 
ATOM   947  C  CD2 . LEU A 1 126 ? -1.201  -7.052  17.781  1.00 42.62  ? 132 LEU A CD2 1 
ATOM   948  N  N   . GLU A 1 127 ? 1.605   -3.944  14.581  1.00 39.81  ? 133 GLU A N   1 
ATOM   949  C  CA  . GLU A 1 127 ? 2.457   -2.808  14.493  1.00 42.78  ? 133 GLU A CA  1 
ATOM   950  C  C   . GLU A 1 127 ? 1.669   -1.613  13.940  1.00 45.19  ? 133 GLU A C   1 
ATOM   951  O  O   . GLU A 1 127 ? 1.814   -0.488  14.412  1.00 39.16  ? 133 GLU A O   1 
ATOM   952  C  CB  . GLU A 1 127 ? 3.683   -3.215  13.679  1.00 46.35  ? 133 GLU A CB  1 
ATOM   953  C  CG  . GLU A 1 127 ? 4.823   -2.237  13.757  1.00 48.23  ? 133 GLU A CG  1 
ATOM   954  C  CD  . GLU A 1 127 ? 6.016   -2.648  12.919  1.00 56.25  ? 133 GLU A CD  1 
ATOM   955  O  OE1 . GLU A 1 127 ? 6.230   -2.008  11.873  1.00 61.17  ? 133 GLU A OE1 1 
ATOM   956  O  OE2 . GLU A 1 127 ? 6.743   -3.585  13.324  1.00 57.75  ? 133 GLU A OE2 1 
ATOM   957  N  N   . LYS A 1 128 ? 0.788   -1.868  12.964  1.00 43.49  ? 134 LYS A N   1 
ATOM   958  C  CA  . LYS A 1 128 ? -0.064  -0.823  12.420  1.00 40.20  ? 134 LYS A CA  1 
ATOM   959  C  C   . LYS A 1 128 ? -1.176  -0.429  13.390  1.00 41.10  ? 134 LYS A C   1 
ATOM   960  O  O   . LYS A 1 128 ? -1.574  0.707   13.416  1.00 41.65  ? 134 LYS A O   1 
ATOM   961  C  CB  . LYS A 1 128 ? -0.809  -1.301  11.173  1.00 44.43  ? 134 LYS A CB  1 
ATOM   962  C  CG  . LYS A 1 128 ? 0.029   -1.295  9.923   1.00 43.53  ? 134 LYS A CG  1 
ATOM   963  C  CD  . LYS A 1 128 ? 0.097   0.053   9.304   1.00 44.00  ? 134 LYS A CD  1 
ATOM   964  C  CE  . LYS A 1 128 ? 0.589   -0.037  7.879   1.00 37.99  ? 134 LYS A CE  1 
ATOM   965  N  NZ  . LYS A 1 128 ? 1.256   1.217   7.508   1.00 38.54  ? 134 LYS A NZ  1 
ATOM   966  N  N   . ALA A 1 129 ? -1.775  -1.409  14.061  1.00 45.14  ? 135 ALA A N   1 
ATOM   967  C  CA  . ALA A 1 129 ? -2.898  -1.121  14.930  1.00 45.53  ? 135 ALA A CA  1 
ATOM   968  C  C   . ALA A 1 129 ? -2.381  -0.244  16.063  1.00 45.31  ? 135 ALA A C   1 
ATOM   969  O  O   . ALA A 1 129 ? -2.988  0.748   16.407  1.00 50.70  ? 135 ALA A O   1 
ATOM   970  C  CB  . ALA A 1 129 ? -3.519  -2.391  15.438  1.00 47.99  ? 135 ALA A CB  1 
ATOM   971  N  N   . ASN A 1 130 ? -1.184  -0.582  16.539  1.00 50.43  ? 136 ASN A N   1 
ATOM   972  C  CA  . ASN A 1 130 ? -0.527  0.134   17.614  1.00 49.87  ? 136 ASN A CA  1 
ATOM   973  C  C   . ASN A 1 130 ? -0.206  1.556   17.162  1.00 52.33  ? 136 ASN A C   1 
ATOM   974  O  O   . ASN A 1 130 ? -0.446  2.488   17.905  1.00 55.80  ? 136 ASN A O   1 
ATOM   975  C  CB  . ASN A 1 130 ? 0.735   -0.577  18.110  1.00 50.52  ? 136 ASN A CB  1 
ATOM   976  C  CG  . ASN A 1 130 ? 1.353   0.161   19.277  1.00 52.81  ? 136 ASN A CG  1 
ATOM   977  O  OD1 . ASN A 1 130 ? 0.675   0.441   20.267  1.00 46.94  ? 136 ASN A OD1 1 
ATOM   978  N  ND2 . ASN A 1 130 ? 2.619   0.523   19.139  1.00 47.30  ? 136 ASN A ND2 1 
ATOM   979  N  N   . LYS A 1 131 ? 0.303   1.709   15.935  1.00 56.69  ? 137 LYS A N   1 
ATOM   980  C  CA  . LYS A 1 131 ? 0.660   3.031   15.405  1.00 59.54  ? 137 LYS A CA  1 
ATOM   981  C  C   . LYS A 1 131 ? -0.571  3.944   15.275  1.00 56.36  ? 137 LYS A C   1 
ATOM   982  O  O   . LYS A 1 131 ? -0.460  5.132   15.451  1.00 49.60  ? 137 LYS A O   1 
ATOM   983  C  CB  . LYS A 1 131 ? 1.358   2.925   14.047  1.00 61.32  ? 137 LYS A CB  1 
ATOM   984  C  CG  . LYS A 1 131 ? 1.724   4.275   13.456  1.00 69.21  ? 137 LYS A CG  1 
ATOM   985  C  CD  . LYS A 1 131 ? 2.867   4.232   12.458  1.00 81.77  ? 137 LYS A CD  1 
ATOM   986  C  CE  . LYS A 1 131 ? 3.280   5.617   11.998  1.00 83.64  ? 137 LYS A CE  1 
ATOM   987  N  NZ  . LYS A 1 131 ? 4.632   5.605   11.393  1.00 89.57  ? 137 LYS A NZ  1 
ATOM   988  N  N   . ILE A 1 132 ? -1.733  3.386   14.931  1.00 60.57  ? 138 ILE A N   1 
ATOM   989  C  CA  . ILE A 1 132 ? -2.980  4.135   14.965  1.00 62.54  ? 138 ILE A CA  1 
ATOM   990  C  C   . ILE A 1 132 ? -3.425  4.286   16.426  1.00 68.94  ? 138 ILE A C   1 
ATOM   991  O  O   . ILE A 1 132 ? -4.018  3.377   17.024  1.00 69.85  ? 138 ILE A O   1 
ATOM   992  C  CB  . ILE A 1 132 ? -4.030  3.430   14.089  1.00 65.92  ? 138 ILE A CB  1 
ATOM   993  C  CG1 . ILE A 1 132 ? -3.659  3.528   12.609  1.00 58.85  ? 138 ILE A CG1 1 
ATOM   994  C  CG2 . ILE A 1 132 ? -5.426  3.974   14.362  1.00 75.44  ? 138 ILE A CG2 1 
ATOM   995  C  CD1 . ILE A 1 132 ? -4.142  2.363   11.786  1.00 55.04  ? 138 ILE A CD1 1 
ATOM   996  N  N   . GLU A 1 135 ? -8.083  5.675   14.861  1.00 85.10  ? 141 GLU A N   1 
ATOM   997  C  CA  . GLU A 1 135 ? -8.415  4.590   15.770  1.00 80.56  ? 141 GLU A CA  1 
ATOM   998  C  C   . GLU A 1 135 ? -9.572  3.750   15.208  1.00 80.68  ? 141 GLU A C   1 
ATOM   999  O  O   . GLU A 1 135 ? -9.686  2.578   15.565  1.00 88.70  ? 141 GLU A O   1 
ATOM   1000 C  CB  . GLU A 1 135 ? -8.759  5.141   17.156  1.00 86.39  ? 141 GLU A CB  1 
ATOM   1001 C  CG  . GLU A 1 135 ? -7.591  5.804   17.876  1.00 85.86  ? 141 GLU A CG  1 
ATOM   1002 C  CD  . GLU A 1 135 ? -6.278  5.032   17.909  1.00 89.66  ? 141 GLU A CD  1 
ATOM   1003 O  OE1 . GLU A 1 135 ? -6.230  3.922   18.499  1.00 76.62  ? 141 GLU A OE1 1 
ATOM   1004 O  OE2 . GLU A 1 135 ? -5.292  5.546   17.345  1.00 91.87  ? 141 GLU A OE2 1 
ATOM   1005 N  N   . LYS A 1 136 ? -10.426 4.335   14.346  1.00 79.13  ? 142 LYS A N   1 
ATOM   1006 C  CA  . LYS A 1 136 ? -11.561 3.597   13.696  1.00 69.01  ? 142 LYS A CA  1 
ATOM   1007 C  C   . LYS A 1 136 ? -11.270 3.330   12.210  1.00 60.01  ? 142 LYS A C   1 
ATOM   1008 O  O   . LYS A 1 136 ? -12.184 3.074   11.419  1.00 58.35  ? 142 LYS A O   1 
ATOM   1009 C  CB  . LYS A 1 136 ? -12.879 4.357   13.871  1.00 73.21  ? 142 LYS A CB  1 
ATOM   1010 C  CG  . LYS A 1 136 ? -13.599 4.085   15.184  1.00 80.05  ? 142 LYS A CG  1 
ATOM   1011 C  CD  . LYS A 1 136 ? -13.970 2.616   15.399  1.00 90.76  ? 142 LYS A CD  1 
ATOM   1012 C  CE  . LYS A 1 136 ? -13.594 2.081   16.767  1.00 90.72  ? 142 LYS A CE  1 
ATOM   1013 N  NZ  . LYS A 1 136 ? -14.338 2.770   17.850  1.00 93.37  ? 142 LYS A NZ  1 
ATOM   1014 N  N   . THR A 1 137 ? -9.983  3.367   11.851  1.00 52.55  ? 143 THR A N   1 
ATOM   1015 C  CA  . THR A 1 137 ? -9.478  3.034   10.529  1.00 46.77  ? 143 THR A CA  1 
ATOM   1016 C  C   . THR A 1 137 ? -9.373  1.514   10.394  1.00 42.55  ? 143 THR A C   1 
ATOM   1017 O  O   . THR A 1 137 ? -8.751  0.857   11.201  1.00 41.28  ? 143 THR A O   1 
ATOM   1018 C  CB  . THR A 1 137 ? -8.116  3.696   10.284  1.00 47.03  ? 143 THR A CB  1 
ATOM   1019 O  OG1 . THR A 1 137 ? -8.284  5.100   10.450  1.00 44.29  ? 143 THR A OG1 1 
ATOM   1020 C  CG2 . THR A 1 137 ? -7.550  3.419   8.907   1.00 50.66  ? 143 THR A CG2 1 
ATOM   1021 N  N   . HIS A 1 138 ? -10.007 0.979   9.351   1.00 41.67  ? 144 HIS A N   1 
ATOM   1022 C  CA  . HIS A 1 138 ? -9.939  -0.401  9.029   1.00 36.27  ? 144 HIS A CA  1 
ATOM   1023 C  C   . HIS A 1 138 ? -8.538  -0.725  8.525   1.00 36.27  ? 144 HIS A C   1 
ATOM   1024 O  O   . HIS A 1 138 ? -7.964  0.030   7.738   1.00 38.38  ? 144 HIS A O   1 
ATOM   1025 C  CB  . HIS A 1 138 ? -10.995 -0.732  7.987   1.00 39.48  ? 144 HIS A CB  1 
ATOM   1026 C  CG  . HIS A 1 138 ? -11.403 -2.153  8.006   1.00 39.47  ? 144 HIS A CG  1 
ATOM   1027 N  ND1 . HIS A 1 138 ? -12.270 -2.641  8.955   1.00 41.40  ? 144 HIS A ND1 1 
ATOM   1028 C  CD2 . HIS A 1 138 ? -11.070 -3.183  7.203   1.00 39.17  ? 144 HIS A CD2 1 
ATOM   1029 C  CE1 . HIS A 1 138 ? -12.452 -3.936  8.752   1.00 45.90  ? 144 HIS A CE1 1 
ATOM   1030 N  NE2 . HIS A 1 138 ? -11.714 -4.299  7.680   1.00 44.07  ? 144 HIS A NE2 1 
ATOM   1031 N  N   . ILE A 1 139 ? -7.995  -1.856  8.973   1.00 36.97  ? 145 ILE A N   1 
ATOM   1032 C  CA  . ILE A 1 139 ? -6.644  -2.248  8.599   1.00 36.48  ? 145 ILE A CA  1 
ATOM   1033 C  C   . ILE A 1 139 ? -6.729  -3.524  7.753   1.00 34.86  ? 145 ILE A C   1 
ATOM   1034 O  O   . ILE A 1 139 ? -7.486  -4.416  8.085   1.00 38.56  ? 145 ILE A O   1 
ATOM   1035 C  CB  . ILE A 1 139 ? -5.772  -2.421  9.854   1.00 34.53  ? 145 ILE A CB  1 
ATOM   1036 C  CG1 . ILE A 1 139 ? -5.535  -1.082  10.560  1.00 37.63  ? 145 ILE A CG1 1 
ATOM   1037 C  CG2 . ILE A 1 139 ? -4.458  -3.085  9.485   1.00 32.39  ? 145 ILE A CG2 1 
ATOM   1038 C  CD1 . ILE A 1 139 ? -4.931  -1.237  11.963  1.00 38.27  ? 145 ILE A CD1 1 
ATOM   1039 N  N   . HIS A 1 140 ? -5.950  -3.573  6.664   1.00 31.63  ? 146 HIS A N   1 
ATOM   1040 C  CA  . HIS A 1 140 ? -5.881  -4.699  5.766   1.00 32.74  ? 146 HIS A CA  1 
ATOM   1041 C  C   . HIS A 1 140 ? -4.416  -4.889  5.378   1.00 32.47  ? 146 HIS A C   1 
ATOM   1042 O  O   . HIS A 1 140 ? -3.851  -4.064  4.679   1.00 33.40  ? 146 HIS A O   1 
ATOM   1043 C  CB  . HIS A 1 140 ? -6.811  -4.491  4.553   1.00 33.61  ? 146 HIS A CB  1 
ATOM   1044 C  CG  . HIS A 1 140 ? -7.124  -5.744  3.816   1.00 32.50  ? 146 HIS A CG  1 
ATOM   1045 N  ND1 . HIS A 1 140 ? -8.328  -5.950  3.175   1.00 30.96  ? 146 HIS A ND1 1 
ATOM   1046 C  CD2 . HIS A 1 140 ? -6.390  -6.861  3.639   1.00 31.74  ? 146 HIS A CD2 1 
ATOM   1047 C  CE1 . HIS A 1 140 ? -8.314  -7.145  2.622   1.00 33.83  ? 146 HIS A CE1 1 
ATOM   1048 N  NE2 . HIS A 1 140 ? -7.138  -7.732  2.907   1.00 34.10  ? 146 HIS A NE2 1 
ATOM   1049 N  N   . ILE A 1 141 ? -3.823  -5.977  5.880   1.00 31.98  ? 147 ILE A N   1 
ATOM   1050 C  CA  . ILE A 1 141 ? -2.445  -6.351  5.672   1.00 30.91  ? 147 ILE A CA  1 
ATOM   1051 C  C   . ILE A 1 141 ? -2.389  -7.442  4.607   1.00 30.15  ? 147 ILE A C   1 
ATOM   1052 O  O   . ILE A 1 141 ? -3.058  -8.455  4.744   1.00 27.85  ? 147 ILE A O   1 
ATOM   1053 C  CB  . ILE A 1 141 ? -1.799  -6.892  6.976   1.00 35.22  ? 147 ILE A CB  1 
ATOM   1054 C  CG1 . ILE A 1 141 ? -1.888  -5.905  8.147   1.00 35.91  ? 147 ILE A CG1 1 
ATOM   1055 C  CG2 . ILE A 1 141 ? -0.358  -7.316  6.705   1.00 36.29  ? 147 ILE A CG2 1 
ATOM   1056 C  CD1 . ILE A 1 141 ? -1.484  -4.495  7.782   1.00 38.60  ? 147 ILE A CD1 1 
ATOM   1057 N  N   . PHE A 1 142 ? -1.463  -7.295  3.650   1.00 31.64  ? 148 PHE A N   1 
ATOM   1058 C  CA  . PHE A 1 142 ? -1.082  -8.349  2.702   1.00 28.94  ? 148 PHE A CA  1 
ATOM   1059 C  C   . PHE A 1 142 ? 0.397   -8.697  2.856   1.00 28.53  ? 148 PHE A C   1 
ATOM   1060 O  O   . PHE A 1 142 ? 1.203   -7.859  3.237   1.00 29.53  ? 148 PHE A O   1 
ATOM   1061 C  CB  . PHE A 1 142 ? -1.269  -7.902  1.248   1.00 27.69  ? 148 PHE A CB  1 
ATOM   1062 C  CG  . PHE A 1 142 ? -2.693  -7.599  0.898   1.00 28.40  ? 148 PHE A CG  1 
ATOM   1063 C  CD1 . PHE A 1 142 ? -3.541  -8.602  0.444   1.00 29.33  ? 148 PHE A CD1 1 
ATOM   1064 C  CD2 . PHE A 1 142 ? -3.197  -6.319  1.036   1.00 28.12  ? 148 PHE A CD2 1 
ATOM   1065 C  CE1 . PHE A 1 142 ? -4.872  -8.328  0.168   1.00 29.52  ? 148 PHE A CE1 1 
ATOM   1066 C  CE2 . PHE A 1 142 ? -4.524  -6.054  0.741   1.00 30.03  ? 148 PHE A CE2 1 
ATOM   1067 C  CZ  . PHE A 1 142 ? -5.354  -7.052  0.299   1.00 26.76  ? 148 PHE A CZ  1 
ATOM   1068 N  N   . SER A 1 143 ? 0.730   -9.946  2.529   1.00 28.23  ? 149 SER A N   1 
ATOM   1069 C  CA  . SER A 1 143 ? 2.089   -10.435 2.503   1.00 33.11  ? 149 SER A CA  1 
ATOM   1070 C  C   . SER A 1 143 ? 2.417   -10.894 1.081   1.00 29.88  ? 149 SER A C   1 
ATOM   1071 O  O   . SER A 1 143 ? 1.570   -10.971 0.259   1.00 30.39  ? 149 SER A O   1 
ATOM   1072 C  CB  . SER A 1 143 ? 2.268   -11.574 3.461   1.00 35.39  ? 149 SER A CB  1 
ATOM   1073 O  OG  . SER A 1 143 ? 1.539   -12.709 3.011   1.00 40.33  ? 149 SER A OG  1 
ATOM   1074 N  N   . PHE A 1 144 ? 3.672   -11.232 0.865   1.00 31.00  ? 150 PHE A N   1 
ATOM   1075 C  CA  . PHE A 1 144 ? 4.171   -11.841 -0.346  1.00 32.68  ? 150 PHE A CA  1 
ATOM   1076 C  C   . PHE A 1 144 ? 3.977   -13.367 -0.333  1.00 32.08  ? 150 PHE A C   1 
ATOM   1077 O  O   . PHE A 1 144 ? 4.522   -14.078 -1.142  1.00 36.79  ? 150 PHE A O   1 
ATOM   1078 C  CB  . PHE A 1 144 ? 5.623   -11.418 -0.497  1.00 31.09  ? 150 PHE A CB  1 
ATOM   1079 C  CG  . PHE A 1 144 ? 5.792   -9.931  -0.693  1.00 31.33  ? 150 PHE A CG  1 
ATOM   1080 C  CD1 . PHE A 1 144 ? 5.902   -9.079  0.391   1.00 29.78  ? 150 PHE A CD1 1 
ATOM   1081 C  CD2 . PHE A 1 144 ? 5.857   -9.393  -1.971  1.00 27.92  ? 150 PHE A CD2 1 
ATOM   1082 C  CE1 . PHE A 1 144 ? 6.083   -7.717  0.206   1.00 30.57  ? 150 PHE A CE1 1 
ATOM   1083 C  CE2 . PHE A 1 144 ? 6.068   -8.036  -2.151  1.00 31.26  ? 150 PHE A CE2 1 
ATOM   1084 C  CZ  . PHE A 1 144 ? 6.146   -7.191  -1.061  1.00 30.65  ? 150 PHE A CZ  1 
ATOM   1085 N  N   . THR A 1 145 ? 3.093   -13.871 0.518   1.00 34.41  ? 151 THR A N   1 
ATOM   1086 C  CA  . THR A 1 145 ? 2.926   -15.312 0.646   1.00 36.17  ? 151 THR A CA  1 
ATOM   1087 C  C   . THR A 1 145 ? 1.461   -15.691 0.431   1.00 34.41  ? 151 THR A C   1 
ATOM   1088 O  O   . THR A 1 145 ? 1.108   -16.875 0.533   1.00 35.86  ? 151 THR A O   1 
ATOM   1089 C  CB  . THR A 1 145 ? 3.412   -15.806 2.023   1.00 36.04  ? 151 THR A CB  1 
ATOM   1090 O  OG1 . THR A 1 145 ? 2.501   -15.313 2.999   1.00 42.19  ? 151 THR A OG1 1 
ATOM   1091 C  CG2 . THR A 1 145 ? 4.803   -15.344 2.404   1.00 36.82  ? 151 THR A CG2 1 
ATOM   1092 N  N   . GLY A 1 146 ? 0.584   -14.710 0.209   1.00 35.65  ? 152 GLY A N   1 
ATOM   1093 C  CA  . GLY A 1 146 ? -0.836  -15.034 -0.011  1.00 35.54  ? 152 GLY A CA  1 
ATOM   1094 C  C   . GLY A 1 146 ? -1.609  -15.067 1.289   1.00 39.51  ? 152 GLY A C   1 
ATOM   1095 O  O   . GLY A 1 146 ? -2.718  -15.601 1.349   1.00 41.75  ? 152 GLY A O   1 
ATOM   1096 N  N   . GLU A 1 147 ? -1.017  -14.480 2.332   1.00 36.18  ? 153 GLU A N   1 
ATOM   1097 C  CA  . GLU A 1 147 ? -1.679  -14.317 3.597   1.00 39.11  ? 153 GLU A CA  1 
ATOM   1098 C  C   . GLU A 1 147 ? -2.176  -12.878 3.650   1.00 36.10  ? 153 GLU A C   1 
ATOM   1099 O  O   . GLU A 1 147 ? -1.587  -11.969 3.065   1.00 30.56  ? 153 GLU A O   1 
ATOM   1100 C  CB  . GLU A 1 147 ? -0.736  -14.609 4.762   1.00 44.71  ? 153 GLU A CB  1 
ATOM   1101 C  CG  . GLU A 1 147 ? -0.253  -16.053 4.826   1.00 53.45  ? 153 GLU A CG  1 
ATOM   1102 C  CD  . GLU A 1 147 ? 0.748   -16.311 5.947   1.00 59.78  ? 153 GLU A CD  1 
ATOM   1103 O  OE1 . GLU A 1 147 ? 1.925   -16.602 5.640   1.00 66.27  ? 153 GLU A OE1 1 
ATOM   1104 O  OE2 . GLU A 1 147 ? 0.360   -16.205 7.130   1.00 70.62  ? 153 GLU A OE2 1 
ATOM   1105 N  N   . GLU A 1 148 ? -3.260  -12.681 4.377   1.00 34.52  ? 154 GLU A N   1 
ATOM   1106 C  CA  . GLU A 1 148 ? -3.755  -11.379 4.640   1.00 37.89  ? 154 GLU A CA  1 
ATOM   1107 C  C   . GLU A 1 148 ? -4.300  -11.421 6.063   1.00 40.25  ? 154 GLU A C   1 
ATOM   1108 O  O   . GLU A 1 148 ? -4.559  -12.493 6.608   1.00 39.97  ? 154 GLU A O   1 
ATOM   1109 C  CB  . GLU A 1 148 ? -4.780  -10.968 3.579   1.00 41.36  ? 154 GLU A CB  1 
ATOM   1110 C  CG  . GLU A 1 148 ? -6.069  -11.774 3.580   1.00 44.40  ? 154 GLU A CG  1 
ATOM   1111 C  CD  . GLU A 1 148 ? -6.961  -11.539 2.362   1.00 45.15  ? 154 GLU A CD  1 
ATOM   1112 O  OE1 . GLU A 1 148 ? -7.084  -10.396 1.924   1.00 41.53  ? 154 GLU A OE1 1 
ATOM   1113 O  OE2 . GLU A 1 148 ? -7.505  -12.516 1.838   1.00 48.75  ? 154 GLU A OE2 1 
ATOM   1114 N  N   . MET A 1 149 ? -4.392  -10.253 6.681   1.00 38.13  ? 155 MET A N   1 
ATOM   1115 C  CA  . MET A 1 149 ? -5.108  -10.130 7.904   1.00 37.52  ? 155 MET A CA  1 
ATOM   1116 C  C   . MET A 1 149 ? -5.802  -8.765  7.868   1.00 33.53  ? 155 MET A C   1 
ATOM   1117 O  O   . MET A 1 149 ? -5.207  -7.809  7.398   1.00 33.45  ? 155 MET A O   1 
ATOM   1118 C  CB  . MET A 1 149 ? -4.142  -10.243 9.084   1.00 37.90  ? 155 MET A CB  1 
ATOM   1119 C  CG  . MET A 1 149 ? -4.800  -9.912  10.408  1.00 46.52  ? 155 MET A CG  1 
ATOM   1120 S  SD  . MET A 1 149 ? -3.793  -10.430 11.814  1.00 50.02  ? 155 MET A SD  1 
ATOM   1121 C  CE  . MET A 1 149 ? -4.174  -12.185 11.774  1.00 53.76  ? 155 MET A CE  1 
ATOM   1122 N  N   . ALA A 1 150 ? -7.059  -8.708  8.305   1.00 32.64  ? 156 ALA A N   1 
ATOM   1123 C  CA  . ALA A 1 150 ? -7.864  -7.502  8.266   1.00 37.15  ? 156 ALA A CA  1 
ATOM   1124 C  C   . ALA A 1 150 ? -8.691  -7.385  9.554   1.00 40.53  ? 156 ALA A C   1 
ATOM   1125 O  O   . ALA A 1 150 ? -9.073  -8.400  10.150  1.00 46.34  ? 156 ALA A O   1 
ATOM   1126 C  CB  . ALA A 1 150 ? -8.755  -7.511  7.038   1.00 37.57  ? 156 ALA A CB  1 
ATOM   1127 N  N   . THR A 1 151 ? -8.971  -6.138  9.951   1.00 40.76  ? 157 THR A N   1 
ATOM   1128 C  CA  . THR A 1 151 ? -9.772  -5.819  11.119  1.00 44.19  ? 157 THR A CA  1 
ATOM   1129 C  C   . THR A 1 151 ? -11.044 -6.682  11.142  1.00 45.26  ? 157 THR A C   1 
ATOM   1130 O  O   . THR A 1 151 ? -11.805 -6.699  10.188  1.00 44.59  ? 157 THR A O   1 
ATOM   1131 C  CB  . THR A 1 151 ? -10.112 -4.330  11.138  1.00 43.29  ? 157 THR A CB  1 
ATOM   1132 O  OG1 . THR A 1 151 ? -8.876  -3.621  11.066  1.00 42.68  ? 157 THR A OG1 1 
ATOM   1133 C  CG2 . THR A 1 151 ? -10.894 -3.927  12.374  1.00 45.32  ? 157 THR A CG2 1 
ATOM   1134 N  N   . LYS A 1 152 ? -11.239 -7.412  12.247  1.00 50.80  ? 158 LYS A N   1 
ATOM   1135 C  CA  . LYS A 1 152 ? -12.449 -8.198  12.526  1.00 50.41  ? 158 LYS A CA  1 
ATOM   1136 C  C   . LYS A 1 152 ? -12.629 -9.272  11.449  1.00 52.27  ? 158 LYS A C   1 
ATOM   1137 O  O   . LYS A 1 152 ? -13.741 -9.740  11.209  1.00 53.83  ? 158 LYS A O   1 
ATOM   1138 C  CB  . LYS A 1 152 ? -13.656 -7.259  12.660  1.00 50.22  ? 158 LYS A CB  1 
ATOM   1139 C  CG  . LYS A 1 152 ? -13.628 -6.409  13.921  1.00 55.42  ? 158 LYS A CG  1 
ATOM   1140 C  CD  . LYS A 1 152 ? -14.624 -5.261  13.986  1.00 60.78  ? 158 LYS A CD  1 
ATOM   1141 C  CE  . LYS A 1 152 ? -14.624 -4.594  15.352  1.00 66.45  ? 158 LYS A CE  1 
ATOM   1142 N  NZ  . LYS A 1 152 ? -15.638 -3.513  15.466  1.00 70.55  ? 158 LYS A NZ  1 
ATOM   1143 N  N   . ALA A 1 153 ? -11.516 -9.666  10.815  1.00 51.72  ? 159 ALA A N   1 
ATOM   1144 C  CA  . ALA A 1 153 ? -11.525 -10.493 9.628   1.00 50.15  ? 159 ALA A CA  1 
ATOM   1145 C  C   . ALA A 1 153 ? -12.596 -10.001 8.653   1.00 49.11  ? 159 ALA A C   1 
ATOM   1146 O  O   . ALA A 1 153 ? -13.266 -10.785 8.009   1.00 47.85  ? 159 ALA A O   1 
ATOM   1147 C  CB  . ALA A 1 153 ? -11.761 -11.938 10.000  1.00 55.69  ? 159 ALA A CB  1 
ATOM   1148 N  N   . ASP A 1 154 ? -12.767 -8.690  8.538   1.00 43.46  ? 160 ASP A N   1 
ATOM   1149 C  CA  . ASP A 1 154 ? -13.561 -8.203  7.467   1.00 42.24  ? 160 ASP A CA  1 
ATOM   1150 C  C   . ASP A 1 154 ? -12.597 -7.778  6.347   1.00 41.72  ? 160 ASP A C   1 
ATOM   1151 O  O   . ASP A 1 154 ? -11.854 -6.837  6.510   1.00 37.35  ? 160 ASP A O   1 
ATOM   1152 C  CB  . ASP A 1 154 ? -14.467 -7.069  7.939   1.00 44.61  ? 160 ASP A CB  1 
ATOM   1153 C  CG  . ASP A 1 154 ? -15.272 -6.474  6.802   1.00 43.45  ? 160 ASP A CG  1 
ATOM   1154 O  OD1 . ASP A 1 154 ? -15.195 -7.034  5.670   1.00 46.49  ? 160 ASP A OD1 1 
ATOM   1155 O  OD2 . ASP A 1 154 ? -15.959 -5.461  7.049   1.00 46.63  ? 160 ASP A OD2 1 
ATOM   1156 N  N   . TYR A 1 155 ? -12.623 -8.499  5.228   1.00 36.60  ? 161 TYR A N   1 
ATOM   1157 C  CA  . TYR A 1 155 ? -11.636 -8.382  4.163   1.00 41.42  ? 161 TYR A CA  1 
ATOM   1158 C  C   . TYR A 1 155 ? -12.042 -7.343  3.099   1.00 41.91  ? 161 TYR A C   1 
ATOM   1159 O  O   . TYR A 1 155 ? -11.275 -7.082  2.172   1.00 40.65  ? 161 TYR A O   1 
ATOM   1160 C  CB  . TYR A 1 155 ? -11.392 -9.781  3.597   1.00 41.67  ? 161 TYR A CB  1 
ATOM   1161 C  CG  . TYR A 1 155 ? -10.699 -10.689 4.578   1.00 43.33  ? 161 TYR A CG  1 
ATOM   1162 C  CD1 . TYR A 1 155 ? -9.363  -10.469 4.884   1.00 41.88  ? 161 TYR A CD1 1 
ATOM   1163 C  CD2 . TYR A 1 155 ? -11.370 -11.712 5.246   1.00 43.55  ? 161 TYR A CD2 1 
ATOM   1164 C  CE1 . TYR A 1 155 ? -8.689  -11.260 5.794   1.00 42.06  ? 161 TYR A CE1 1 
ATOM   1165 C  CE2 . TYR A 1 155 ? -10.706 -12.519 6.162   1.00 41.63  ? 161 TYR A CE2 1 
ATOM   1166 C  CZ  . TYR A 1 155 ? -9.361  -12.288 6.428   1.00 41.71  ? 161 TYR A CZ  1 
ATOM   1167 O  OH  . TYR A 1 155 ? -8.642  -13.025 7.306   1.00 46.16  ? 161 TYR A OH  1 
ATOM   1168 N  N   . THR A 1 156 ? -13.214 -6.716  3.268   1.00 41.47  ? 162 THR A N   1 
ATOM   1169 C  CA  . THR A 1 156 ? -13.728 -5.642  2.431   1.00 42.97  ? 162 THR A CA  1 
ATOM   1170 C  C   . THR A 1 156 ? -14.030 -6.134  1.004   1.00 43.65  ? 162 THR A C   1 
ATOM   1171 O  O   . THR A 1 156 ? -15.158 -6.014  0.564   1.00 38.79  ? 162 THR A O   1 
ATOM   1172 C  CB  . THR A 1 156 ? -12.780 -4.432  2.402   1.00 42.17  ? 162 THR A CB  1 
ATOM   1173 O  OG1 . THR A 1 156 ? -12.631 -3.966  3.740   1.00 40.30  ? 162 THR A OG1 1 
ATOM   1174 C  CG2 . THR A 1 156 ? -13.279 -3.309  1.516   1.00 39.89  ? 162 THR A CG2 1 
ATOM   1175 N  N   . LEU A 1 157 ? -13.014 -6.639  0.284   1.00 43.62  ? 163 LEU A N   1 
ATOM   1176 C  CA  . LEU A 1 157 ? -13.122 -6.962  -1.147  1.00 42.82  ? 163 LEU A CA  1 
ATOM   1177 C  C   . LEU A 1 157 ? -13.652 -8.381  -1.340  1.00 40.38  ? 163 LEU A C   1 
ATOM   1178 O  O   . LEU A 1 157 ? -13.575 -9.225  -0.451  1.00 36.65  ? 163 LEU A O   1 
ATOM   1179 C  CB  . LEU A 1 157 ? -11.751 -6.852  -1.810  1.00 45.63  ? 163 LEU A CB  1 
ATOM   1180 C  CG  . LEU A 1 157 ? -11.104 -5.475  -1.815  1.00 46.02  ? 163 LEU A CG  1 
ATOM   1181 C  CD1 . LEU A 1 157 ? -9.688  -5.574  -2.367  1.00 47.26  ? 163 LEU A CD1 1 
ATOM   1182 C  CD2 . LEU A 1 157 ? -11.923 -4.497  -2.634  1.00 46.50  ? 163 LEU A CD2 1 
ATOM   1183 N  N   . ASP A 1 158 ? -14.148 -8.626  -2.553  1.00 39.62  ? 164 ASP A N   1 
ATOM   1184 C  CA  . ASP A 1 158 ? -14.575 -9.937  -2.968  1.00 44.65  ? 164 ASP A CA  1 
ATOM   1185 C  C   . ASP A 1 158 ? -13.338 -10.829 -3.171  1.00 44.57  ? 164 ASP A C   1 
ATOM   1186 O  O   . ASP A 1 158 ? -12.203 -10.355 -3.206  1.00 39.35  ? 164 ASP A O   1 
ATOM   1187 C  CB  . ASP A 1 158 ? -15.544 -9.820  -4.146  1.00 47.59  ? 164 ASP A CB  1 
ATOM   1188 C  CG  . ASP A 1 158 ? -14.949 -9.552  -5.517  1.00 54.12  ? 164 ASP A CG  1 
ATOM   1189 O  OD1 . ASP A 1 158 ? -13.719 -9.300  -5.618  1.00 51.95  ? 164 ASP A OD1 1 
ATOM   1190 O  OD2 . ASP A 1 158 ? -15.743 -9.582  -6.484  1.00 50.78  ? 164 ASP A OD2 1 
ATOM   1191 N  N   . GLU A 1 159 ? -13.569 -12.137 -3.272  1.00 41.48  ? 165 GLU A N   1 
ATOM   1192 C  CA  . GLU A 1 159 ? -12.496 -13.118 -3.216  1.00 46.30  ? 165 GLU A CA  1 
ATOM   1193 C  C   . GLU A 1 159 ? -11.552 -12.963 -4.415  1.00 45.06  ? 165 GLU A C   1 
ATOM   1194 O  O   . GLU A 1 159 ? -10.331 -13.224 -4.297  1.00 38.12  ? 165 GLU A O   1 
ATOM   1195 C  CB  . GLU A 1 159 ? -13.078 -14.529 -3.154  1.00 51.27  ? 165 GLU A CB  1 
ATOM   1196 C  CG  . GLU A 1 159 ? -13.344 -15.010 -1.738  1.00 56.97  ? 165 GLU A CG  1 
ATOM   1197 C  CD  . GLU A 1 159 ? -12.173 -15.715 -1.071  1.00 67.85  ? 165 GLU A CD  1 
ATOM   1198 O  OE1 . GLU A 1 159 ? -11.047 -15.673 -1.634  1.00 74.61  ? 165 GLU A OE1 1 
ATOM   1199 O  OE2 . GLU A 1 159 ? -12.385 -16.305 0.022   1.00 81.35  ? 165 GLU A OE2 1 
ATOM   1200 N  N   . GLU A 1 160 ? -12.119 -12.568 -5.562  1.00 40.47  ? 166 GLU A N   1 
ATOM   1201 C  CA  . GLU A 1 160 ? -11.393 -12.467 -6.833  1.00 41.08  ? 166 GLU A CA  1 
ATOM   1202 C  C   . GLU A 1 160 ? -10.434 -11.267 -6.801  1.00 36.10  ? 166 GLU A C   1 
ATOM   1203 O  O   . GLU A 1 160 ? -9.311  -11.332 -7.320  1.00 37.68  ? 166 GLU A O   1 
ATOM   1204 C  CB  . GLU A 1 160 ? -12.383 -12.341 -7.997  1.00 47.66  ? 166 GLU A CB  1 
ATOM   1205 C  CG  . GLU A 1 160 ? -11.736 -12.071 -9.355  1.00 50.81  ? 166 GLU A CG  1 
ATOM   1206 C  CD  . GLU A 1 160 ? -12.601 -11.233 -10.294 1.00 63.47  ? 166 GLU A CD  1 
ATOM   1207 O  OE1 . GLU A 1 160 ? -12.745 -10.004 -10.052 1.00 71.58  ? 166 GLU A OE1 1 
ATOM   1208 O  OE2 . GLU A 1 160 ? -13.151 -11.802 -11.249 1.00 56.73  ? 166 GLU A OE2 1 
ATOM   1209 N  N   . SER A 1 161 ? -10.898 -10.156 -6.226  1.00 31.07  ? 167 SER A N   1 
ATOM   1210 C  CA  . SER A 1 161 ? -10.088 -8.966  -6.094  1.00 33.01  ? 167 SER A CA  1 
ATOM   1211 C  C   . SER A 1 161 ? -8.898  -9.247  -5.161  1.00 31.93  ? 167 SER A C   1 
ATOM   1212 O  O   . SER A 1 161 ? -7.745  -8.931  -5.486  1.00 33.07  ? 167 SER A O   1 
ATOM   1213 C  CB  . SER A 1 161 ? -10.937 -7.822  -5.629  1.00 38.62  ? 167 SER A CB  1 
ATOM   1214 O  OG  . SER A 1 161 ? -12.074 -7.663  -6.473  1.00 39.20  ? 167 SER A OG  1 
ATOM   1215 N  N   . ARG A 1 162 ? -9.171  -9.850  -4.005  1.00 35.41  ? 168 ARG A N   1 
ATOM   1216 C  CA  . ARG A 1 162 ? -8.140  -10.173 -3.050  1.00 35.23  ? 168 ARG A CA  1 
ATOM   1217 C  C   . ARG A 1 162 ? -7.117  -11.100 -3.730  1.00 34.02  ? 168 ARG A C   1 
ATOM   1218 O  O   . ARG A 1 162 ? -5.917  -10.885 -3.640  1.00 26.23  ? 168 ARG A O   1 
ATOM   1219 C  CB  . ARG A 1 162 ? -8.765  -10.763 -1.782  1.00 37.36  ? 168 ARG A CB  1 
ATOM   1220 C  CG  . ARG A 1 162 ? -9.699  -9.805  -1.051  1.00 42.38  ? 168 ARG A CG  1 
ATOM   1221 C  CD  . ARG A 1 162 ? -10.063 -10.232 0.364   1.00 44.76  ? 168 ARG A CD  1 
ATOM   1222 N  NE  . ARG A 1 162 ? -11.154 -11.188 0.469   1.00 53.65  ? 168 ARG A NE  1 
ATOM   1223 C  CZ  . ARG A 1 162 ? -11.085 -12.375 1.067   1.00 52.85  ? 168 ARG A CZ  1 
ATOM   1224 N  NH1 . ARG A 1 162 ? -10.041 -12.710 1.801   1.00 50.98  ? 168 ARG A NH1 1 
ATOM   1225 N  NH2 . ARG A 1 162 ? -12.067 -13.236 0.910   1.00 59.91  ? 168 ARG A NH2 1 
ATOM   1226 N  N   . ALA A 1 163 ? -7.613  -12.083 -4.478  1.00 28.90  ? 169 ALA A N   1 
ATOM   1227 C  CA  . ALA A 1 163 ? -6.787  -13.069 -5.119  1.00 33.06  ? 169 ALA A CA  1 
ATOM   1228 C  C   . ALA A 1 163 ? -5.876  -12.438 -6.195  1.00 33.09  ? 169 ALA A C   1 
ATOM   1229 O  O   . ALA A 1 163 ? -4.709  -12.862 -6.381  1.00 32.25  ? 169 ALA A O   1 
ATOM   1230 C  CB  . ALA A 1 163 ? -7.656  -14.156 -5.694  1.00 33.95  ? 169 ALA A CB  1 
ATOM   1231 N  N   . ARG A 1 164 ? -6.385  -11.439 -6.918  1.00 34.04  ? 170 ARG A N   1 
ATOM   1232 C  CA  . ARG A 1 164 ? -5.550  -10.731 -7.904  1.00 40.47  ? 170 ARG A CA  1 
ATOM   1233 C  C   . ARG A 1 164 ? -4.423  -9.963  -7.197  1.00 33.47  ? 170 ARG A C   1 
ATOM   1234 O  O   . ARG A 1 164 ? -3.298  -9.885  -7.680  1.00 27.79  ? 170 ARG A O   1 
ATOM   1235 C  CB  . ARG A 1 164 ? -6.363  -9.722  -8.716  1.00 45.17  ? 170 ARG A CB  1 
ATOM   1236 C  CG  . ARG A 1 164 ? -7.108  -10.321 -9.894  1.00 56.30  ? 170 ARG A CG  1 
ATOM   1237 C  CD  . ARG A 1 164 ? -7.418  -9.249  -10.925 1.00 64.46  ? 170 ARG A CD  1 
ATOM   1238 N  NE  . ARG A 1 164 ? -8.788  -9.332  -11.408 1.00 74.52  ? 170 ARG A NE  1 
ATOM   1239 C  CZ  . ARG A 1 164 ? -9.395  -8.385  -12.122 1.00 82.98  ? 170 ARG A CZ  1 
ATOM   1240 N  NH1 . ARG A 1 164 ? -8.709  -7.344  -12.570 1.00 76.78  ? 170 ARG A NH1 1 
ATOM   1241 N  NH2 . ARG A 1 164 ? -10.691 -8.482  -12.371 1.00 89.47  ? 170 ARG A NH2 1 
ATOM   1242 N  N   . ILE A 1 165 ? -4.729  -9.383  -6.036  1.00 31.00  ? 171 ILE A N   1 
ATOM   1243 C  CA  . ILE A 1 165 ? -3.703  -8.653  -5.307  1.00 31.33  ? 171 ILE A CA  1 
ATOM   1244 C  C   . ILE A 1 165 ? -2.621  -9.647  -4.874  1.00 32.35  ? 171 ILE A C   1 
ATOM   1245 O  O   . ILE A 1 165 ? -1.415  -9.409  -5.073  1.00 29.75  ? 171 ILE A O   1 
ATOM   1246 C  CB  . ILE A 1 165 ? -4.292  -7.863  -4.125  1.00 33.33  ? 171 ILE A CB  1 
ATOM   1247 C  CG1 . ILE A 1 165 ? -5.169  -6.711  -4.612  1.00 32.42  ? 171 ILE A CG1 1 
ATOM   1248 C  CG2 . ILE A 1 165 ? -3.183  -7.340  -3.216  1.00 34.28  ? 171 ILE A CG2 1 
ATOM   1249 C  CD1 . ILE A 1 165 ? -6.020  -6.120  -3.523  1.00 32.00  ? 171 ILE A CD1 1 
ATOM   1250 N  N   . LYS A 1 166 ? -3.037  -10.771 -4.288  1.00 33.07  ? 172 LYS A N   1 
ATOM   1251 C  CA  . LYS A 1 166 ? -2.050  -11.700 -3.740  1.00 31.27  ? 172 LYS A CA  1 
ATOM   1252 C  C   . LYS A 1 166 ? -1.164  -12.253 -4.861  1.00 29.32  ? 172 LYS A C   1 
ATOM   1253 O  O   . LYS A 1 166 ? 0.044   -12.486 -4.664  1.00 30.63  ? 172 LYS A O   1 
ATOM   1254 C  CB  . LYS A 1 166 ? -2.740  -12.839 -2.994  1.00 32.40  ? 172 LYS A CB  1 
ATOM   1255 C  CG  . LYS A 1 166 ? -3.536  -12.463 -1.757  1.00 34.39  ? 172 LYS A CG  1 
ATOM   1256 C  CD  . LYS A 1 166 ? -4.479  -13.569 -1.324  1.00 34.57  ? 172 LYS A CD  1 
ATOM   1257 C  CE  . LYS A 1 166 ? -5.302  -13.143 -0.142  1.00 41.06  ? 172 LYS A CE  1 
ATOM   1258 N  NZ  . LYS A 1 166 ? -6.219  -14.215 0.297   1.00 41.13  ? 172 LYS A NZ  1 
ATOM   1259 N  N   . THR A 1 167 ? -1.762  -12.544 -6.031  1.00 31.21  ? 173 THR A N   1 
ATOM   1260 C  CA  . THR A 1 167 ? -0.990  -13.102 -7.186  1.00 28.31  ? 173 THR A CA  1 
ATOM   1261 C  C   . THR A 1 167 ? 0.081   -12.088 -7.634  1.00 26.93  ? 173 THR A C   1 
ATOM   1262 O  O   . THR A 1 167 ? 1.218   -12.470 -7.902  1.00 29.47  ? 173 THR A O   1 
ATOM   1263 C  CB  . THR A 1 167 ? -1.897  -13.439 -8.374  1.00 31.82  ? 173 THR A CB  1 
ATOM   1264 O  OG1 . THR A 1 167 ? -2.854  -14.411 -7.937  1.00 31.47  ? 173 THR A OG1 1 
ATOM   1265 C  CG2 . THR A 1 167 ? -1.133  -13.919 -9.597  1.00 30.94  ? 173 THR A CG2 1 
ATOM   1266 N  N   . ARG A 1 168 ? -0.307  -10.807 -7.719  1.00 26.06  ? 174 ARG A N   1 
ATOM   1267 C  CA  . ARG A 1 168 ? 0.585   -9.722  -8.095  1.00 29.44  ? 174 ARG A CA  1 
ATOM   1268 C  C   . ARG A 1 168 ? 1.750   -9.631  -7.088  1.00 25.86  ? 174 ARG A C   1 
ATOM   1269 O  O   . ARG A 1 168 ? 2.937   -9.490  -7.479  1.00 26.29  ? 174 ARG A O   1 
ATOM   1270 C  CB  . ARG A 1 168 ? -0.166  -8.388  -8.228  1.00 30.60  ? 174 ARG A CB  1 
ATOM   1271 C  CG  . ARG A 1 168 ? 0.724   -7.194  -8.556  1.00 32.22  ? 174 ARG A CG  1 
ATOM   1272 C  CD  . ARG A 1 168 ? 1.594   -7.403  -9.795  1.00 36.72  ? 174 ARG A CD  1 
ATOM   1273 N  NE  . ARG A 1 168 ? 2.251   -6.157  -10.185 1.00 38.84  ? 174 ARG A NE  1 
ATOM   1274 C  CZ  . ARG A 1 168 ? 3.433   -6.039  -10.780 1.00 37.64  ? 174 ARG A CZ  1 
ATOM   1275 N  NH1 . ARG A 1 168 ? 3.970   -7.060  -11.406 1.00 37.13  ? 174 ARG A NH1 1 
ATOM   1276 N  NH2 . ARG A 1 168 ? 4.075   -4.882  -10.770 1.00 41.09  ? 174 ARG A NH2 1 
ATOM   1277 N  N   . LEU A 1 169 ? 1.440   -9.744  -5.800  1.00 26.62  ? 175 LEU A N   1 
ATOM   1278 C  CA  . LEU A 1 169 ? 2.479   -9.669  -4.759  1.00 26.40  ? 175 LEU A CA  1 
ATOM   1279 C  C   . LEU A 1 169 ? 3.418   -10.876 -4.837  1.00 27.08  ? 175 LEU A C   1 
ATOM   1280 O  O   . LEU A 1 169 ? 4.629   -10.724 -4.789  1.00 31.21  ? 175 LEU A O   1 
ATOM   1281 C  CB  . LEU A 1 169 ? 1.824   -9.539  -3.394  1.00 26.50  ? 175 LEU A CB  1 
ATOM   1282 C  CG  . LEU A 1 169 ? 1.258   -8.164  -3.133  1.00 29.63  ? 175 LEU A CG  1 
ATOM   1283 C  CD1 . LEU A 1 169 ? 0.399   -8.169  -1.878  1.00 31.38  ? 175 LEU A CD1 1 
ATOM   1284 C  CD2 . LEU A 1 169 ? 2.372   -7.137  -3.090  1.00 30.30  ? 175 LEU A CD2 1 
ATOM   1285 N  N   . PHE A 1 170 ? 2.871   -12.067 -5.015  1.00 27.89  ? 176 PHE A N   1 
ATOM   1286 C  CA  . PHE A 1 170 ? 3.684   -13.232 -5.122  1.00 25.98  ? 176 PHE A CA  1 
ATOM   1287 C  C   . PHE A 1 170 ? 4.561   -13.158 -6.374  1.00 25.36  ? 176 PHE A C   1 
ATOM   1288 O  O   . PHE A 1 170 ? 5.694   -13.663 -6.373  1.00 27.62  ? 176 PHE A O   1 
ATOM   1289 C  CB  . PHE A 1 170 ? 2.809   -14.486 -5.078  1.00 27.71  ? 176 PHE A CB  1 
ATOM   1290 C  CG  . PHE A 1 170 ? 3.550   -15.790 -4.990  1.00 27.88  ? 176 PHE A CG  1 
ATOM   1291 C  CD1 . PHE A 1 170 ? 3.844   -16.357 -3.762  1.00 33.28  ? 176 PHE A CD1 1 
ATOM   1292 C  CD2 . PHE A 1 170 ? 3.870   -16.501 -6.124  1.00 26.93  ? 176 PHE A CD2 1 
ATOM   1293 C  CE1 . PHE A 1 170 ? 4.523   -17.564 -3.674  1.00 34.30  ? 176 PHE A CE1 1 
ATOM   1294 C  CE2 . PHE A 1 170 ? 4.523   -17.724 -6.034  1.00 29.15  ? 176 PHE A CE2 1 
ATOM   1295 C  CZ  . PHE A 1 170 ? 4.830   -18.268 -4.814  1.00 29.99  ? 176 PHE A CZ  1 
ATOM   1296 N  N   . THR A 1 171 ? 4.046   -12.550 -7.445  1.00 25.21  ? 177 THR A N   1 
ATOM   1297 C  CA  . THR A 1 171 ? 4.796   -12.466 -8.709  1.00 27.05  ? 177 THR A CA  1 
ATOM   1298 C  C   . THR A 1 171 ? 5.977   -11.494 -8.557  1.00 27.82  ? 177 THR A C   1 
ATOM   1299 O  O   . THR A 1 171 ? 7.024   -11.744 -9.100  1.00 29.15  ? 177 THR A O   1 
ATOM   1300 C  CB  . THR A 1 171 ? 3.883   -12.027 -9.869  1.00 30.97  ? 177 THR A CB  1 
ATOM   1301 O  OG1 . THR A 1 171 ? 2.774   -12.942 -9.931  1.00 26.82  ? 177 THR A OG1 1 
ATOM   1302 C  CG2 . THR A 1 171 ? 4.610   -11.987 -11.197 1.00 30.79  ? 177 THR A CG2 1 
ATOM   1303 N  N   . ILE A 1 172 ? 5.773   -10.380 -7.848  1.00 28.14  ? 178 ILE A N   1 
ATOM   1304 C  CA  . ILE A 1 172 ? 6.888   -9.440  -7.526  1.00 29.09  ? 178 ILE A CA  1 
ATOM   1305 C  C   . ILE A 1 172 ? 7.960   -10.219 -6.773  1.00 28.97  ? 178 ILE A C   1 
ATOM   1306 O  O   . ILE A 1 172 ? 9.122   -10.238 -7.176  1.00 30.20  ? 178 ILE A O   1 
ATOM   1307 C  CB  . ILE A 1 172 ? 6.372   -8.207  -6.760  1.00 29.62  ? 178 ILE A CB  1 
ATOM   1308 C  CG1 . ILE A 1 172 ? 5.497   -7.373  -7.704  1.00 28.59  ? 178 ILE A CG1 1 
ATOM   1309 C  CG2 . ILE A 1 172 ? 7.512   -7.384  -6.136  1.00 32.91  ? 178 ILE A CG2 1 
ATOM   1310 C  CD1 . ILE A 1 172 ? 4.698   -6.284  -7.029  1.00 30.24  ? 178 ILE A CD1 1 
ATOM   1311 N  N   . ARG A 1 173 ? 7.529   -10.975 -5.758  1.00 28.93  ? 179 ARG A N   1 
ATOM   1312 C  CA  . ARG A 1 173 ? 8.465   -11.759 -4.971  1.00 31.37  ? 179 ARG A CA  1 
ATOM   1313 C  C   . ARG A 1 173 ? 9.308   -12.657 -5.874  1.00 30.67  ? 179 ARG A C   1 
ATOM   1314 O  O   . ARG A 1 173 ? 10.526  -12.745 -5.708  1.00 33.83  ? 179 ARG A O   1 
ATOM   1315 C  CB  . ARG A 1 173 ? 7.734   -12.594 -3.922  1.00 31.67  ? 179 ARG A CB  1 
ATOM   1316 C  CG  . ARG A 1 173 ? 8.599   -13.650 -3.250  1.00 30.61  ? 179 ARG A CG  1 
ATOM   1317 C  CD  . ARG A 1 173 ? 7.778   -14.390 -2.207  1.00 33.43  ? 179 ARG A CD  1 
ATOM   1318 N  NE  . ARG A 1 173 ? 8.221   -15.751 -1.961  1.00 34.45  ? 179 ARG A NE  1 
ATOM   1319 C  CZ  . ARG A 1 173 ? 7.572   -16.633 -1.198  1.00 38.35  ? 179 ARG A CZ  1 
ATOM   1320 N  NH1 . ARG A 1 173 ? 6.408   -16.319 -0.631  1.00 32.79  ? 179 ARG A NH1 1 
ATOM   1321 N  NH2 . ARG A 1 173 ? 8.095   -17.830 -1.016  1.00 37.68  ? 179 ARG A NH2 1 
ATOM   1322 N  N   . GLN A 1 174 ? 8.648   -13.394 -6.770  1.00 28.90  ? 180 GLN A N   1 
ATOM   1323 C  CA  . GLN A 1 174 ? 9.329   -14.386 -7.553  1.00 27.37  ? 180 GLN A CA  1 
ATOM   1324 C  C   . GLN A 1 174 ? 10.211  -13.731 -8.604  1.00 28.50  ? 180 GLN A C   1 
ATOM   1325 O  O   . GLN A 1 174 ? 11.182  -14.325 -8.997  1.00 29.01  ? 180 GLN A O   1 
ATOM   1326 C  CB  . GLN A 1 174 ? 8.358   -15.344 -8.245  1.00 25.43  ? 180 GLN A CB  1 
ATOM   1327 C  CG  . GLN A 1 174 ? 7.630   -16.230 -7.251  1.00 25.84  ? 180 GLN A CG  1 
ATOM   1328 C  CD  . GLN A 1 174 ? 8.541   -17.109 -6.425  1.00 27.87  ? 180 GLN A CD  1 
ATOM   1329 O  OE1 . GLN A 1 174 ? 8.244   -17.402 -5.274  1.00 31.47  ? 180 GLN A OE1 1 
ATOM   1330 N  NE2 . GLN A 1 174 ? 9.607   -17.612 -7.025  1.00 29.96  ? 180 GLN A NE2 1 
ATOM   1331 N  N   . GLU A 1 175 ? 9.783   -12.580 -9.122  1.00 32.23  ? 181 GLU A N   1 
ATOM   1332 C  CA  . GLU A 1 175 ? 10.576  -11.828 -10.074 1.00 35.85  ? 181 GLU A CA  1 
ATOM   1333 C  C   . GLU A 1 175 ? 11.878  -11.415 -9.381  1.00 33.57  ? 181 GLU A C   1 
ATOM   1334 O  O   . GLU A 1 175 ? 12.963  -11.553 -9.937  1.00 32.34  ? 181 GLU A O   1 
ATOM   1335 C  CB  . GLU A 1 175 ? 9.839   -10.571 -10.550 1.00 40.96  ? 181 GLU A CB  1 
ATOM   1336 C  CG  . GLU A 1 175 ? 9.351   -10.629 -11.977 1.00 48.94  ? 181 GLU A CG  1 
ATOM   1337 C  CD  . GLU A 1 175 ? 10.423  -10.978 -12.996 1.00 51.48  ? 181 GLU A CD  1 
ATOM   1338 O  OE1 . GLU A 1 175 ? 11.501  -10.319 -13.012 1.00 53.99  ? 181 GLU A OE1 1 
ATOM   1339 O  OE2 . GLU A 1 175 ? 10.203  -11.943 -13.728 1.00 56.96  ? 181 GLU A OE2 1 
ATOM   1340 N  N   . MET A 1 176 ? 11.743  -10.895 -8.164  1.00 31.38  ? 182 MET A N   1 
ATOM   1341 C  CA  . MET A 1 176 ? 12.906  -10.500 -7.369  1.00 35.24  ? 182 MET A CA  1 
ATOM   1342 C  C   . MET A 1 176 ? 13.810  -11.714 -7.199  1.00 34.32  ? 182 MET A C   1 
ATOM   1343 O  O   . MET A 1 176 ? 14.994  -11.620 -7.452  1.00 32.86  ? 182 MET A O   1 
ATOM   1344 C  CB  . MET A 1 176 ? 12.522  -9.937  -5.997  1.00 33.70  ? 182 MET A CB  1 
ATOM   1345 C  CG  . MET A 1 176 ? 11.923  -8.547  -6.069  1.00 35.17  ? 182 MET A CG  1 
ATOM   1346 S  SD  . MET A 1 176 ? 11.489  -7.832  -4.461  1.00 37.57  ? 182 MET A SD  1 
ATOM   1347 C  CE  . MET A 1 176 ? 10.765  -6.264  -4.894  1.00 38.04  ? 182 MET A CE  1 
ATOM   1348 N  N   . ALA A 1 177 ? 13.226  -12.858 -6.817  1.00 32.71  ? 183 ALA A N   1 
ATOM   1349 C  CA  . ALA A 1 177 ? 13.988  -14.063 -6.607  1.00 34.23  ? 183 ALA A CA  1 
ATOM   1350 C  C   . ALA A 1 177 ? 14.670  -14.513 -7.913  1.00 36.09  ? 183 ALA A C   1 
ATOM   1351 O  O   . ALA A 1 177 ? 15.753  -15.097 -7.857  1.00 40.28  ? 183 ALA A O   1 
ATOM   1352 C  CB  . ALA A 1 177 ? 13.126  -15.170 -6.034  1.00 32.00  ? 183 ALA A CB  1 
ATOM   1353 N  N   . SER A 1 178 ? 14.026  -14.312 -9.068  1.00 36.89  ? 184 SER A N   1 
ATOM   1354 C  CA  . SER A 1 178 ? 14.634  -14.655 -10.367 1.00 41.15  ? 184 SER A CA  1 
ATOM   1355 C  C   . SER A 1 178 ? 15.963  -13.909 -10.514 1.00 39.78  ? 184 SER A C   1 
ATOM   1356 O  O   . SER A 1 178 ? 16.925  -14.450 -11.073 1.00 38.64  ? 184 SER A O   1 
ATOM   1357 C  CB  . SER A 1 178 ? 13.748  -14.306 -11.523 1.00 41.71  ? 184 SER A CB  1 
ATOM   1358 O  OG  . SER A 1 178 ? 12.472  -14.882 -11.348 1.00 57.00  ? 184 SER A OG  1 
ATOM   1359 N  N   . ARG A 1 179 ? 15.962  -12.658 -10.031 1.00 40.15  ? 185 ARG A N   1 
ATOM   1360 C  CA  . ARG A 1 179 ? 17.065  -11.706 -10.173 1.00 43.04  ? 185 ARG A CA  1 
ATOM   1361 C  C   . ARG A 1 179 ? 17.915  -11.622 -8.901  1.00 39.97  ? 185 ARG A C   1 
ATOM   1362 O  O   . ARG A 1 179 ? 18.649  -10.673 -8.729  1.00 36.71  ? 185 ARG A O   1 
ATOM   1363 C  CB  . ARG A 1 179 ? 16.480  -10.328 -10.475 1.00 40.88  ? 185 ARG A CB  1 
ATOM   1364 C  CG  . ARG A 1 179 ? 15.719  -10.264 -11.789 1.00 41.19  ? 185 ARG A CG  1 
ATOM   1365 C  CD  . ARG A 1 179 ? 15.071  -8.903  -11.912 1.00 41.46  ? 185 ARG A CD  1 
ATOM   1366 N  NE  . ARG A 1 179 ? 14.086  -8.833  -12.978 1.00 41.93  ? 185 ARG A NE  1 
ATOM   1367 C  CZ  . ARG A 1 179 ? 13.975  -7.799  -13.799 1.00 47.90  ? 185 ARG A CZ  1 
ATOM   1368 N  NH1 . ARG A 1 179 ? 14.919  -6.871  -13.788 1.00 52.60  ? 185 ARG A NH1 1 
ATOM   1369 N  NH2 . ARG A 1 179 ? 12.919  -7.670  -14.590 1.00 47.59  ? 185 ARG A NH2 1 
ATOM   1370 N  N   . SER A 1 180 ? 17.789  -12.606 -8.012  1.00 39.87  ? 186 SER A N   1 
ATOM   1371 C  CA  . SER A 1 180 ? 18.550  -12.658 -6.770  1.00 40.99  ? 186 SER A CA  1 
ATOM   1372 C  C   . SER A 1 180 ? 18.402  -11.383 -5.948  1.00 39.44  ? 186 SER A C   1 
ATOM   1373 O  O   . SER A 1 180 ? 19.373  -10.946 -5.375  1.00 42.67  ? 186 SER A O   1 
ATOM   1374 C  CB  . SER A 1 180 ? 20.017  -12.934 -7.065  1.00 46.55  ? 186 SER A CB  1 
ATOM   1375 O  OG  . SER A 1 180 ? 20.291  -14.326 -6.960  1.00 45.22  ? 186 SER A OG  1 
ATOM   1376 N  N   . LEU A 1 181 ? 17.211  -10.778 -5.884  1.00 40.71  ? 187 LEU A N   1 
ATOM   1377 C  CA  . LEU A 1 181 ? 17.021  -9.544  -5.066  1.00 37.98  ? 187 LEU A CA  1 
ATOM   1378 C  C   . LEU A 1 181 ? 16.154  -9.796  -3.837  1.00 38.02  ? 187 LEU A C   1 
ATOM   1379 O  O   . LEU A 1 181 ? 16.063  -8.904  -2.976  1.00 35.84  ? 187 LEU A O   1 
ATOM   1380 C  CB  . LEU A 1 181 ? 16.351  -8.456  -5.903  1.00 41.04  ? 187 LEU A CB  1 
ATOM   1381 C  CG  . LEU A 1 181 ? 17.084  -8.048  -7.176  1.00 39.18  ? 187 LEU A CG  1 
ATOM   1382 C  CD1 . LEU A 1 181 ? 16.168  -7.185  -8.040  1.00 41.08  ? 187 LEU A CD1 1 
ATOM   1383 C  CD2 . LEU A 1 181 ? 18.362  -7.297  -6.846  1.00 39.58  ? 187 LEU A CD2 1 
ATOM   1384 N  N   . TRP A 1 182 ? 15.473  -10.954 -3.809  1.00 33.90  ? 188 TRP A N   1 
ATOM   1385 C  CA  . TRP A 1 182 ? 14.448  -11.244 -2.803  1.00 33.66  ? 188 TRP A CA  1 
ATOM   1386 C  C   . TRP A 1 182 ? 15.071  -11.319 -1.401  1.00 30.72  ? 188 TRP A C   1 
ATOM   1387 O  O   . TRP A 1 182 ? 14.507  -10.815 -0.444  1.00 32.75  ? 188 TRP A O   1 
ATOM   1388 C  CB  . TRP A 1 182 ? 13.687  -12.547 -3.145  1.00 36.50  ? 188 TRP A CB  1 
ATOM   1389 C  CG  . TRP A 1 182 ? 12.715  -12.904 -2.062  1.00 32.07  ? 188 TRP A CG  1 
ATOM   1390 C  CD1 . TRP A 1 182 ? 12.826  -13.953 -1.193  1.00 33.67  ? 188 TRP A CD1 1 
ATOM   1391 C  CD2 . TRP A 1 182 ? 11.575  -12.141 -1.626  1.00 35.75  ? 188 TRP A CD2 1 
ATOM   1392 N  NE1 . TRP A 1 182 ? 11.827  -13.905 -0.260  1.00 33.31  ? 188 TRP A NE1 1 
ATOM   1393 C  CE2 . TRP A 1 182 ? 11.028  -12.822 -0.512  1.00 36.98  ? 188 TRP A CE2 1 
ATOM   1394 C  CE3 . TRP A 1 182 ? 10.934  -10.980 -2.069  1.00 35.32  ? 188 TRP A CE3 1 
ATOM   1395 C  CZ2 . TRP A 1 182 ? 9.894   -12.371 0.156   1.00 33.29  ? 188 TRP A CZ2 1 
ATOM   1396 C  CZ3 . TRP A 1 182 ? 9.806   -10.537 -1.409  1.00 35.12  ? 188 TRP A CZ3 1 
ATOM   1397 C  CH2 . TRP A 1 182 ? 9.294   -11.228 -0.316  1.00 36.68  ? 188 TRP A CH2 1 
ATOM   1398 N  N   . ASP A 1 183 ? 16.245  -11.933 -1.302  1.00 33.39  ? 189 ASP A N   1 
ATOM   1399 C  CA  . ASP A 1 183 ? 16.917  -12.169 0.018   1.00 39.87  ? 189 ASP A CA  1 
ATOM   1400 C  C   . ASP A 1 183 ? 17.236  -10.847 0.734   1.00 39.59  ? 189 ASP A C   1 
ATOM   1401 O  O   . ASP A 1 183 ? 16.979  -10.721 1.933   1.00 45.20  ? 189 ASP A O   1 
ATOM   1402 C  CB  . ASP A 1 183 ? 18.163  -13.036 -0.152  1.00 43.27  ? 189 ASP A CB  1 
ATOM   1403 C  CG  . ASP A 1 183 ? 17.845  -14.514 -0.026  1.00 49.80  ? 189 ASP A CG  1 
ATOM   1404 O  OD1 . ASP A 1 183 ? 16.887  -14.845 0.716   1.00 57.68  ? 189 ASP A OD1 1 
ATOM   1405 O  OD2 . ASP A 1 183 ? 18.540  -15.322 -0.679  1.00 60.40  ? 189 ASP A OD2 1 
ATOM   1406 N  N   . SER A 1 184 ? 17.769  -9.880  -0.021  1.00 34.58  ? 190 SER A N   1 
ATOM   1407 C  CA  . SER A 1 184 ? 17.959  -8.512  0.420   1.00 36.38  ? 190 SER A CA  1 
ATOM   1408 C  C   . SER A 1 184 ? 16.606  -7.876  0.757   1.00 37.02  ? 190 SER A C   1 
ATOM   1409 O  O   . SER A 1 184 ? 16.443  -7.229  1.782   1.00 33.11  ? 190 SER A O   1 
ATOM   1410 C  CB  . SER A 1 184 ? 18.704  -7.703  -0.647  1.00 39.57  ? 190 SER A CB  1 
ATOM   1411 O  OG  . SER A 1 184 ? 18.683  -6.305  -0.361  1.00 41.27  ? 190 SER A OG  1 
ATOM   1412 N  N   . PHE A 1 185 ? 15.636  -8.000  -0.156  1.00 34.43  ? 191 PHE A N   1 
ATOM   1413 C  CA  . PHE A 1 185 ? 14.345  -7.283  0.024   1.00 32.40  ? 191 PHE A CA  1 
ATOM   1414 C  C   . PHE A 1 185 ? 13.594  -7.801  1.276   1.00 32.71  ? 191 PHE A C   1 
ATOM   1415 O  O   . PHE A 1 185 ? 13.002  -7.060  2.053   1.00 33.12  ? 191 PHE A O   1 
ATOM   1416 C  CB  . PHE A 1 185 ? 13.549  -7.379  -1.284  1.00 32.30  ? 191 PHE A CB  1 
ATOM   1417 C  CG  . PHE A 1 185 ? 12.252  -6.624  -1.244  1.00 30.96  ? 191 PHE A CG  1 
ATOM   1418 C  CD1 . PHE A 1 185 ? 12.246  -5.236  -1.231  1.00 30.94  ? 191 PHE A CD1 1 
ATOM   1419 C  CD2 . PHE A 1 185 ? 11.055  -7.296  -1.120  1.00 30.93  ? 191 PHE A CD2 1 
ATOM   1420 C  CE1 . PHE A 1 185 ? 11.060  -4.535  -1.133  1.00 31.15  ? 191 PHE A CE1 1 
ATOM   1421 C  CE2 . PHE A 1 185 ? 9.862   -6.595  -1.046  1.00 32.42  ? 191 PHE A CE2 1 
ATOM   1422 C  CZ  . PHE A 1 185 ? 9.866   -5.215  -1.073  1.00 34.43  ? 191 PHE A CZ  1 
ATOM   1423 N  N   . ARG A 1 186 ? 13.652  -9.106  1.497   1.00 36.28  ? 192 ARG A N   1 
ATOM   1424 C  CA  . ARG A 1 186 ? 12.926  -9.768  2.567   1.00 42.98  ? 192 ARG A CA  1 
ATOM   1425 C  C   . ARG A 1 186 ? 13.441  -9.330  3.946   1.00 43.00  ? 192 ARG A C   1 
ATOM   1426 O  O   . ARG A 1 186 ? 12.664  -9.258  4.883   1.00 43.79  ? 192 ARG A O   1 
ATOM   1427 C  CB  . ARG A 1 186 ? 13.094  -11.281 2.391   1.00 42.94  ? 192 ARG A CB  1 
ATOM   1428 C  CG  . ARG A 1 186 ? 12.477  -12.112 3.501   1.00 48.93  ? 192 ARG A CG  1 
ATOM   1429 C  CD  . ARG A 1 186 ? 13.203  -13.433 3.623   1.00 55.08  ? 192 ARG A CD  1 
ATOM   1430 N  NE  . ARG A 1 186 ? 14.030  -13.483 4.820   1.00 55.82  ? 192 ARG A NE  1 
ATOM   1431 C  CZ  . ARG A 1 186 ? 15.270  -13.950 4.865   1.00 50.72  ? 192 ARG A CZ  1 
ATOM   1432 N  NH1 . ARG A 1 186 ? 15.958  -13.856 5.989   1.00 68.47  ? 192 ARG A NH1 1 
ATOM   1433 N  NH2 . ARG A 1 186 ? 15.832  -14.475 3.794   1.00 43.87  ? 192 ARG A NH2 1 
ATOM   1434 N  N   . GLN A 1 187 ? 14.757  -9.124  4.070   1.00 41.15  ? 193 GLN A N   1 
ATOM   1435 C  CA  . GLN A 1 187 ? 15.409  -8.865  5.374   1.00 39.18  ? 193 GLN A CA  1 
ATOM   1436 C  C   . GLN A 1 187 ? 15.465  -7.371  5.663   1.00 44.53  ? 193 GLN A C   1 
ATOM   1437 O  O   . GLN A 1 187 ? 15.877  -6.982  6.749   1.00 47.15  ? 193 GLN A O   1 
ATOM   1438 C  CB  . GLN A 1 187 ? 16.826  -9.418  5.401   1.00 38.82  ? 193 GLN A CB  1 
ATOM   1439 C  CG  . GLN A 1 187 ? 16.860  -10.922 5.280   1.00 42.21  ? 193 GLN A CG  1 
ATOM   1440 C  CD  . GLN A 1 187 ? 18.271  -11.444 5.293   1.00 40.49  ? 193 GLN A CD  1 
ATOM   1441 O  OE1 . GLN A 1 187 ? 18.826  -11.847 4.278   1.00 47.43  ? 193 GLN A OE1 1 
ATOM   1442 N  NE2 . GLN A 1 187 ? 18.861  -11.428 6.462   1.00 34.22  ? 193 GLN A NE2 1 
ATOM   1443 N  N   . SER A 1 188 ? 15.000  -6.552  4.715   1.00 41.67  ? 194 SER A N   1 
ATOM   1444 C  CA  . SER A 1 188 ? 14.948  -5.101  4.876   1.00 45.79  ? 194 SER A CA  1 
ATOM   1445 C  C   . SER A 1 188 ? 13.521  -4.664  5.272   1.00 50.92  ? 194 SER A C   1 
ATOM   1446 O  O   . SER A 1 188 ? 12.638  -5.493  5.436   1.00 49.91  ? 194 SER A O   1 
ATOM   1447 C  CB  . SER A 1 188 ? 15.489  -4.468  3.609   1.00 47.42  ? 194 SER A CB  1 
ATOM   1448 O  OG  . SER A 1 188 ? 14.886  -3.238  3.348   1.00 51.28  ? 194 SER A OG  1 
ATOM   1449 N  N   . GLU A 1 189 ? 13.265  -3.363  5.452   1.00 60.35  ? 195 GLU A N   1 
ATOM   1450 C  CA  . GLU A 1 189 ? 12.071  -3.000  6.213   1.00 67.46  ? 195 GLU A CA  1 
ATOM   1451 C  C   . GLU A 1 189 ? 11.354  -1.741  5.699   1.00 74.61  ? 195 GLU A C   1 
ATOM   1452 O  O   . GLU A 1 189 ? 10.943  -0.941  6.520   1.00 71.24  ? 195 GLU A O   1 
ATOM   1453 C  CB  . GLU A 1 189 ? 12.493  -2.746  7.657   1.00 71.42  ? 195 GLU A CB  1 
ATOM   1454 C  CG  . GLU A 1 189 ? 11.403  -3.034  8.654   1.00 64.50  ? 195 GLU A CG  1 
ATOM   1455 C  CD  . GLU A 1 189 ? 11.619  -4.354  9.351   1.00 68.20  ? 195 GLU A CD  1 
ATOM   1456 O  OE1 . GLU A 1 189 ? 11.073  -4.548  10.465  1.00 79.62  ? 195 GLU A OE1 1 
ATOM   1457 O  OE2 . GLU A 1 189 ? 12.357  -5.166  8.787   1.00 61.52  ? 195 GLU A OE2 1 
ATOM   1458 N  N   . ARG A 1 190 ? 11.112  -1.628  4.380   1.00 88.36  ? 196 ARG A N   1 
ATOM   1459 C  CA  . ARG A 1 190 ? 10.483  -0.442  3.706   1.00 73.95  ? 196 ARG A CA  1 
ATOM   1460 C  C   . ARG A 1 190 ? 11.578  0.609   3.551   1.00 73.45  ? 196 ARG A C   1 
ATOM   1461 O  O   . ARG A 1 190 ? 12.627  0.485   4.192   1.00 80.19  ? 196 ARG A O   1 
ATOM   1462 C  CB  . ARG A 1 190 ? 9.290   0.171   4.466   1.00 73.79  ? 196 ARG A CB  1 
ATOM   1463 C  CG  . ARG A 1 190 ? 7.960   -0.583  4.389   1.00 65.54  ? 196 ARG A CG  1 
ATOM   1464 C  CD  . ARG A 1 190 ? 7.578   -1.590  5.505   1.00 70.36  ? 196 ARG A CD  1 
ATOM   1465 N  NE  . ARG A 1 190 ? 7.460   -2.997  5.056   1.00 65.79  ? 196 ARG A NE  1 
ATOM   1466 C  CZ  . ARG A 1 190 ? 7.457   -4.114  5.827   1.00 69.25  ? 196 ARG A CZ  1 
ATOM   1467 N  NH1 . ARG A 1 190 ? 7.725   -5.297  5.290   1.00 41.34  ? 196 ARG A NH1 1 
ATOM   1468 N  NH2 . ARG A 1 190 ? 7.170   -4.070  7.114   1.00 67.62  ? 196 ARG A NH2 1 
HETATM 1469 MN MN  . MN  B 2 .   ? -0.458  1.884   3.845   1.00 32.38  ? 301 MN  A MN  1 
HETATM 1470 MN MN  . MN  C 2 .   ? -0.540  5.565   3.163   1.00 40.72  ? 302 MN  A MN  1 
HETATM 1471 O  OAK . G5V D 3 .   ? 0.754   6.639   5.235   1.00 67.96  ? 303 G5V A OAK 1 
HETATM 1472 C  CAJ . G5V D 3 .   ? 1.480   6.177   4.333   1.00 47.41  ? 303 G5V A CAJ 1 
HETATM 1473 O  OAL . G5V D 3 .   ? 1.447   6.829   3.324   1.00 45.99  ? 303 G5V A OAL 1 
HETATM 1474 C  CAF . G5V D 3 .   ? 2.195   4.972   4.557   1.00 48.56  ? 303 G5V A CAF 1 
HETATM 1475 C  CAG . G5V D 3 .   ? 1.578   3.738   4.386   1.00 40.40  ? 303 G5V A CAG 1 
HETATM 1476 O  OAH . G5V D 3 .   ? 0.411   3.705   4.039   1.00 37.05  ? 303 G5V A OAH 1 
HETATM 1477 C  CAC . G5V D 3 .   ? 2.288   2.533   4.609   1.00 42.03  ? 303 G5V A CAC 1 
HETATM 1478 O  OAD . G5V D 3 .   ? 1.654   1.312   4.432   1.00 39.58  ? 303 G5V A OAD 1 
HETATM 1479 C  CAB . G5V D 3 .   ? 3.594   2.600   4.997   1.00 47.28  ? 303 G5V A CAB 1 
HETATM 1480 O  OAA . G5V D 3 .   ? 4.204   3.813   5.165   1.00 49.91  ? 303 G5V A OAA 1 
HETATM 1481 C  CAE . G5V D 3 .   ? 3.532   4.977   4.955   1.00 47.72  ? 303 G5V A CAE 1 
HETATM 1482 C  CAI . G5V D 3 .   ? 4.237   6.108   5.153   1.00 53.02  ? 303 G5V A CAI 1 
HETATM 1483 O  O   . HOH E 4 .   ? 2.329   8.218   1.574   1.00 39.57  ? 401 HOH A O   1 
HETATM 1484 O  O   . HOH E 4 .   ? -1.318  10.581  -0.351  1.00 42.46  ? 402 HOH A O   1 
HETATM 1485 O  O   . HOH E 4 .   ? -1.584  5.554   5.168   1.00 28.52  ? 403 HOH A O   1 
HETATM 1486 O  O   . HOH E 4 .   ? -1.649  7.516   2.517   1.00 37.11  ? 404 HOH A O   1 
HETATM 1487 O  O   . HOH E 4 .   ? 5.852   0.257   7.529   1.00 43.74  ? 405 HOH A O   1 
HETATM 1488 O  O   . HOH E 4 .   ? 2.803   -1.216  4.120   1.00 29.31  ? 406 HOH A O   1 
HETATM 1489 O  O   . HOH E 4 .   ? 3.445   3.644   -1.301  1.00 37.11  ? 407 HOH A O   1 
HETATM 1490 O  O   . HOH E 4 .   ? 0.107   9.473   2.236   1.00 42.22  ? 408 HOH A O   1 
HETATM 1491 O  O   . HOH E 4 .   ? 2.280   10.440  0.622   1.00 45.03  ? 409 HOH A O   1 
HETATM 1492 O  O   . HOH E 4 .   ? 0.438   4.645   8.306   1.00 56.85  ? 410 HOH A O   1 
HETATM 1493 O  O   . HOH E 4 .   ? 10.652  3.007   6.269   1.00 58.80  ? 411 HOH A O   1 
# 
loop_
_pdbx_poly_seq_scheme.asym_id 
_pdbx_poly_seq_scheme.entity_id 
_pdbx_poly_seq_scheme.seq_id 
_pdbx_poly_seq_scheme.mon_id 
_pdbx_poly_seq_scheme.ndb_seq_num 
_pdbx_poly_seq_scheme.pdb_seq_num 
_pdbx_poly_seq_scheme.auth_seq_num 
_pdbx_poly_seq_scheme.pdb_mon_id 
_pdbx_poly_seq_scheme.auth_mon_id 
_pdbx_poly_seq_scheme.pdb_strand_id 
_pdbx_poly_seq_scheme.pdb_ins_code 
_pdbx_poly_seq_scheme.hetero 
A 1 1   MET 1   -5  ?   ?   ?   A . n 
A 1 2   GLY 2   -4  ?   ?   ?   A . n 
A 1 3   SER 3   -3  ?   ?   ?   A . n 
A 1 4   GLY 4   -2  ?   ?   ?   A . n 
A 1 5   MET 5   -1  -1  MET MET A . n 
A 1 6   ALA 6   0   0   ALA ALA A . n 
A 1 7   MET 7   1   1   MET MET A . n 
A 1 8   GLU 8   2   2   GLU GLU A . n 
A 1 9   ASP 9   3   3   ASP ASP A . n 
A 1 10  PHE 10  4   4   PHE PHE A . n 
A 1 11  VAL 11  5   5   VAL VAL A . n 
A 1 12  ARG 12  6   6   ARG ARG A . n 
A 1 13  GLN 13  7   7   GLN GLN A . n 
A 1 14  CYS 14  8   8   CYS CYS A . n 
A 1 15  PHE 15  9   9   PHE PHE A . n 
A 1 16  ASN 16  10  10  ASN ASN A . n 
A 1 17  PRO 17  11  11  PRO PRO A . n 
A 1 18  MET 18  12  12  MET MET A . n 
A 1 19  ILE 19  13  13  ILE ILE A . n 
A 1 20  VAL 20  14  14  VAL VAL A . n 
A 1 21  GLU 21  15  15  GLU GLU A . n 
A 1 22  LEU 22  16  16  LEU LEU A . n 
A 1 23  ALA 23  17  17  ALA ALA A . n 
A 1 24  GLU 24  18  18  GLU GLU A . n 
A 1 25  LYS 25  19  19  LYS LYS A . n 
A 1 26  ALA 26  20  20  ALA ALA A . n 
A 1 27  MET 27  21  21  MET MET A . n 
A 1 28  LYS 28  22  22  LYS LYS A . n 
A 1 29  GLU 29  23  23  GLU GLU A . n 
A 1 30  TYR 30  24  24  TYR TYR A . n 
A 1 31  GLY 31  25  25  GLY GLY A . n 
A 1 32  GLU 32  26  26  GLU GLU A . n 
A 1 33  ASP 33  27  27  ASP ASP A . n 
A 1 34  PRO 34  28  28  PRO PRO A . n 
A 1 35  LYS 35  29  29  LYS LYS A . n 
A 1 36  ILE 36  30  30  ILE ILE A . n 
A 1 37  GLU 37  31  31  GLU GLU A . n 
A 1 38  THR 38  32  32  THR THR A . n 
A 1 39  ASN 39  33  33  ASN ASN A . n 
A 1 40  LYS 40  34  34  LYS LYS A . n 
A 1 41  PHE 41  35  35  PHE PHE A . n 
A 1 42  ALA 42  36  36  ALA ALA A . n 
A 1 43  ALA 43  37  37  ALA ALA A . n 
A 1 44  ILE 44  38  38  ILE ILE A . n 
A 1 45  CYS 45  39  39  CYS CYS A . n 
A 1 46  THR 46  40  40  THR THR A . n 
A 1 47  HIS 47  41  41  HIS HIS A . n 
A 1 48  LEU 48  42  42  LEU LEU A . n 
A 1 49  GLU 49  43  43  GLU GLU A . n 
A 1 50  VAL 50  44  44  VAL VAL A . n 
A 1 51  CYS 51  45  45  CYS CYS A . n 
A 1 52  PHE 52  46  46  PHE PHE A . n 
A 1 53  MET 53  47  47  MET MET A . n 
A 1 54  TYR 54  48  48  TYR TYR A . n 
A 1 55  SER 55  49  49  SER SER A . n 
A 1 56  ASP 56  50  50  ASP ASP A . n 
A 1 57  PHE 57  51  51  PHE PHE A . n 
A 1 58  GLY 58  52  52  GLY GLY A . n 
A 1 59  SER 59  65  ?   ?   ?   A . n 
A 1 60  GLY 60  66  ?   ?   ?   A . n 
A 1 61  ASP 61  67  ?   ?   ?   A . n 
A 1 62  PRO 62  68  ?   ?   ?   A . n 
A 1 63  ASN 63  69  ?   ?   ?   A . n 
A 1 64  ALA 64  70  ?   ?   ?   A . n 
A 1 65  LEU 65  71  ?   ?   ?   A . n 
A 1 66  LEU 66  72  ?   ?   ?   A . n 
A 1 67  LYS 67  73  73  LYS LYS A . n 
A 1 68  HIS 68  74  74  HIS HIS A . n 
A 1 69  ARG 69  75  75  ARG ARG A . n 
A 1 70  PHE 70  76  76  PHE PHE A . n 
A 1 71  GLU 71  77  77  GLU GLU A . n 
A 1 72  ILE 72  78  78  ILE ILE A . n 
A 1 73  ILE 73  79  79  ILE ILE A . n 
A 1 74  GLU 74  80  80  GLU GLU A . n 
A 1 75  GLY 75  81  81  GLY GLY A . n 
A 1 76  ARG 76  82  82  ARG ARG A . n 
A 1 77  ASP 77  83  83  ASP ASP A . n 
A 1 78  ARG 78  84  84  ARG ARG A . n 
A 1 79  ILE 79  85  85  ILE ILE A . n 
A 1 80  MET 80  86  86  MET MET A . n 
A 1 81  ALA 81  87  87  ALA ALA A . n 
A 1 82  TRP 82  88  88  TRP TRP A . n 
A 1 83  THR 83  89  89  THR THR A . n 
A 1 84  VAL 84  90  90  VAL VAL A . n 
A 1 85  VAL 85  91  91  VAL VAL A . n 
A 1 86  ASN 86  92  92  ASN ASN A . n 
A 1 87  SER 87  93  93  SER SER A . n 
A 1 88  ILE 88  94  94  ILE ILE A . n 
A 1 89  CYS 89  95  95  CYS CYS A . n 
A 1 90  ASN 90  96  96  ASN ASN A . n 
A 1 91  THR 91  97  97  THR THR A . n 
A 1 92  THR 92  98  98  THR THR A . n 
A 1 93  GLY 93  99  99  GLY GLY A . n 
A 1 94  VAL 94  100 100 VAL VAL A . n 
A 1 95  GLU 95  101 101 GLU GLU A . n 
A 1 96  LYS 96  102 102 LYS LYS A . n 
A 1 97  PRO 97  103 103 PRO PRO A . n 
A 1 98  LYS 98  104 104 LYS LYS A . n 
A 1 99  PHE 99  105 105 PHE PHE A . n 
A 1 100 LEU 100 106 106 LEU LEU A . n 
A 1 101 PRO 101 107 107 PRO PRO A . n 
A 1 102 ASP 102 108 108 ASP ASP A . n 
A 1 103 LEU 103 109 109 LEU LEU A . n 
A 1 104 TYR 104 110 110 TYR TYR A . n 
A 1 105 ASP 105 111 111 ASP ASP A . n 
A 1 106 TYR 106 112 112 TYR TYR A . n 
A 1 107 LYS 107 113 113 LYS LYS A . n 
A 1 108 GLU 108 114 114 GLU GLU A . n 
A 1 109 ASN 109 115 115 ASN ASN A . n 
A 1 110 ARG 110 116 116 ARG ARG A . n 
A 1 111 PHE 111 117 117 PHE PHE A . n 
A 1 112 ILE 112 118 118 ILE ILE A . n 
A 1 113 GLU 113 119 119 GLU GLU A . n 
A 1 114 ILE 114 120 120 ILE ILE A . n 
A 1 115 GLY 115 121 121 GLY GLY A . n 
A 1 116 VAL 116 122 122 VAL VAL A . n 
A 1 117 THR 117 123 123 THR THR A . n 
A 1 118 ARG 118 124 124 ARG ARG A . n 
A 1 119 ARG 119 125 125 ARG ARG A . n 
A 1 120 GLU 120 126 126 GLU GLU A . n 
A 1 121 VAL 121 127 127 VAL VAL A . n 
A 1 122 HIS 122 128 128 HIS HIS A . n 
A 1 123 ILE 123 129 129 ILE ILE A . n 
A 1 124 TYR 124 130 130 TYR TYR A . n 
A 1 125 TYR 125 131 131 TYR TYR A . n 
A 1 126 LEU 126 132 132 LEU LEU A . n 
A 1 127 GLU 127 133 133 GLU GLU A . n 
A 1 128 LYS 128 134 134 LYS LYS A . n 
A 1 129 ALA 129 135 135 ALA ALA A . n 
A 1 130 ASN 130 136 136 ASN ASN A . n 
A 1 131 LYS 131 137 137 LYS LYS A . n 
A 1 132 ILE 132 138 138 ILE ILE A . n 
A 1 133 LYS 133 139 ?   ?   ?   A . n 
A 1 134 SER 134 140 ?   ?   ?   A . n 
A 1 135 GLU 135 141 141 GLU GLU A . n 
A 1 136 LYS 136 142 142 LYS LYS A . n 
A 1 137 THR 137 143 143 THR THR A . n 
A 1 138 HIS 138 144 144 HIS HIS A . n 
A 1 139 ILE 139 145 145 ILE ILE A . n 
A 1 140 HIS 140 146 146 HIS HIS A . n 
A 1 141 ILE 141 147 147 ILE ILE A . n 
A 1 142 PHE 142 148 148 PHE PHE A . n 
A 1 143 SER 143 149 149 SER SER A . n 
A 1 144 PHE 144 150 150 PHE PHE A . n 
A 1 145 THR 145 151 151 THR THR A . n 
A 1 146 GLY 146 152 152 GLY GLY A . n 
A 1 147 GLU 147 153 153 GLU GLU A . n 
A 1 148 GLU 148 154 154 GLU GLU A . n 
A 1 149 MET 149 155 155 MET MET A . n 
A 1 150 ALA 150 156 156 ALA ALA A . n 
A 1 151 THR 151 157 157 THR THR A . n 
A 1 152 LYS 152 158 158 LYS LYS A . n 
A 1 153 ALA 153 159 159 ALA ALA A . n 
A 1 154 ASP 154 160 160 ASP ASP A . n 
A 1 155 TYR 155 161 161 TYR TYR A . n 
A 1 156 THR 156 162 162 THR THR A . n 
A 1 157 LEU 157 163 163 LEU LEU A . n 
A 1 158 ASP 158 164 164 ASP ASP A . n 
A 1 159 GLU 159 165 165 GLU GLU A . n 
A 1 160 GLU 160 166 166 GLU GLU A . n 
A 1 161 SER 161 167 167 SER SER A . n 
A 1 162 ARG 162 168 168 ARG ARG A . n 
A 1 163 ALA 163 169 169 ALA ALA A . n 
A 1 164 ARG 164 170 170 ARG ARG A . n 
A 1 165 ILE 165 171 171 ILE ILE A . n 
A 1 166 LYS 166 172 172 LYS LYS A . n 
A 1 167 THR 167 173 173 THR THR A . n 
A 1 168 ARG 168 174 174 ARG ARG A . n 
A 1 169 LEU 169 175 175 LEU LEU A . n 
A 1 170 PHE 170 176 176 PHE PHE A . n 
A 1 171 THR 171 177 177 THR THR A . n 
A 1 172 ILE 172 178 178 ILE ILE A . n 
A 1 173 ARG 173 179 179 ARG ARG A . n 
A 1 174 GLN 174 180 180 GLN GLN A . n 
A 1 175 GLU 175 181 181 GLU GLU A . n 
A 1 176 MET 176 182 182 MET MET A . n 
A 1 177 ALA 177 183 183 ALA ALA A . n 
A 1 178 SER 178 184 184 SER SER A . n 
A 1 179 ARG 179 185 185 ARG ARG A . n 
A 1 180 SER 180 186 186 SER SER A . n 
A 1 181 LEU 181 187 187 LEU LEU A . n 
A 1 182 TRP 182 188 188 TRP TRP A . n 
A 1 183 ASP 183 189 189 ASP ASP A . n 
A 1 184 SER 184 190 190 SER SER A . n 
A 1 185 PHE 185 191 191 PHE PHE A . n 
A 1 186 ARG 186 192 192 ARG ARG A . n 
A 1 187 GLN 187 193 193 GLN GLN A . n 
A 1 188 SER 188 194 194 SER SER A . n 
A 1 189 GLU 189 195 195 GLU GLU A . n 
A 1 190 ARG 190 196 196 ARG ARG A . n 
A 1 191 GLY 191 197 ?   ?   ?   A . n 
A 1 192 GLU 192 198 ?   ?   ?   A . n 
# 
loop_
_pdbx_nonpoly_scheme.asym_id 
_pdbx_nonpoly_scheme.entity_id 
_pdbx_nonpoly_scheme.mon_id 
_pdbx_nonpoly_scheme.ndb_seq_num 
_pdbx_nonpoly_scheme.pdb_seq_num 
_pdbx_nonpoly_scheme.auth_seq_num 
_pdbx_nonpoly_scheme.pdb_mon_id 
_pdbx_nonpoly_scheme.auth_mon_id 
_pdbx_nonpoly_scheme.pdb_strand_id 
_pdbx_nonpoly_scheme.pdb_ins_code 
B 2 MN  1  301 301 MN  MN  A . 
C 2 MN  1  302 302 MN  MN  A . 
D 3 G5V 1  303 501 G5V DRG A . 
E 4 HOH 1  401 404 HOH HOH A . 
E 4 HOH 2  402 406 HOH HOH A . 
E 4 HOH 3  403 401 HOH HOH A . 
E 4 HOH 4  404 402 HOH HOH A . 
E 4 HOH 5  405 410 HOH HOH A . 
E 4 HOH 6  406 408 HOH HOH A . 
E 4 HOH 7  407 407 HOH HOH A . 
E 4 HOH 8  408 403 HOH HOH A . 
E 4 HOH 9  409 405 HOH HOH A . 
E 4 HOH 10 410 409 HOH HOH A . 
E 4 HOH 11 411 411 HOH HOH A . 
# 
_pdbx_struct_assembly.id                   1 
_pdbx_struct_assembly.details              author_and_software_defined_assembly 
_pdbx_struct_assembly.method_details       PISA 
_pdbx_struct_assembly.oligomeric_details   monomeric 
_pdbx_struct_assembly.oligomeric_count     1 
# 
_pdbx_struct_assembly_gen.assembly_id       1 
_pdbx_struct_assembly_gen.oper_expression   1 
_pdbx_struct_assembly_gen.asym_id_list      A,B,C,D,E 
# 
loop_
_pdbx_struct_assembly_prop.biol_id 
_pdbx_struct_assembly_prop.type 
_pdbx_struct_assembly_prop.value 
_pdbx_struct_assembly_prop.details 
1 'ABSA (A^2)' 150  ? 
1 MORE         -7   ? 
1 'SSA (A^2)'  9600 ? 
# 
_pdbx_struct_oper_list.id                   1 
_pdbx_struct_oper_list.type                 'identity operation' 
_pdbx_struct_oper_list.name                 1_555 
_pdbx_struct_oper_list.symmetry_operation   x,y,z 
_pdbx_struct_oper_list.matrix[1][1]         1.0000000000 
_pdbx_struct_oper_list.matrix[1][2]         0.0000000000 
_pdbx_struct_oper_list.matrix[1][3]         0.0000000000 
_pdbx_struct_oper_list.vector[1]            0.0000000000 
_pdbx_struct_oper_list.matrix[2][1]         0.0000000000 
_pdbx_struct_oper_list.matrix[2][2]         1.0000000000 
_pdbx_struct_oper_list.matrix[2][3]         0.0000000000 
_pdbx_struct_oper_list.vector[2]            0.0000000000 
_pdbx_struct_oper_list.matrix[3][1]         0.0000000000 
_pdbx_struct_oper_list.matrix[3][2]         0.0000000000 
_pdbx_struct_oper_list.matrix[3][3]         1.0000000000 
_pdbx_struct_oper_list.vector[3]            0.0000000000 
# 
loop_
_pdbx_struct_conn_angle.id 
_pdbx_struct_conn_angle.ptnr1_label_atom_id 
_pdbx_struct_conn_angle.ptnr1_label_alt_id 
_pdbx_struct_conn_angle.ptnr1_label_asym_id 
_pdbx_struct_conn_angle.ptnr1_label_comp_id 
_pdbx_struct_conn_angle.ptnr1_label_seq_id 
_pdbx_struct_conn_angle.ptnr1_auth_atom_id 
_pdbx_struct_conn_angle.ptnr1_auth_asym_id 
_pdbx_struct_conn_angle.ptnr1_auth_comp_id 
_pdbx_struct_conn_angle.ptnr1_auth_seq_id 
_pdbx_struct_conn_angle.ptnr1_PDB_ins_code 
_pdbx_struct_conn_angle.ptnr1_symmetry 
_pdbx_struct_conn_angle.ptnr2_label_atom_id 
_pdbx_struct_conn_angle.ptnr2_label_alt_id 
_pdbx_struct_conn_angle.ptnr2_label_asym_id 
_pdbx_struct_conn_angle.ptnr2_label_comp_id 
_pdbx_struct_conn_angle.ptnr2_label_seq_id 
_pdbx_struct_conn_angle.ptnr2_auth_atom_id 
_pdbx_struct_conn_angle.ptnr2_auth_asym_id 
_pdbx_struct_conn_angle.ptnr2_auth_comp_id 
_pdbx_struct_conn_angle.ptnr2_auth_seq_id 
_pdbx_struct_conn_angle.ptnr2_PDB_ins_code 
_pdbx_struct_conn_angle.ptnr2_symmetry 
_pdbx_struct_conn_angle.ptnr3_label_atom_id 
_pdbx_struct_conn_angle.ptnr3_label_alt_id 
_pdbx_struct_conn_angle.ptnr3_label_asym_id 
_pdbx_struct_conn_angle.ptnr3_label_comp_id 
_pdbx_struct_conn_angle.ptnr3_label_seq_id 
_pdbx_struct_conn_angle.ptnr3_auth_atom_id 
_pdbx_struct_conn_angle.ptnr3_auth_asym_id 
_pdbx_struct_conn_angle.ptnr3_auth_comp_id 
_pdbx_struct_conn_angle.ptnr3_auth_seq_id 
_pdbx_struct_conn_angle.ptnr3_PDB_ins_code 
_pdbx_struct_conn_angle.ptnr3_symmetry 
_pdbx_struct_conn_angle.value 
_pdbx_struct_conn_angle.value_esd 
1  NE2 ? A HIS 47  ? A HIS 41  ? 1_555 MN ? B MN . ? A MN 301 ? 1_555 OD2 ? A ASP 102 ? A ASP 108 ? 1_555 103.2 ? 
2  NE2 ? A HIS 47  ? A HIS 41  ? 1_555 MN ? B MN . ? A MN 301 ? 1_555 OE2 ? A GLU 113 ? A GLU 119 ? 1_555 168.1 ? 
3  OD2 ? A ASP 102 ? A ASP 108 ? 1_555 MN ? B MN . ? A MN 301 ? 1_555 OE2 ? A GLU 113 ? A GLU 119 ? 1_555 86.6  ? 
4  NE2 ? A HIS 47  ? A HIS 41  ? 1_555 MN ? B MN . ? A MN 301 ? 1_555 O   ? A ILE 114 ? A ILE 120 ? 1_555 85.0  ? 
5  OD2 ? A ASP 102 ? A ASP 108 ? 1_555 MN ? B MN . ? A MN 301 ? 1_555 O   ? A ILE 114 ? A ILE 120 ? 1_555 86.5  ? 
6  OE2 ? A GLU 113 ? A GLU 119 ? 1_555 MN ? B MN . ? A MN 301 ? 1_555 O   ? A ILE 114 ? A ILE 120 ? 1_555 89.0  ? 
7  NE2 ? A HIS 47  ? A HIS 41  ? 1_555 MN ? B MN . ? A MN 301 ? 1_555 OAH ? D G5V .   ? A G5V 303 ? 1_555 97.2  ? 
8  OD2 ? A ASP 102 ? A ASP 108 ? 1_555 MN ? B MN . ? A MN 301 ? 1_555 OAH ? D G5V .   ? A G5V 303 ? 1_555 103.5 ? 
9  OE2 ? A GLU 113 ? A GLU 119 ? 1_555 MN ? B MN . ? A MN 301 ? 1_555 OAH ? D G5V .   ? A G5V 303 ? 1_555 86.8  ? 
10 O   ? A ILE 114 ? A ILE 120 ? 1_555 MN ? B MN . ? A MN 301 ? 1_555 OAH ? D G5V .   ? A G5V 303 ? 1_555 168.9 ? 
11 NE2 ? A HIS 47  ? A HIS 41  ? 1_555 MN ? B MN . ? A MN 301 ? 1_555 OAD ? D G5V .   ? A G5V 303 ? 1_555 76.5  ? 
12 OD2 ? A ASP 102 ? A ASP 108 ? 1_555 MN ? B MN . ? A MN 301 ? 1_555 OAD ? D G5V .   ? A G5V 303 ? 1_555 177.9 ? 
13 OE2 ? A GLU 113 ? A GLU 119 ? 1_555 MN ? B MN . ? A MN 301 ? 1_555 OAD ? D G5V .   ? A G5V 303 ? 1_555 93.4  ? 
14 O   ? A ILE 114 ? A ILE 120 ? 1_555 MN ? B MN . ? A MN 301 ? 1_555 OAD ? D G5V .   ? A G5V 303 ? 1_555 91.4  ? 
15 OAH ? D G5V .   ? A G5V 303 ? 1_555 MN ? B MN . ? A MN 301 ? 1_555 OAD ? D G5V .   ? A G5V 303 ? 1_555 78.6  ? 
16 OE2 ? A GLU 74  ? A GLU 80  ? 1_555 MN ? C MN . ? A MN 302 ? 1_555 OD1 ? A ASP 102 ? A ASP 108 ? 1_555 91.0  ? 
17 OE2 ? A GLU 74  ? A GLU 80  ? 1_555 MN ? C MN . ? A MN 302 ? 1_555 OAK ? D G5V .   ? A G5V 303 ? 1_555 114.5 ? 
18 OD1 ? A ASP 102 ? A ASP 108 ? 1_555 MN ? C MN . ? A MN 302 ? 1_555 OAK ? D G5V .   ? A G5V 303 ? 1_555 152.9 ? 
19 OE2 ? A GLU 74  ? A GLU 80  ? 1_555 MN ? C MN . ? A MN 302 ? 1_555 OAL ? D G5V .   ? A G5V 303 ? 1_555 67.2  ? 
20 OD1 ? A ASP 102 ? A ASP 108 ? 1_555 MN ? C MN . ? A MN 302 ? 1_555 OAL ? D G5V .   ? A G5V 303 ? 1_555 157.1 ? 
21 OAK ? D G5V .   ? A G5V 303 ? 1_555 MN ? C MN . ? A MN 302 ? 1_555 OAL ? D G5V .   ? A G5V 303 ? 1_555 47.4  ? 
22 OE2 ? A GLU 74  ? A GLU 80  ? 1_555 MN ? C MN . ? A MN 302 ? 1_555 OAH ? D G5V .   ? A G5V 303 ? 1_555 103.6 ? 
23 OD1 ? A ASP 102 ? A ASP 108 ? 1_555 MN ? C MN . ? A MN 302 ? 1_555 OAH ? D G5V .   ? A G5V 303 ? 1_555 85.1  ? 
24 OAK ? D G5V .   ? A G5V 303 ? 1_555 MN ? C MN . ? A MN 302 ? 1_555 OAH ? D G5V .   ? A G5V 303 ? 1_555 80.0  ? 
25 OAL ? D G5V .   ? A G5V 303 ? 1_555 MN ? C MN . ? A MN 302 ? 1_555 OAH ? D G5V .   ? A G5V 303 ? 1_555 93.5  ? 
26 OE2 ? A GLU 74  ? A GLU 80  ? 1_555 MN ? C MN . ? A MN 302 ? 1_555 O   ? E HOH .   ? A HOH 403 ? 1_555 174.0 ? 
27 OD1 ? A ASP 102 ? A ASP 108 ? 1_555 MN ? C MN . ? A MN 302 ? 1_555 O   ? E HOH .   ? A HOH 403 ? 1_555 93.0  ? 
28 OAK ? D G5V .   ? A G5V 303 ? 1_555 MN ? C MN . ? A MN 302 ? 1_555 O   ? E HOH .   ? A HOH 403 ? 1_555 62.4  ? 
29 OAL ? D G5V .   ? A G5V 303 ? 1_555 MN ? C MN . ? A MN 302 ? 1_555 O   ? E HOH .   ? A HOH 403 ? 1_555 109.3 ? 
30 OAH ? D G5V .   ? A G5V 303 ? 1_555 MN ? C MN . ? A MN 302 ? 1_555 O   ? E HOH .   ? A HOH 403 ? 1_555 81.2  ? 
31 OE2 ? A GLU 74  ? A GLU 80  ? 1_555 MN ? C MN . ? A MN 302 ? 1_555 O   ? E HOH .   ? A HOH 404 ? 1_555 83.4  ? 
32 OD1 ? A ASP 102 ? A ASP 108 ? 1_555 MN ? C MN . ? A MN 302 ? 1_555 O   ? E HOH .   ? A HOH 404 ? 1_555 95.9  ? 
33 OAK ? D G5V .   ? A G5V 303 ? 1_555 MN ? C MN . ? A MN 302 ? 1_555 O   ? E HOH .   ? A HOH 404 ? 1_555 96.2  ? 
34 OAL ? D G5V .   ? A G5V 303 ? 1_555 MN ? C MN . ? A MN 302 ? 1_555 O   ? E HOH .   ? A HOH 404 ? 1_555 88.3  ? 
35 OAH ? D G5V .   ? A G5V 303 ? 1_555 MN ? C MN . ? A MN 302 ? 1_555 O   ? E HOH .   ? A HOH 404 ? 1_555 172.9 ? 
36 O   ? E HOH .   ? A HOH 403 ? 1_555 MN ? C MN . ? A MN 302 ? 1_555 O   ? E HOH .   ? A HOH 404 ? 1_555 91.7  ? 
# 
loop_
_pdbx_audit_revision_history.ordinal 
_pdbx_audit_revision_history.data_content_type 
_pdbx_audit_revision_history.major_revision 
_pdbx_audit_revision_history.minor_revision 
_pdbx_audit_revision_history.revision_date 
1 'Structure model' 1 0 2018-11-07 
2 'Structure model' 1 1 2018-12-05 
3 'Structure model' 1 2 2020-01-01 
4 'Structure model' 1 3 2023-10-11 
# 
_pdbx_audit_revision_details.ordinal             1 
_pdbx_audit_revision_details.revision_ordinal    1 
_pdbx_audit_revision_details.data_content_type   'Structure model' 
_pdbx_audit_revision_details.provider            repository 
_pdbx_audit_revision_details.type                'Initial release' 
_pdbx_audit_revision_details.description         ? 
_pdbx_audit_revision_details.details             ? 
# 
loop_
_pdbx_audit_revision_group.ordinal 
_pdbx_audit_revision_group.revision_ordinal 
_pdbx_audit_revision_group.data_content_type 
_pdbx_audit_revision_group.group 
1 2 'Structure model' 'Data collection'            
2 2 'Structure model' 'Database references'        
3 3 'Structure model' 'Author supporting evidence' 
4 4 'Structure model' 'Data collection'            
5 4 'Structure model' 'Database references'        
6 4 'Structure model' 'Derived calculations'       
7 4 'Structure model' 'Refinement description'     
# 
loop_
_pdbx_audit_revision_category.ordinal 
_pdbx_audit_revision_category.revision_ordinal 
_pdbx_audit_revision_category.data_content_type 
_pdbx_audit_revision_category.category 
1 2 'Structure model' citation                      
2 2 'Structure model' citation_author               
3 3 'Structure model' pdbx_audit_support            
4 4 'Structure model' chem_comp_atom                
5 4 'Structure model' chem_comp_bond                
6 4 'Structure model' database_2                    
7 4 'Structure model' pdbx_initial_refinement_model 
8 4 'Structure model' pdbx_struct_conn_angle        
9 4 'Structure model' struct_conn                   
# 
loop_
_pdbx_audit_revision_item.ordinal 
_pdbx_audit_revision_item.revision_ordinal 
_pdbx_audit_revision_item.data_content_type 
_pdbx_audit_revision_item.item 
1  2 'Structure model' '_citation.journal_volume'                    
2  2 'Structure model' '_citation.page_first'                        
3  2 'Structure model' '_citation.page_last'                         
4  2 'Structure model' '_citation_author.name'                       
5  3 'Structure model' '_pdbx_audit_support.funding_organization'    
6  4 'Structure model' '_database_2.pdbx_DOI'                        
7  4 'Structure model' '_database_2.pdbx_database_accession'         
8  4 'Structure model' '_pdbx_struct_conn_angle.ptnr1_auth_comp_id'  
9  4 'Structure model' '_pdbx_struct_conn_angle.ptnr1_auth_seq_id'   
10 4 'Structure model' '_pdbx_struct_conn_angle.ptnr1_label_asym_id' 
11 4 'Structure model' '_pdbx_struct_conn_angle.ptnr1_label_atom_id' 
12 4 'Structure model' '_pdbx_struct_conn_angle.ptnr1_label_comp_id' 
13 4 'Structure model' '_pdbx_struct_conn_angle.ptnr3_auth_comp_id'  
14 4 'Structure model' '_pdbx_struct_conn_angle.ptnr3_auth_seq_id'   
15 4 'Structure model' '_pdbx_struct_conn_angle.ptnr3_label_asym_id' 
16 4 'Structure model' '_pdbx_struct_conn_angle.ptnr3_label_atom_id' 
17 4 'Structure model' '_pdbx_struct_conn_angle.ptnr3_label_comp_id' 
18 4 'Structure model' '_pdbx_struct_conn_angle.value'               
19 4 'Structure model' '_struct_conn.pdbx_dist_value'                
20 4 'Structure model' '_struct_conn.ptnr1_label_atom_id'            
21 4 'Structure model' '_struct_conn.ptnr2_auth_comp_id'             
22 4 'Structure model' '_struct_conn.ptnr2_auth_seq_id'              
23 4 'Structure model' '_struct_conn.ptnr2_label_asym_id'            
24 4 'Structure model' '_struct_conn.ptnr2_label_atom_id'            
25 4 'Structure model' '_struct_conn.ptnr2_label_comp_id'            
# 
loop_
_software.citation_id 
_software.classification 
_software.compiler_name 
_software.compiler_version 
_software.contact_author 
_software.contact_author_email 
_software.date 
_software.description 
_software.dependencies 
_software.hardware 
_software.language 
_software.location 
_software.mods 
_software.name 
_software.os 
_software.os_version 
_software.type 
_software.version 
_software.pdbx_ordinal 
? refinement       ? ? ? ? ? ? ? ? ? ? ? REFMAC  ? ? ? 5.8.0222 1 
? 'data reduction' ? ? ? ? ? ? ? ? ? ? ? iMOSFLM ? ? ? .        2 
? 'data scaling'   ? ? ? ? ? ? ? ? ? ? ? Aimless ? ? ? .        3 
? phasing          ? ? ? ? ? ? ? ? ? ? ? PHASER  ? ? ? .        4 
# 
_pdbx_validate_symm_contact.id                1 
_pdbx_validate_symm_contact.PDB_model_num     1 
_pdbx_validate_symm_contact.auth_atom_id_1    O 
_pdbx_validate_symm_contact.auth_asym_id_1    A 
_pdbx_validate_symm_contact.auth_comp_id_1    ILE 
_pdbx_validate_symm_contact.auth_seq_id_1     30 
_pdbx_validate_symm_contact.PDB_ins_code_1    ? 
_pdbx_validate_symm_contact.label_alt_id_1    ? 
_pdbx_validate_symm_contact.site_symmetry_1   1_555 
_pdbx_validate_symm_contact.auth_atom_id_2    NH1 
_pdbx_validate_symm_contact.auth_asym_id_2    A 
_pdbx_validate_symm_contact.auth_comp_id_2    ARG 
_pdbx_validate_symm_contact.auth_seq_id_2     192 
_pdbx_validate_symm_contact.PDB_ins_code_2    ? 
_pdbx_validate_symm_contact.label_alt_id_2    ? 
_pdbx_validate_symm_contact.site_symmetry_2   12_567 
_pdbx_validate_symm_contact.dist              2.14 
# 
loop_
_pdbx_validate_torsion.id 
_pdbx_validate_torsion.PDB_model_num 
_pdbx_validate_torsion.auth_comp_id 
_pdbx_validate_torsion.auth_asym_id 
_pdbx_validate_torsion.auth_seq_id 
_pdbx_validate_torsion.PDB_ins_code 
_pdbx_validate_torsion.label_alt_id 
_pdbx_validate_torsion.phi 
_pdbx_validate_torsion.psi 
1 1 THR A 162 ? ? 66.04   -60.27 
2 1 GLU A 195 ? ? -143.59 47.56  
# 
loop_
_pdbx_validate_planes.id 
_pdbx_validate_planes.PDB_model_num 
_pdbx_validate_planes.auth_comp_id 
_pdbx_validate_planes.auth_asym_id 
_pdbx_validate_planes.auth_seq_id 
_pdbx_validate_planes.PDB_ins_code 
_pdbx_validate_planes.label_alt_id 
_pdbx_validate_planes.rmsd 
_pdbx_validate_planes.type 
1 1 ARG A 125 ? ? 0.078 'SIDE CHAIN' 
2 1 ARG A 174 ? ? 0.085 'SIDE CHAIN' 
3 1 ARG A 196 ? ? 0.092 'SIDE CHAIN' 
# 
loop_
_pdbx_unobs_or_zero_occ_residues.id 
_pdbx_unobs_or_zero_occ_residues.PDB_model_num 
_pdbx_unobs_or_zero_occ_residues.polymer_flag 
_pdbx_unobs_or_zero_occ_residues.occupancy_flag 
_pdbx_unobs_or_zero_occ_residues.auth_asym_id 
_pdbx_unobs_or_zero_occ_residues.auth_comp_id 
_pdbx_unobs_or_zero_occ_residues.auth_seq_id 
_pdbx_unobs_or_zero_occ_residues.PDB_ins_code 
_pdbx_unobs_or_zero_occ_residues.label_asym_id 
_pdbx_unobs_or_zero_occ_residues.label_comp_id 
_pdbx_unobs_or_zero_occ_residues.label_seq_id 
1  1 Y 1 A MET -5  ? A MET 1   
2  1 Y 1 A GLY -4  ? A GLY 2   
3  1 Y 1 A SER -3  ? A SER 3   
4  1 Y 1 A GLY -2  ? A GLY 4   
5  1 Y 1 A SER 65  ? A SER 59  
6  1 Y 1 A GLY 66  ? A GLY 60  
7  1 Y 1 A ASP 67  ? A ASP 61  
8  1 Y 1 A PRO 68  ? A PRO 62  
9  1 Y 1 A ASN 69  ? A ASN 63  
10 1 Y 1 A ALA 70  ? A ALA 64  
11 1 Y 1 A LEU 71  ? A LEU 65  
12 1 Y 1 A LEU 72  ? A LEU 66  
13 1 Y 1 A LYS 139 ? A LYS 133 
14 1 Y 1 A SER 140 ? A SER 134 
15 1 Y 1 A GLY 197 ? A GLY 191 
16 1 Y 1 A GLU 198 ? A GLU 192 
# 
loop_
_chem_comp_atom.comp_id 
_chem_comp_atom.atom_id 
_chem_comp_atom.type_symbol 
_chem_comp_atom.pdbx_aromatic_flag 
_chem_comp_atom.pdbx_stereo_config 
_chem_comp_atom.pdbx_ordinal 
ALA N    N  N N 1   
ALA CA   C  N S 2   
ALA C    C  N N 3   
ALA O    O  N N 4   
ALA CB   C  N N 5   
ALA OXT  O  N N 6   
ALA H    H  N N 7   
ALA H2   H  N N 8   
ALA HA   H  N N 9   
ALA HB1  H  N N 10  
ALA HB2  H  N N 11  
ALA HB3  H  N N 12  
ALA HXT  H  N N 13  
ARG N    N  N N 14  
ARG CA   C  N S 15  
ARG C    C  N N 16  
ARG O    O  N N 17  
ARG CB   C  N N 18  
ARG CG   C  N N 19  
ARG CD   C  N N 20  
ARG NE   N  N N 21  
ARG CZ   C  N N 22  
ARG NH1  N  N N 23  
ARG NH2  N  N N 24  
ARG OXT  O  N N 25  
ARG H    H  N N 26  
ARG H2   H  N N 27  
ARG HA   H  N N 28  
ARG HB2  H  N N 29  
ARG HB3  H  N N 30  
ARG HG2  H  N N 31  
ARG HG3  H  N N 32  
ARG HD2  H  N N 33  
ARG HD3  H  N N 34  
ARG HE   H  N N 35  
ARG HH11 H  N N 36  
ARG HH12 H  N N 37  
ARG HH21 H  N N 38  
ARG HH22 H  N N 39  
ARG HXT  H  N N 40  
ASN N    N  N N 41  
ASN CA   C  N S 42  
ASN C    C  N N 43  
ASN O    O  N N 44  
ASN CB   C  N N 45  
ASN CG   C  N N 46  
ASN OD1  O  N N 47  
ASN ND2  N  N N 48  
ASN OXT  O  N N 49  
ASN H    H  N N 50  
ASN H2   H  N N 51  
ASN HA   H  N N 52  
ASN HB2  H  N N 53  
ASN HB3  H  N N 54  
ASN HD21 H  N N 55  
ASN HD22 H  N N 56  
ASN HXT  H  N N 57  
ASP N    N  N N 58  
ASP CA   C  N S 59  
ASP C    C  N N 60  
ASP O    O  N N 61  
ASP CB   C  N N 62  
ASP CG   C  N N 63  
ASP OD1  O  N N 64  
ASP OD2  O  N N 65  
ASP OXT  O  N N 66  
ASP H    H  N N 67  
ASP H2   H  N N 68  
ASP HA   H  N N 69  
ASP HB2  H  N N 70  
ASP HB3  H  N N 71  
ASP HD2  H  N N 72  
ASP HXT  H  N N 73  
CYS N    N  N N 74  
CYS CA   C  N R 75  
CYS C    C  N N 76  
CYS O    O  N N 77  
CYS CB   C  N N 78  
CYS SG   S  N N 79  
CYS OXT  O  N N 80  
CYS H    H  N N 81  
CYS H2   H  N N 82  
CYS HA   H  N N 83  
CYS HB2  H  N N 84  
CYS HB3  H  N N 85  
CYS HG   H  N N 86  
CYS HXT  H  N N 87  
G5V OAK  O  N N 88  
G5V CAJ  C  N N 89  
G5V OAL  O  N N 90  
G5V CAF  C  N N 91  
G5V CAG  C  N N 92  
G5V OAH  O  N N 93  
G5V CAC  C  N N 94  
G5V OAD  O  N N 95  
G5V CAB  C  N N 96  
G5V OAA  O  N N 97  
G5V CAE  C  N N 98  
G5V CAI  C  N N 99  
G5V H1   H  N N 100 
G5V H2   H  N N 101 
G5V H3   H  N N 102 
G5V H4   H  N N 103 
G5V H5   H  N N 104 
G5V H6   H  N N 105 
GLN N    N  N N 106 
GLN CA   C  N S 107 
GLN C    C  N N 108 
GLN O    O  N N 109 
GLN CB   C  N N 110 
GLN CG   C  N N 111 
GLN CD   C  N N 112 
GLN OE1  O  N N 113 
GLN NE2  N  N N 114 
GLN OXT  O  N N 115 
GLN H    H  N N 116 
GLN H2   H  N N 117 
GLN HA   H  N N 118 
GLN HB2  H  N N 119 
GLN HB3  H  N N 120 
GLN HG2  H  N N 121 
GLN HG3  H  N N 122 
GLN HE21 H  N N 123 
GLN HE22 H  N N 124 
GLN HXT  H  N N 125 
GLU N    N  N N 126 
GLU CA   C  N S 127 
GLU C    C  N N 128 
GLU O    O  N N 129 
GLU CB   C  N N 130 
GLU CG   C  N N 131 
GLU CD   C  N N 132 
GLU OE1  O  N N 133 
GLU OE2  O  N N 134 
GLU OXT  O  N N 135 
GLU H    H  N N 136 
GLU H2   H  N N 137 
GLU HA   H  N N 138 
GLU HB2  H  N N 139 
GLU HB3  H  N N 140 
GLU HG2  H  N N 141 
GLU HG3  H  N N 142 
GLU HE2  H  N N 143 
GLU HXT  H  N N 144 
GLY N    N  N N 145 
GLY CA   C  N N 146 
GLY C    C  N N 147 
GLY O    O  N N 148 
GLY OXT  O  N N 149 
GLY H    H  N N 150 
GLY H2   H  N N 151 
GLY HA2  H  N N 152 
GLY HA3  H  N N 153 
GLY HXT  H  N N 154 
HIS N    N  N N 155 
HIS CA   C  N S 156 
HIS C    C  N N 157 
HIS O    O  N N 158 
HIS CB   C  N N 159 
HIS CG   C  Y N 160 
HIS ND1  N  Y N 161 
HIS CD2  C  Y N 162 
HIS CE1  C  Y N 163 
HIS NE2  N  Y N 164 
HIS OXT  O  N N 165 
HIS H    H  N N 166 
HIS H2   H  N N 167 
HIS HA   H  N N 168 
HIS HB2  H  N N 169 
HIS HB3  H  N N 170 
HIS HD1  H  N N 171 
HIS HD2  H  N N 172 
HIS HE1  H  N N 173 
HIS HE2  H  N N 174 
HIS HXT  H  N N 175 
HOH O    O  N N 176 
HOH H1   H  N N 177 
HOH H2   H  N N 178 
ILE N    N  N N 179 
ILE CA   C  N S 180 
ILE C    C  N N 181 
ILE O    O  N N 182 
ILE CB   C  N S 183 
ILE CG1  C  N N 184 
ILE CG2  C  N N 185 
ILE CD1  C  N N 186 
ILE OXT  O  N N 187 
ILE H    H  N N 188 
ILE H2   H  N N 189 
ILE HA   H  N N 190 
ILE HB   H  N N 191 
ILE HG12 H  N N 192 
ILE HG13 H  N N 193 
ILE HG21 H  N N 194 
ILE HG22 H  N N 195 
ILE HG23 H  N N 196 
ILE HD11 H  N N 197 
ILE HD12 H  N N 198 
ILE HD13 H  N N 199 
ILE HXT  H  N N 200 
LEU N    N  N N 201 
LEU CA   C  N S 202 
LEU C    C  N N 203 
LEU O    O  N N 204 
LEU CB   C  N N 205 
LEU CG   C  N N 206 
LEU CD1  C  N N 207 
LEU CD2  C  N N 208 
LEU OXT  O  N N 209 
LEU H    H  N N 210 
LEU H2   H  N N 211 
LEU HA   H  N N 212 
LEU HB2  H  N N 213 
LEU HB3  H  N N 214 
LEU HG   H  N N 215 
LEU HD11 H  N N 216 
LEU HD12 H  N N 217 
LEU HD13 H  N N 218 
LEU HD21 H  N N 219 
LEU HD22 H  N N 220 
LEU HD23 H  N N 221 
LEU HXT  H  N N 222 
LYS N    N  N N 223 
LYS CA   C  N S 224 
LYS C    C  N N 225 
LYS O    O  N N 226 
LYS CB   C  N N 227 
LYS CG   C  N N 228 
LYS CD   C  N N 229 
LYS CE   C  N N 230 
LYS NZ   N  N N 231 
LYS OXT  O  N N 232 
LYS H    H  N N 233 
LYS H2   H  N N 234 
LYS HA   H  N N 235 
LYS HB2  H  N N 236 
LYS HB3  H  N N 237 
LYS HG2  H  N N 238 
LYS HG3  H  N N 239 
LYS HD2  H  N N 240 
LYS HD3  H  N N 241 
LYS HE2  H  N N 242 
LYS HE3  H  N N 243 
LYS HZ1  H  N N 244 
LYS HZ2  H  N N 245 
LYS HZ3  H  N N 246 
LYS HXT  H  N N 247 
MET N    N  N N 248 
MET CA   C  N S 249 
MET C    C  N N 250 
MET O    O  N N 251 
MET CB   C  N N 252 
MET CG   C  N N 253 
MET SD   S  N N 254 
MET CE   C  N N 255 
MET OXT  O  N N 256 
MET H    H  N N 257 
MET H2   H  N N 258 
MET HA   H  N N 259 
MET HB2  H  N N 260 
MET HB3  H  N N 261 
MET HG2  H  N N 262 
MET HG3  H  N N 263 
MET HE1  H  N N 264 
MET HE2  H  N N 265 
MET HE3  H  N N 266 
MET HXT  H  N N 267 
MN  MN   MN N N 268 
PHE N    N  N N 269 
PHE CA   C  N S 270 
PHE C    C  N N 271 
PHE O    O  N N 272 
PHE CB   C  N N 273 
PHE CG   C  Y N 274 
PHE CD1  C  Y N 275 
PHE CD2  C  Y N 276 
PHE CE1  C  Y N 277 
PHE CE2  C  Y N 278 
PHE CZ   C  Y N 279 
PHE OXT  O  N N 280 
PHE H    H  N N 281 
PHE H2   H  N N 282 
PHE HA   H  N N 283 
PHE HB2  H  N N 284 
PHE HB3  H  N N 285 
PHE HD1  H  N N 286 
PHE HD2  H  N N 287 
PHE HE1  H  N N 288 
PHE HE2  H  N N 289 
PHE HZ   H  N N 290 
PHE HXT  H  N N 291 
PRO N    N  N N 292 
PRO CA   C  N S 293 
PRO C    C  N N 294 
PRO O    O  N N 295 
PRO CB   C  N N 296 
PRO CG   C  N N 297 
PRO CD   C  N N 298 
PRO OXT  O  N N 299 
PRO H    H  N N 300 
PRO HA   H  N N 301 
PRO HB2  H  N N 302 
PRO HB3  H  N N 303 
PRO HG2  H  N N 304 
PRO HG3  H  N N 305 
PRO HD2  H  N N 306 
PRO HD3  H  N N 307 
PRO HXT  H  N N 308 
SER N    N  N N 309 
SER CA   C  N S 310 
SER C    C  N N 311 
SER O    O  N N 312 
SER CB   C  N N 313 
SER OG   O  N N 314 
SER OXT  O  N N 315 
SER H    H  N N 316 
SER H2   H  N N 317 
SER HA   H  N N 318 
SER HB2  H  N N 319 
SER HB3  H  N N 320 
SER HG   H  N N 321 
SER HXT  H  N N 322 
THR N    N  N N 323 
THR CA   C  N S 324 
THR C    C  N N 325 
THR O    O  N N 326 
THR CB   C  N R 327 
THR OG1  O  N N 328 
THR CG2  C  N N 329 
THR OXT  O  N N 330 
THR H    H  N N 331 
THR H2   H  N N 332 
THR HA   H  N N 333 
THR HB   H  N N 334 
THR HG1  H  N N 335 
THR HG21 H  N N 336 
THR HG22 H  N N 337 
THR HG23 H  N N 338 
THR HXT  H  N N 339 
TRP N    N  N N 340 
TRP CA   C  N S 341 
TRP C    C  N N 342 
TRP O    O  N N 343 
TRP CB   C  N N 344 
TRP CG   C  Y N 345 
TRP CD1  C  Y N 346 
TRP CD2  C  Y N 347 
TRP NE1  N  Y N 348 
TRP CE2  C  Y N 349 
TRP CE3  C  Y N 350 
TRP CZ2  C  Y N 351 
TRP CZ3  C  Y N 352 
TRP CH2  C  Y N 353 
TRP OXT  O  N N 354 
TRP H    H  N N 355 
TRP H2   H  N N 356 
TRP HA   H  N N 357 
TRP HB2  H  N N 358 
TRP HB3  H  N N 359 
TRP HD1  H  N N 360 
TRP HE1  H  N N 361 
TRP HE3  H  N N 362 
TRP HZ2  H  N N 363 
TRP HZ3  H  N N 364 
TRP HH2  H  N N 365 
TRP HXT  H  N N 366 
TYR N    N  N N 367 
TYR CA   C  N S 368 
TYR C    C  N N 369 
TYR O    O  N N 370 
TYR CB   C  N N 371 
TYR CG   C  Y N 372 
TYR CD1  C  Y N 373 
TYR CD2  C  Y N 374 
TYR CE1  C  Y N 375 
TYR CE2  C  Y N 376 
TYR CZ   C  Y N 377 
TYR OH   O  N N 378 
TYR OXT  O  N N 379 
TYR H    H  N N 380 
TYR H2   H  N N 381 
TYR HA   H  N N 382 
TYR HB2  H  N N 383 
TYR HB3  H  N N 384 
TYR HD1  H  N N 385 
TYR HD2  H  N N 386 
TYR HE1  H  N N 387 
TYR HE2  H  N N 388 
TYR HH   H  N N 389 
TYR HXT  H  N N 390 
VAL N    N  N N 391 
VAL CA   C  N S 392 
VAL C    C  N N 393 
VAL O    O  N N 394 
VAL CB   C  N N 395 
VAL CG1  C  N N 396 
VAL CG2  C  N N 397 
VAL OXT  O  N N 398 
VAL H    H  N N 399 
VAL H2   H  N N 400 
VAL HA   H  N N 401 
VAL HB   H  N N 402 
VAL HG11 H  N N 403 
VAL HG12 H  N N 404 
VAL HG13 H  N N 405 
VAL HG21 H  N N 406 
VAL HG22 H  N N 407 
VAL HG23 H  N N 408 
VAL HXT  H  N N 409 
# 
loop_
_chem_comp_bond.comp_id 
_chem_comp_bond.atom_id_1 
_chem_comp_bond.atom_id_2 
_chem_comp_bond.value_order 
_chem_comp_bond.pdbx_aromatic_flag 
_chem_comp_bond.pdbx_stereo_config 
_chem_comp_bond.pdbx_ordinal 
ALA N   CA   sing N N 1   
ALA N   H    sing N N 2   
ALA N   H2   sing N N 3   
ALA CA  C    sing N N 4   
ALA CA  CB   sing N N 5   
ALA CA  HA   sing N N 6   
ALA C   O    doub N N 7   
ALA C   OXT  sing N N 8   
ALA CB  HB1  sing N N 9   
ALA CB  HB2  sing N N 10  
ALA CB  HB3  sing N N 11  
ALA OXT HXT  sing N N 12  
ARG N   CA   sing N N 13  
ARG N   H    sing N N 14  
ARG N   H2   sing N N 15  
ARG CA  C    sing N N 16  
ARG CA  CB   sing N N 17  
ARG CA  HA   sing N N 18  
ARG C   O    doub N N 19  
ARG C   OXT  sing N N 20  
ARG CB  CG   sing N N 21  
ARG CB  HB2  sing N N 22  
ARG CB  HB3  sing N N 23  
ARG CG  CD   sing N N 24  
ARG CG  HG2  sing N N 25  
ARG CG  HG3  sing N N 26  
ARG CD  NE   sing N N 27  
ARG CD  HD2  sing N N 28  
ARG CD  HD3  sing N N 29  
ARG NE  CZ   sing N N 30  
ARG NE  HE   sing N N 31  
ARG CZ  NH1  sing N N 32  
ARG CZ  NH2  doub N N 33  
ARG NH1 HH11 sing N N 34  
ARG NH1 HH12 sing N N 35  
ARG NH2 HH21 sing N N 36  
ARG NH2 HH22 sing N N 37  
ARG OXT HXT  sing N N 38  
ASN N   CA   sing N N 39  
ASN N   H    sing N N 40  
ASN N   H2   sing N N 41  
ASN CA  C    sing N N 42  
ASN CA  CB   sing N N 43  
ASN CA  HA   sing N N 44  
ASN C   O    doub N N 45  
ASN C   OXT  sing N N 46  
ASN CB  CG   sing N N 47  
ASN CB  HB2  sing N N 48  
ASN CB  HB3  sing N N 49  
ASN CG  OD1  doub N N 50  
ASN CG  ND2  sing N N 51  
ASN ND2 HD21 sing N N 52  
ASN ND2 HD22 sing N N 53  
ASN OXT HXT  sing N N 54  
ASP N   CA   sing N N 55  
ASP N   H    sing N N 56  
ASP N   H2   sing N N 57  
ASP CA  C    sing N N 58  
ASP CA  CB   sing N N 59  
ASP CA  HA   sing N N 60  
ASP C   O    doub N N 61  
ASP C   OXT  sing N N 62  
ASP CB  CG   sing N N 63  
ASP CB  HB2  sing N N 64  
ASP CB  HB3  sing N N 65  
ASP CG  OD1  doub N N 66  
ASP CG  OD2  sing N N 67  
ASP OD2 HD2  sing N N 68  
ASP OXT HXT  sing N N 69  
CYS N   CA   sing N N 70  
CYS N   H    sing N N 71  
CYS N   H2   sing N N 72  
CYS CA  C    sing N N 73  
CYS CA  CB   sing N N 74  
CYS CA  HA   sing N N 75  
CYS C   O    doub N N 76  
CYS C   OXT  sing N N 77  
CYS CB  SG   sing N N 78  
CYS CB  HB2  sing N N 79  
CYS CB  HB3  sing N N 80  
CYS SG  HG   sing N N 81  
CYS OXT HXT  sing N N 82  
G5V OAD CAC  sing N N 83  
G5V OAH CAG  doub N N 84  
G5V CAC CAG  sing N N 85  
G5V CAC CAB  doub N N 86  
G5V CAG CAF  sing N N 87  
G5V CAB OAA  sing N N 88  
G5V CAF CAJ  sing N N 89  
G5V CAF CAE  doub N N 90  
G5V OAK CAJ  doub N N 91  
G5V CAJ OAL  sing N N 92  
G5V OAA CAE  sing N N 93  
G5V CAE CAI  sing N N 94  
G5V OAL H1   sing N N 95  
G5V OAD H2   sing N N 96  
G5V CAB H3   sing N N 97  
G5V CAI H4   sing N N 98  
G5V CAI H5   sing N N 99  
G5V CAI H6   sing N N 100 
GLN N   CA   sing N N 101 
GLN N   H    sing N N 102 
GLN N   H2   sing N N 103 
GLN CA  C    sing N N 104 
GLN CA  CB   sing N N 105 
GLN CA  HA   sing N N 106 
GLN C   O    doub N N 107 
GLN C   OXT  sing N N 108 
GLN CB  CG   sing N N 109 
GLN CB  HB2  sing N N 110 
GLN CB  HB3  sing N N 111 
GLN CG  CD   sing N N 112 
GLN CG  HG2  sing N N 113 
GLN CG  HG3  sing N N 114 
GLN CD  OE1  doub N N 115 
GLN CD  NE2  sing N N 116 
GLN NE2 HE21 sing N N 117 
GLN NE2 HE22 sing N N 118 
GLN OXT HXT  sing N N 119 
GLU N   CA   sing N N 120 
GLU N   H    sing N N 121 
GLU N   H2   sing N N 122 
GLU CA  C    sing N N 123 
GLU CA  CB   sing N N 124 
GLU CA  HA   sing N N 125 
GLU C   O    doub N N 126 
GLU C   OXT  sing N N 127 
GLU CB  CG   sing N N 128 
GLU CB  HB2  sing N N 129 
GLU CB  HB3  sing N N 130 
GLU CG  CD   sing N N 131 
GLU CG  HG2  sing N N 132 
GLU CG  HG3  sing N N 133 
GLU CD  OE1  doub N N 134 
GLU CD  OE2  sing N N 135 
GLU OE2 HE2  sing N N 136 
GLU OXT HXT  sing N N 137 
GLY N   CA   sing N N 138 
GLY N   H    sing N N 139 
GLY N   H2   sing N N 140 
GLY CA  C    sing N N 141 
GLY CA  HA2  sing N N 142 
GLY CA  HA3  sing N N 143 
GLY C   O    doub N N 144 
GLY C   OXT  sing N N 145 
GLY OXT HXT  sing N N 146 
HIS N   CA   sing N N 147 
HIS N   H    sing N N 148 
HIS N   H2   sing N N 149 
HIS CA  C    sing N N 150 
HIS CA  CB   sing N N 151 
HIS CA  HA   sing N N 152 
HIS C   O    doub N N 153 
HIS C   OXT  sing N N 154 
HIS CB  CG   sing N N 155 
HIS CB  HB2  sing N N 156 
HIS CB  HB3  sing N N 157 
HIS CG  ND1  sing Y N 158 
HIS CG  CD2  doub Y N 159 
HIS ND1 CE1  doub Y N 160 
HIS ND1 HD1  sing N N 161 
HIS CD2 NE2  sing Y N 162 
HIS CD2 HD2  sing N N 163 
HIS CE1 NE2  sing Y N 164 
HIS CE1 HE1  sing N N 165 
HIS NE2 HE2  sing N N 166 
HIS OXT HXT  sing N N 167 
HOH O   H1   sing N N 168 
HOH O   H2   sing N N 169 
ILE N   CA   sing N N 170 
ILE N   H    sing N N 171 
ILE N   H2   sing N N 172 
ILE CA  C    sing N N 173 
ILE CA  CB   sing N N 174 
ILE CA  HA   sing N N 175 
ILE C   O    doub N N 176 
ILE C   OXT  sing N N 177 
ILE CB  CG1  sing N N 178 
ILE CB  CG2  sing N N 179 
ILE CB  HB   sing N N 180 
ILE CG1 CD1  sing N N 181 
ILE CG1 HG12 sing N N 182 
ILE CG1 HG13 sing N N 183 
ILE CG2 HG21 sing N N 184 
ILE CG2 HG22 sing N N 185 
ILE CG2 HG23 sing N N 186 
ILE CD1 HD11 sing N N 187 
ILE CD1 HD12 sing N N 188 
ILE CD1 HD13 sing N N 189 
ILE OXT HXT  sing N N 190 
LEU N   CA   sing N N 191 
LEU N   H    sing N N 192 
LEU N   H2   sing N N 193 
LEU CA  C    sing N N 194 
LEU CA  CB   sing N N 195 
LEU CA  HA   sing N N 196 
LEU C   O    doub N N 197 
LEU C   OXT  sing N N 198 
LEU CB  CG   sing N N 199 
LEU CB  HB2  sing N N 200 
LEU CB  HB3  sing N N 201 
LEU CG  CD1  sing N N 202 
LEU CG  CD2  sing N N 203 
LEU CG  HG   sing N N 204 
LEU CD1 HD11 sing N N 205 
LEU CD1 HD12 sing N N 206 
LEU CD1 HD13 sing N N 207 
LEU CD2 HD21 sing N N 208 
LEU CD2 HD22 sing N N 209 
LEU CD2 HD23 sing N N 210 
LEU OXT HXT  sing N N 211 
LYS N   CA   sing N N 212 
LYS N   H    sing N N 213 
LYS N   H2   sing N N 214 
LYS CA  C    sing N N 215 
LYS CA  CB   sing N N 216 
LYS CA  HA   sing N N 217 
LYS C   O    doub N N 218 
LYS C   OXT  sing N N 219 
LYS CB  CG   sing N N 220 
LYS CB  HB2  sing N N 221 
LYS CB  HB3  sing N N 222 
LYS CG  CD   sing N N 223 
LYS CG  HG2  sing N N 224 
LYS CG  HG3  sing N N 225 
LYS CD  CE   sing N N 226 
LYS CD  HD2  sing N N 227 
LYS CD  HD3  sing N N 228 
LYS CE  NZ   sing N N 229 
LYS CE  HE2  sing N N 230 
LYS CE  HE3  sing N N 231 
LYS NZ  HZ1  sing N N 232 
LYS NZ  HZ2  sing N N 233 
LYS NZ  HZ3  sing N N 234 
LYS OXT HXT  sing N N 235 
MET N   CA   sing N N 236 
MET N   H    sing N N 237 
MET N   H2   sing N N 238 
MET CA  C    sing N N 239 
MET CA  CB   sing N N 240 
MET CA  HA   sing N N 241 
MET C   O    doub N N 242 
MET C   OXT  sing N N 243 
MET CB  CG   sing N N 244 
MET CB  HB2  sing N N 245 
MET CB  HB3  sing N N 246 
MET CG  SD   sing N N 247 
MET CG  HG2  sing N N 248 
MET CG  HG3  sing N N 249 
MET SD  CE   sing N N 250 
MET CE  HE1  sing N N 251 
MET CE  HE2  sing N N 252 
MET CE  HE3  sing N N 253 
MET OXT HXT  sing N N 254 
PHE N   CA   sing N N 255 
PHE N   H    sing N N 256 
PHE N   H2   sing N N 257 
PHE CA  C    sing N N 258 
PHE CA  CB   sing N N 259 
PHE CA  HA   sing N N 260 
PHE C   O    doub N N 261 
PHE C   OXT  sing N N 262 
PHE CB  CG   sing N N 263 
PHE CB  HB2  sing N N 264 
PHE CB  HB3  sing N N 265 
PHE CG  CD1  doub Y N 266 
PHE CG  CD2  sing Y N 267 
PHE CD1 CE1  sing Y N 268 
PHE CD1 HD1  sing N N 269 
PHE CD2 CE2  doub Y N 270 
PHE CD2 HD2  sing N N 271 
PHE CE1 CZ   doub Y N 272 
PHE CE1 HE1  sing N N 273 
PHE CE2 CZ   sing Y N 274 
PHE CE2 HE2  sing N N 275 
PHE CZ  HZ   sing N N 276 
PHE OXT HXT  sing N N 277 
PRO N   CA   sing N N 278 
PRO N   CD   sing N N 279 
PRO N   H    sing N N 280 
PRO CA  C    sing N N 281 
PRO CA  CB   sing N N 282 
PRO CA  HA   sing N N 283 
PRO C   O    doub N N 284 
PRO C   OXT  sing N N 285 
PRO CB  CG   sing N N 286 
PRO CB  HB2  sing N N 287 
PRO CB  HB3  sing N N 288 
PRO CG  CD   sing N N 289 
PRO CG  HG2  sing N N 290 
PRO CG  HG3  sing N N 291 
PRO CD  HD2  sing N N 292 
PRO CD  HD3  sing N N 293 
PRO OXT HXT  sing N N 294 
SER N   CA   sing N N 295 
SER N   H    sing N N 296 
SER N   H2   sing N N 297 
SER CA  C    sing N N 298 
SER CA  CB   sing N N 299 
SER CA  HA   sing N N 300 
SER C   O    doub N N 301 
SER C   OXT  sing N N 302 
SER CB  OG   sing N N 303 
SER CB  HB2  sing N N 304 
SER CB  HB3  sing N N 305 
SER OG  HG   sing N N 306 
SER OXT HXT  sing N N 307 
THR N   CA   sing N N 308 
THR N   H    sing N N 309 
THR N   H2   sing N N 310 
THR CA  C    sing N N 311 
THR CA  CB   sing N N 312 
THR CA  HA   sing N N 313 
THR C   O    doub N N 314 
THR C   OXT  sing N N 315 
THR CB  OG1  sing N N 316 
THR CB  CG2  sing N N 317 
THR CB  HB   sing N N 318 
THR OG1 HG1  sing N N 319 
THR CG2 HG21 sing N N 320 
THR CG2 HG22 sing N N 321 
THR CG2 HG23 sing N N 322 
THR OXT HXT  sing N N 323 
TRP N   CA   sing N N 324 
TRP N   H    sing N N 325 
TRP N   H2   sing N N 326 
TRP CA  C    sing N N 327 
TRP CA  CB   sing N N 328 
TRP CA  HA   sing N N 329 
TRP C   O    doub N N 330 
TRP C   OXT  sing N N 331 
TRP CB  CG   sing N N 332 
TRP CB  HB2  sing N N 333 
TRP CB  HB3  sing N N 334 
TRP CG  CD1  doub Y N 335 
TRP CG  CD2  sing Y N 336 
TRP CD1 NE1  sing Y N 337 
TRP CD1 HD1  sing N N 338 
TRP CD2 CE2  doub Y N 339 
TRP CD2 CE3  sing Y N 340 
TRP NE1 CE2  sing Y N 341 
TRP NE1 HE1  sing N N 342 
TRP CE2 CZ2  sing Y N 343 
TRP CE3 CZ3  doub Y N 344 
TRP CE3 HE3  sing N N 345 
TRP CZ2 CH2  doub Y N 346 
TRP CZ2 HZ2  sing N N 347 
TRP CZ3 CH2  sing Y N 348 
TRP CZ3 HZ3  sing N N 349 
TRP CH2 HH2  sing N N 350 
TRP OXT HXT  sing N N 351 
TYR N   CA   sing N N 352 
TYR N   H    sing N N 353 
TYR N   H2   sing N N 354 
TYR CA  C    sing N N 355 
TYR CA  CB   sing N N 356 
TYR CA  HA   sing N N 357 
TYR C   O    doub N N 358 
TYR C   OXT  sing N N 359 
TYR CB  CG   sing N N 360 
TYR CB  HB2  sing N N 361 
TYR CB  HB3  sing N N 362 
TYR CG  CD1  doub Y N 363 
TYR CG  CD2  sing Y N 364 
TYR CD1 CE1  sing Y N 365 
TYR CD1 HD1  sing N N 366 
TYR CD2 CE2  doub Y N 367 
TYR CD2 HD2  sing N N 368 
TYR CE1 CZ   doub Y N 369 
TYR CE1 HE1  sing N N 370 
TYR CE2 CZ   sing Y N 371 
TYR CE2 HE2  sing N N 372 
TYR CZ  OH   sing N N 373 
TYR OH  HH   sing N N 374 
TYR OXT HXT  sing N N 375 
VAL N   CA   sing N N 376 
VAL N   H    sing N N 377 
VAL N   H2   sing N N 378 
VAL CA  C    sing N N 379 
VAL CA  CB   sing N N 380 
VAL CA  HA   sing N N 381 
VAL C   O    doub N N 382 
VAL C   OXT  sing N N 383 
VAL CB  CG1  sing N N 384 
VAL CB  CG2  sing N N 385 
VAL CB  HB   sing N N 386 
VAL CG1 HG11 sing N N 387 
VAL CG1 HG12 sing N N 388 
VAL CG1 HG13 sing N N 389 
VAL CG2 HG21 sing N N 390 
VAL CG2 HG22 sing N N 391 
VAL CG2 HG23 sing N N 392 
VAL OXT HXT  sing N N 393 
# 
_pdbx_audit_support.funding_organization   
'National Institutes of Health/National Institute of General Medical Sciences (NIH/NIGMS)' 
_pdbx_audit_support.country                'United States' 
_pdbx_audit_support.grant_number           R01GM098435 
_pdbx_audit_support.ordinal                1 
# 
_pdbx_entity_instance_feature.ordinal        1 
_pdbx_entity_instance_feature.comp_id        G5V 
_pdbx_entity_instance_feature.asym_id        ? 
_pdbx_entity_instance_feature.seq_num        ? 
_pdbx_entity_instance_feature.auth_comp_id   G5V 
_pdbx_entity_instance_feature.auth_asym_id   ? 
_pdbx_entity_instance_feature.auth_seq_num   ? 
_pdbx_entity_instance_feature.feature_type   'SUBJECT OF INVESTIGATION' 
_pdbx_entity_instance_feature.details        ? 
# 
loop_
_pdbx_entity_nonpoly.entity_id 
_pdbx_entity_nonpoly.name 
_pdbx_entity_nonpoly.comp_id 
2 'MANGANESE (II) ION'                                  MN  
3 '5-hydroxy-2-methyl-4-oxo-4H-pyran-3-carboxylic acid' G5V 
4 water                                                 HOH 
# 
_pdbx_initial_refinement_model.id               1 
_pdbx_initial_refinement_model.entity_id_list   ? 
_pdbx_initial_refinement_model.type             'experimental model' 
_pdbx_initial_refinement_model.source_name      PDB 
_pdbx_initial_refinement_model.accession_code   4AWM 
_pdbx_initial_refinement_model.details          'PDB entry 4AWM' 
# 
_pdbx_struct_assembly_auth_evidence.id                     1 
_pdbx_struct_assembly_auth_evidence.assembly_id            1 
_pdbx_struct_assembly_auth_evidence.experimental_support   none 
_pdbx_struct_assembly_auth_evidence.details                ? 
# 
